data_7HM5
# 
_entry.id   7HM5 
# 
_audit_conform.dict_name       mmcif_pdbx.dic 
_audit_conform.dict_version    5.399 
_audit_conform.dict_location   http://mmcif.pdb.org/dictionaries/ascii/mmcif_pdbx.dic 
# 
loop_
_database_2.database_id 
_database_2.database_code 
_database_2.pdbx_database_accession 
_database_2.pdbx_DOI 
PDB   7HM5         pdb_00007hm5 10.2210/pdb7hm5/pdb 
WWPDB D_1001407647 ?            ?                   
# 
_pdbx_audit_revision_history.ordinal             1 
_pdbx_audit_revision_history.data_content_type   'Structure model' 
_pdbx_audit_revision_history.major_revision      1 
_pdbx_audit_revision_history.minor_revision      0 
_pdbx_audit_revision_history.revision_date       2024-11-27 
# 
_pdbx_audit_revision_details.ordinal             1 
_pdbx_audit_revision_details.revision_ordinal    1 
_pdbx_audit_revision_details.data_content_type   'Structure model' 
_pdbx_audit_revision_details.provider            repository 
_pdbx_audit_revision_details.type                'Initial release' 
_pdbx_audit_revision_details.description         ? 
_pdbx_audit_revision_details.details             ? 
# 
_pdbx_database_status.entry_id                        7HM5 
_pdbx_database_status.status_code                     REL 
_pdbx_database_status.status_code_sf                  REL 
_pdbx_database_status.status_code_mr                  ? 
_pdbx_database_status.status_code_cs                  ? 
_pdbx_database_status.recvd_initial_deposition_date   2024-11-04 
_pdbx_database_status.status_code_nmr_data            ? 
_pdbx_database_status.deposit_site                    RCSB 
_pdbx_database_status.process_site                    RCSB 
_pdbx_database_status.SG_entry                        ? 
_pdbx_database_status.pdb_format_compatible           Y 
_pdbx_database_status.methods_development_category    ? 
# 
_pdbx_contact_author.id                 1 
_pdbx_contact_author.email              knapp@pharmchem.uni-frankfurt.de 
_pdbx_contact_author.name_first         Stefan 
_pdbx_contact_author.name_last          Knapp 
_pdbx_contact_author.role               'principal investigator/group leader' 
_pdbx_contact_author.identifier_ORCID   0000-0001-5995-6494 
_pdbx_contact_author.name_mi            ? 
# 
loop_
_audit_author.name 
_audit_author.pdbx_ordinal 
'Kim, Y.'                              1 
'Marples, P.'                          2 
'Fearon, D.'                           3 
'von Delft, F.'                        4 
'Knapp, S.'                            5 
'Kraemer, A.'                          6 
'Structural Genomics Consortium (SGC)' 7 
# 
_citation.id                        primary 
_citation.title                     'PanDDA analysis group deposition' 
_citation.journal_abbrev            'To Be Published' 
_citation.journal_volume            ? 
_citation.page_first                ? 
_citation.page_last                 ? 
_citation.year                      ? 
_citation.journal_id_ASTM           ? 
_citation.country                   ? 
_citation.journal_id_ISSN           ? 
_citation.journal_id_CSD            0353 
_citation.book_publisher            ? 
_citation.pdbx_database_id_PubMed   ? 
_citation.pdbx_database_id_DOI      ? 
# 
loop_
_citation_author.citation_id 
_citation_author.name 
_citation_author.identifier_ORCID 
_citation_author.ordinal 
primary 'Kim, Y.'                              ? 1 
primary 'Marples, P.'                          ? 2 
primary 'Fearon, D.'                           ? 3 
primary 'von Delft, F.'                        ? 4 
primary 'Knapp, S.'                            ? 5 
primary 'Kraemer, A.'                          ? 6 
primary 'Structural Genomics Consortium (SGC)' ? 7 
# 
loop_
_entity.id 
_entity.type 
_entity.src_method 
_entity.pdbx_description 
_entity.formula_weight 
_entity.pdbx_number_of_molecules 
_entity.pdbx_ec 
_entity.pdbx_mutation 
_entity.pdbx_fragment 
_entity.details 
1 polymer     man 'E3 ubiquitin-protein ligase TRIM21'                21596.361 1  2.3.2.27 ? ? ? 
2 non-polymer syn 1,2-ETHANEDIOL                                      62.068    2  ?        ? ? ? 
3 non-polymer syn 'methyl 4-(4-fluorophenyl)piperazine-1-carboxylate' 238.258   1  ?        ? ? ? 
4 non-polymer syn 'SULFATE ION'                                       96.063    1  ?        ? ? ? 
5 water       nat water                                               18.015    32 ?        ? ? ? 
# 
_entity_name_com.entity_id   1 
_entity_name_com.name        
;52 kDa Ro protein,52 kDa ribonucleoprotein autoantigen Ro/SS-A,Ro(SS-A),Sjoegren syndrome type A antigen,SS-A,Tripartite motif-containing protein 21
;
# 
_entity_poly.entity_id                      1 
_entity_poly.type                           'polypeptide(L)' 
_entity_poly.nstd_linkage                   no 
_entity_poly.nstd_monomer                   no 
_entity_poly.pdbx_seq_one_letter_code       
;MHHHHHHMVHITLDRNTANSWLIISKDRRQVRMGDTHQNVSDNKERFSNYPMVLGAQRFSSGKMYWEVDVTQKEAWDLGV
CRDSVQRKGQFSLSPENGFWTIWLWQDSYEAGTSPQTTLHIQVPPCQIGIFVDYEAGVVSFYNITDHGSLIYTFSECVFA
GPLRPFFNVGFNYSGGNAAPLKLCPLKM
;
_entity_poly.pdbx_seq_one_letter_code_can   
;MHHHHHHMVHITLDRNTANSWLIISKDRRQVRMGDTHQNVSDNKERFSNYPMVLGAQRFSSGKMYWEVDVTQKEAWDLGV
CRDSVQRKGQFSLSPENGFWTIWLWQDSYEAGTSPQTTLHIQVPPCQIGIFVDYEAGVVSFYNITDHGSLIYTFSECVFA
GPLRPFFNVGFNYSGGNAAPLKLCPLKM
;
_entity_poly.pdbx_strand_id                 B 
_entity_poly.pdbx_target_identifier         ? 
# 
loop_
_pdbx_entity_nonpoly.entity_id 
_pdbx_entity_nonpoly.name 
_pdbx_entity_nonpoly.comp_id 
2 1,2-ETHANEDIOL                                      EDO 
3 'methyl 4-(4-fluorophenyl)piperazine-1-carboxylate' Q4L 
4 'SULFATE ION'                                       SO4 
5 water                                               HOH 
# 
loop_
_entity_poly_seq.entity_id 
_entity_poly_seq.num 
_entity_poly_seq.mon_id 
_entity_poly_seq.hetero 
1 1   MET n 
1 2   HIS n 
1 3   HIS n 
1 4   HIS n 
1 5   HIS n 
1 6   HIS n 
1 7   HIS n 
1 8   MET n 
1 9   VAL n 
1 10  HIS n 
1 11  ILE n 
1 12  THR n 
1 13  LEU n 
1 14  ASP n 
1 15  ARG n 
1 16  ASN n 
1 17  THR n 
1 18  ALA n 
1 19  ASN n 
1 20  SER n 
1 21  TRP n 
1 22  LEU n 
1 23  ILE n 
1 24  ILE n 
1 25  SER n 
1 26  LYS n 
1 27  ASP n 
1 28  ARG n 
1 29  ARG n 
1 30  GLN n 
1 31  VAL n 
1 32  ARG n 
1 33  MET n 
1 34  GLY n 
1 35  ASP n 
1 36  THR n 
1 37  HIS n 
1 38  GLN n 
1 39  ASN n 
1 40  VAL n 
1 41  SER n 
1 42  ASP n 
1 43  ASN n 
1 44  LYS n 
1 45  GLU n 
1 46  ARG n 
1 47  PHE n 
1 48  SER n 
1 49  ASN n 
1 50  TYR n 
1 51  PRO n 
1 52  MET n 
1 53  VAL n 
1 54  LEU n 
1 55  GLY n 
1 56  ALA n 
1 57  GLN n 
1 58  ARG n 
1 59  PHE n 
1 60  SER n 
1 61  SER n 
1 62  GLY n 
1 63  LYS n 
1 64  MET n 
1 65  TYR n 
1 66  TRP n 
1 67  GLU n 
1 68  VAL n 
1 69  ASP n 
1 70  VAL n 
1 71  THR n 
1 72  GLN n 
1 73  LYS n 
1 74  GLU n 
1 75  ALA n 
1 76  TRP n 
1 77  ASP n 
1 78  LEU n 
1 79  GLY n 
1 80  VAL n 
1 81  CYS n 
1 82  ARG n 
1 83  ASP n 
1 84  SER n 
1 85  VAL n 
1 86  GLN n 
1 87  ARG n 
1 88  LYS n 
1 89  GLY n 
1 90  GLN n 
1 91  PHE n 
1 92  SER n 
1 93  LEU n 
1 94  SER n 
1 95  PRO n 
1 96  GLU n 
1 97  ASN n 
1 98  GLY n 
1 99  PHE n 
1 100 TRP n 
1 101 THR n 
1 102 ILE n 
1 103 TRP n 
1 104 LEU n 
1 105 TRP n 
1 106 GLN n 
1 107 ASP n 
1 108 SER n 
1 109 TYR n 
1 110 GLU n 
1 111 ALA n 
1 112 GLY n 
1 113 THR n 
1 114 SER n 
1 115 PRO n 
1 116 GLN n 
1 117 THR n 
1 118 THR n 
1 119 LEU n 
1 120 HIS n 
1 121 ILE n 
1 122 GLN n 
1 123 VAL n 
1 124 PRO n 
1 125 PRO n 
1 126 CYS n 
1 127 GLN n 
1 128 ILE n 
1 129 GLY n 
1 130 ILE n 
1 131 PHE n 
1 132 VAL n 
1 133 ASP n 
1 134 TYR n 
1 135 GLU n 
1 136 ALA n 
1 137 GLY n 
1 138 VAL n 
1 139 VAL n 
1 140 SER n 
1 141 PHE n 
1 142 TYR n 
1 143 ASN n 
1 144 ILE n 
1 145 THR n 
1 146 ASP n 
1 147 HIS n 
1 148 GLY n 
1 149 SER n 
1 150 LEU n 
1 151 ILE n 
1 152 TYR n 
1 153 THR n 
1 154 PHE n 
1 155 SER n 
1 156 GLU n 
1 157 CYS n 
1 158 VAL n 
1 159 PHE n 
1 160 ALA n 
1 161 GLY n 
1 162 PRO n 
1 163 LEU n 
1 164 ARG n 
1 165 PRO n 
1 166 PHE n 
1 167 PHE n 
1 168 ASN n 
1 169 VAL n 
1 170 GLY n 
1 171 PHE n 
1 172 ASN n 
1 173 TYR n 
1 174 SER n 
1 175 GLY n 
1 176 GLY n 
1 177 ASN n 
1 178 ALA n 
1 179 ALA n 
1 180 PRO n 
1 181 LEU n 
1 182 LYS n 
1 183 LEU n 
1 184 CYS n 
1 185 PRO n 
1 186 LEU n 
1 187 LYS n 
1 188 MET n 
# 
_entity_src_gen.entity_id                          1 
_entity_src_gen.pdbx_src_id                        1 
_entity_src_gen.pdbx_alt_source_flag               sample 
_entity_src_gen.pdbx_seq_type                      'Biological sequence' 
_entity_src_gen.pdbx_beg_seq_num                   1 
_entity_src_gen.pdbx_end_seq_num                   188 
_entity_src_gen.gene_src_common_name               'house mouse' 
_entity_src_gen.gene_src_genus                     ? 
_entity_src_gen.pdbx_gene_src_gene                 'Trim21, Ro52, Ssa1' 
_entity_src_gen.gene_src_species                   ? 
_entity_src_gen.gene_src_strain                    ? 
_entity_src_gen.gene_src_tissue                    ? 
_entity_src_gen.gene_src_tissue_fraction           ? 
_entity_src_gen.gene_src_details                   ? 
_entity_src_gen.pdbx_gene_src_fragment             ? 
_entity_src_gen.pdbx_gene_src_scientific_name      'Mus musculus' 
_entity_src_gen.pdbx_gene_src_ncbi_taxonomy_id     10090 
_entity_src_gen.pdbx_gene_src_variant              ? 
_entity_src_gen.pdbx_gene_src_cell_line            ? 
_entity_src_gen.pdbx_gene_src_atcc                 ? 
_entity_src_gen.pdbx_gene_src_organ                ? 
_entity_src_gen.pdbx_gene_src_organelle            ? 
_entity_src_gen.pdbx_gene_src_cell                 ? 
_entity_src_gen.pdbx_gene_src_cellular_location    ? 
_entity_src_gen.host_org_common_name               ? 
_entity_src_gen.pdbx_host_org_scientific_name      'Escherichia coli' 
_entity_src_gen.pdbx_host_org_ncbi_taxonomy_id     562 
_entity_src_gen.host_org_genus                     ? 
_entity_src_gen.pdbx_host_org_gene                 ? 
_entity_src_gen.pdbx_host_org_organ                ? 
_entity_src_gen.host_org_species                   ? 
_entity_src_gen.pdbx_host_org_tissue               ? 
_entity_src_gen.pdbx_host_org_tissue_fraction      ? 
_entity_src_gen.pdbx_host_org_strain               ? 
_entity_src_gen.pdbx_host_org_variant              ? 
_entity_src_gen.pdbx_host_org_cell_line            ? 
_entity_src_gen.pdbx_host_org_atcc                 ? 
_entity_src_gen.pdbx_host_org_culture_collection   ? 
_entity_src_gen.pdbx_host_org_cell                 ? 
_entity_src_gen.pdbx_host_org_organelle            ? 
_entity_src_gen.pdbx_host_org_cellular_location    ? 
_entity_src_gen.pdbx_host_org_vector_type          ? 
_entity_src_gen.pdbx_host_org_vector               ? 
_entity_src_gen.host_org_details                   ? 
_entity_src_gen.expression_system_id               ? 
_entity_src_gen.plasmid_name                       ? 
_entity_src_gen.plasmid_details                    ? 
_entity_src_gen.pdbx_description                   ? 
# 
loop_
_chem_comp.id 
_chem_comp.type 
_chem_comp.mon_nstd_flag 
_chem_comp.name 
_chem_comp.pdbx_synonyms 
_chem_comp.formula 
_chem_comp.formula_weight 
ALA 'L-peptide linking' y ALANINE                                             ?                 'C3 H7 N O2'      89.093  
ARG 'L-peptide linking' y ARGININE                                            ?                 'C6 H15 N4 O2 1'  175.209 
ASN 'L-peptide linking' y ASPARAGINE                                          ?                 'C4 H8 N2 O3'     132.118 
ASP 'L-peptide linking' y 'ASPARTIC ACID'                                     ?                 'C4 H7 N O4'      133.103 
CYS 'L-peptide linking' y CYSTEINE                                            ?                 'C3 H7 N O2 S'    121.158 
EDO non-polymer         . 1,2-ETHANEDIOL                                      'ETHYLENE GLYCOL' 'C2 H6 O2'        62.068  
GLN 'L-peptide linking' y GLUTAMINE                                           ?                 'C5 H10 N2 O3'    146.144 
GLU 'L-peptide linking' y 'GLUTAMIC ACID'                                     ?                 'C5 H9 N O4'      147.129 
GLY 'peptide linking'   y GLYCINE                                             ?                 'C2 H5 N O2'      75.067  
HIS 'L-peptide linking' y HISTIDINE                                           ?                 'C6 H10 N3 O2 1'  156.162 
HOH non-polymer         . WATER                                               ?                 'H2 O'            18.015  
ILE 'L-peptide linking' y ISOLEUCINE                                          ?                 'C6 H13 N O2'     131.173 
LEU 'L-peptide linking' y LEUCINE                                             ?                 'C6 H13 N O2'     131.173 
LYS 'L-peptide linking' y LYSINE                                              ?                 'C6 H15 N2 O2 1'  147.195 
MET 'L-peptide linking' y METHIONINE                                          ?                 'C5 H11 N O2 S'   149.211 
PHE 'L-peptide linking' y PHENYLALANINE                                       ?                 'C9 H11 N O2'     165.189 
PRO 'L-peptide linking' y PROLINE                                             ?                 'C5 H9 N O2'      115.130 
Q4L non-polymer         . 'methyl 4-(4-fluorophenyl)piperazine-1-carboxylate' ?                 'C12 H15 F N2 O2' 238.258 
SER 'L-peptide linking' y SERINE                                              ?                 'C3 H7 N O3'      105.093 
SO4 non-polymer         . 'SULFATE ION'                                       ?                 'O4 S -2'         96.063  
THR 'L-peptide linking' y THREONINE                                           ?                 'C4 H9 N O3'      119.119 
TRP 'L-peptide linking' y TRYPTOPHAN                                          ?                 'C11 H12 N2 O2'   204.225 
TYR 'L-peptide linking' y TYROSINE                                            ?                 'C9 H11 N O3'     181.189 
VAL 'L-peptide linking' y VALINE                                              ?                 'C5 H11 N O2'     117.146 
# 
loop_
_pdbx_poly_seq_scheme.asym_id 
_pdbx_poly_seq_scheme.entity_id 
_pdbx_poly_seq_scheme.seq_id 
_pdbx_poly_seq_scheme.mon_id 
_pdbx_poly_seq_scheme.ndb_seq_num 
_pdbx_poly_seq_scheme.pdb_seq_num 
_pdbx_poly_seq_scheme.auth_seq_num 
_pdbx_poly_seq_scheme.pdb_mon_id 
_pdbx_poly_seq_scheme.auth_mon_id 
_pdbx_poly_seq_scheme.pdb_strand_id 
_pdbx_poly_seq_scheme.pdb_ins_code 
_pdbx_poly_seq_scheme.hetero 
A 1 1   MET 1   7   ?   ?   ?   B . n 
A 1 2   HIS 2   8   8   HIS HIS B . n 
A 1 3   HIS 3   9   9   HIS HIS B . n 
A 1 4   HIS 4   10  10  HIS HIS B . n 
A 1 5   HIS 5   11  11  HIS HIS B . n 
A 1 6   HIS 6   12  12  HIS HIS B . n 
A 1 7   HIS 7   13  13  HIS HIS B . n 
A 1 8   MET 8   14  14  MET MET B . n 
A 1 9   VAL 9   15  15  VAL VAL B . n 
A 1 10  HIS 10  16  16  HIS HIS B . n 
A 1 11  ILE 11  17  17  ILE ILE B . n 
A 1 12  THR 12  18  18  THR THR B . n 
A 1 13  LEU 13  19  19  LEU LEU B . n 
A 1 14  ASP 14  20  20  ASP ASP B . n 
A 1 15  ARG 15  21  21  ARG ARG B . n 
A 1 16  ASN 16  22  22  ASN ASN B . n 
A 1 17  THR 17  23  23  THR THR B . n 
A 1 18  ALA 18  24  24  ALA ALA B . n 
A 1 19  ASN 19  25  25  ASN ASN B . n 
A 1 20  SER 20  26  26  SER SER B . n 
A 1 21  TRP 21  27  27  TRP TRP B . n 
A 1 22  LEU 22  28  28  LEU LEU B . n 
A 1 23  ILE 23  29  29  ILE ILE B . n 
A 1 24  ILE 24  30  30  ILE ILE B . n 
A 1 25  SER 25  31  31  SER SER B . n 
A 1 26  LYS 26  32  32  LYS LYS B . n 
A 1 27  ASP 27  33  33  ASP ASP B . n 
A 1 28  ARG 28  34  34  ARG ARG B . n 
A 1 29  ARG 29  35  35  ARG ARG B . n 
A 1 30  GLN 30  36  36  GLN GLN B . n 
A 1 31  VAL 31  37  37  VAL VAL B . n 
A 1 32  ARG 32  38  38  ARG ARG B . n 
A 1 33  MET 33  39  39  MET MET B . n 
A 1 34  GLY 34  40  40  GLY GLY B . n 
A 1 35  ASP 35  41  41  ASP ASP B . n 
A 1 36  THR 36  42  42  THR THR B . n 
A 1 37  HIS 37  43  43  HIS HIS B . n 
A 1 38  GLN 38  44  44  GLN GLN B . n 
A 1 39  ASN 39  45  45  ASN ASN B . n 
A 1 40  VAL 40  46  46  VAL VAL B . n 
A 1 41  SER 41  47  47  SER SER B . n 
A 1 42  ASP 42  48  48  ASP ASP B . n 
A 1 43  ASN 43  49  49  ASN ASN B . n 
A 1 44  LYS 44  50  50  LYS LYS B . n 
A 1 45  GLU 45  51  51  GLU GLU B . n 
A 1 46  ARG 46  52  52  ARG ARG B . n 
A 1 47  PHE 47  53  53  PHE PHE B . n 
A 1 48  SER 48  54  54  SER SER B . n 
A 1 49  ASN 49  55  55  ASN ASN B . n 
A 1 50  TYR 50  56  56  TYR TYR B . n 
A 1 51  PRO 51  57  57  PRO PRO B . n 
A 1 52  MET 52  58  58  MET MET B . n 
A 1 53  VAL 53  59  59  VAL VAL B . n 
A 1 54  LEU 54  60  60  LEU LEU B . n 
A 1 55  GLY 55  61  61  GLY GLY B . n 
A 1 56  ALA 56  62  62  ALA ALA B . n 
A 1 57  GLN 57  63  63  GLN GLN B . n 
A 1 58  ARG 58  64  64  ARG ARG B . n 
A 1 59  PHE 59  65  65  PHE PHE B . n 
A 1 60  SER 60  66  66  SER SER B . n 
A 1 61  SER 61  67  67  SER SER B . n 
A 1 62  GLY 62  68  68  GLY GLY B . n 
A 1 63  LYS 63  69  69  LYS LYS B . n 
A 1 64  MET 64  70  70  MET MET B . n 
A 1 65  TYR 65  71  71  TYR TYR B . n 
A 1 66  TRP 66  72  72  TRP TRP B . n 
A 1 67  GLU 67  73  73  GLU GLU B . n 
A 1 68  VAL 68  74  74  VAL VAL B . n 
A 1 69  ASP 69  75  75  ASP ASP B . n 
A 1 70  VAL 70  76  76  VAL VAL B . n 
A 1 71  THR 71  77  77  THR THR B . n 
A 1 72  GLN 72  78  78  GLN GLN B . n 
A 1 73  LYS 73  79  79  LYS LYS B . n 
A 1 74  GLU 74  80  80  GLU GLU B . n 
A 1 75  ALA 75  81  81  ALA ALA B . n 
A 1 76  TRP 76  82  82  TRP TRP B . n 
A 1 77  ASP 77  83  83  ASP ASP B . n 
A 1 78  LEU 78  84  84  LEU LEU B . n 
A 1 79  GLY 79  85  85  GLY GLY B . n 
A 1 80  VAL 80  86  86  VAL VAL B . n 
A 1 81  CYS 81  87  87  CYS CYS B . n 
A 1 82  ARG 82  88  88  ARG ARG B . n 
A 1 83  ASP 83  89  89  ASP ASP B . n 
A 1 84  SER 84  90  90  SER SER B . n 
A 1 85  VAL 85  91  91  VAL VAL B . n 
A 1 86  GLN 86  92  92  GLN GLN B . n 
A 1 87  ARG 87  93  93  ARG ARG B . n 
A 1 88  LYS 88  94  94  LYS LYS B . n 
A 1 89  GLY 89  95  95  GLY GLY B . n 
A 1 90  GLN 90  96  96  GLN GLN B . n 
A 1 91  PHE 91  97  97  PHE PHE B . n 
A 1 92  SER 92  98  98  SER SER B . n 
A 1 93  LEU 93  99  99  LEU LEU B . n 
A 1 94  SER 94  100 100 SER SER B . n 
A 1 95  PRO 95  101 101 PRO PRO B . n 
A 1 96  GLU 96  102 102 GLU GLU B . n 
A 1 97  ASN 97  103 103 ASN ASN B . n 
A 1 98  GLY 98  104 104 GLY GLY B . n 
A 1 99  PHE 99  105 105 PHE PHE B . n 
A 1 100 TRP 100 106 106 TRP TRP B . n 
A 1 101 THR 101 107 107 THR THR B . n 
A 1 102 ILE 102 108 108 ILE ILE B . n 
A 1 103 TRP 103 109 109 TRP TRP B . n 
A 1 104 LEU 104 110 110 LEU LEU B . n 
A 1 105 TRP 105 111 111 TRP TRP B . n 
A 1 106 GLN 106 112 112 GLN GLN B . n 
A 1 107 ASP 107 113 113 ASP ASP B . n 
A 1 108 SER 108 114 114 SER SER B . n 
A 1 109 TYR 109 115 115 TYR TYR B . n 
A 1 110 GLU 110 116 116 GLU GLU B . n 
A 1 111 ALA 111 117 117 ALA ALA B . n 
A 1 112 GLY 112 118 118 GLY GLY B . n 
A 1 113 THR 113 119 119 THR THR B . n 
A 1 114 SER 114 120 120 SER SER B . n 
A 1 115 PRO 115 121 121 PRO PRO B . n 
A 1 116 GLN 116 122 122 GLN GLN B . n 
A 1 117 THR 117 123 123 THR THR B . n 
A 1 118 THR 118 124 124 THR THR B . n 
A 1 119 LEU 119 125 125 LEU LEU B . n 
A 1 120 HIS 120 126 126 HIS HIS B . n 
A 1 121 ILE 121 127 127 ILE ILE B . n 
A 1 122 GLN 122 128 128 GLN GLN B . n 
A 1 123 VAL 123 129 129 VAL VAL B . n 
A 1 124 PRO 124 130 130 PRO PRO B . n 
A 1 125 PRO 125 131 131 PRO PRO B . n 
A 1 126 CYS 126 132 132 CYS CYS B . n 
A 1 127 GLN 127 133 133 GLN GLN B . n 
A 1 128 ILE 128 134 134 ILE ILE B . n 
A 1 129 GLY 129 135 135 GLY GLY B . n 
A 1 130 ILE 130 136 136 ILE ILE B . n 
A 1 131 PHE 131 137 137 PHE PHE B . n 
A 1 132 VAL 132 138 138 VAL VAL B . n 
A 1 133 ASP 133 139 139 ASP ASP B . n 
A 1 134 TYR 134 140 140 TYR TYR B . n 
A 1 135 GLU 135 141 141 GLU GLU B . n 
A 1 136 ALA 136 142 142 ALA ALA B . n 
A 1 137 GLY 137 143 143 GLY GLY B . n 
A 1 138 VAL 138 144 144 VAL VAL B . n 
A 1 139 VAL 139 145 145 VAL VAL B . n 
A 1 140 SER 140 146 146 SER SER B . n 
A 1 141 PHE 141 147 147 PHE PHE B . n 
A 1 142 TYR 142 148 148 TYR TYR B . n 
A 1 143 ASN 143 149 149 ASN ASN B . n 
A 1 144 ILE 144 150 150 ILE ILE B . n 
A 1 145 THR 145 151 151 THR THR B . n 
A 1 146 ASP 146 152 152 ASP ASP B . n 
A 1 147 HIS 147 153 153 HIS HIS B . n 
A 1 148 GLY 148 154 154 GLY GLY B . n 
A 1 149 SER 149 155 155 SER SER B . n 
A 1 150 LEU 150 156 156 LEU LEU B . n 
A 1 151 ILE 151 157 157 ILE ILE B . n 
A 1 152 TYR 152 158 158 TYR TYR B . n 
A 1 153 THR 153 159 159 THR THR B . n 
A 1 154 PHE 154 160 160 PHE PHE B . n 
A 1 155 SER 155 161 161 SER SER B . n 
A 1 156 GLU 156 162 162 GLU GLU B . n 
A 1 157 CYS 157 163 163 CYS CYS B . n 
A 1 158 VAL 158 164 164 VAL VAL B . n 
A 1 159 PHE 159 165 165 PHE PHE B . n 
A 1 160 ALA 160 166 166 ALA ALA B . n 
A 1 161 GLY 161 167 167 GLY GLY B . n 
A 1 162 PRO 162 168 168 PRO PRO B . n 
A 1 163 LEU 163 169 169 LEU LEU B . n 
A 1 164 ARG 164 170 170 ARG ARG B . n 
A 1 165 PRO 165 171 171 PRO PRO B . n 
A 1 166 PHE 166 172 172 PHE PHE B . n 
A 1 167 PHE 167 173 173 PHE PHE B . n 
A 1 168 ASN 168 174 174 ASN ASN B . n 
A 1 169 VAL 169 175 175 VAL VAL B . n 
A 1 170 GLY 170 176 176 GLY GLY B . n 
A 1 171 PHE 171 177 177 PHE PHE B . n 
A 1 172 ASN 172 178 178 ASN ASN B . n 
A 1 173 TYR 173 179 179 TYR TYR B . n 
A 1 174 SER 174 180 180 SER SER B . n 
A 1 175 GLY 175 181 181 GLY GLY B . n 
A 1 176 GLY 176 182 182 GLY GLY B . n 
A 1 177 ASN 177 183 183 ASN ASN B . n 
A 1 178 ALA 178 184 184 ALA ALA B . n 
A 1 179 ALA 179 185 185 ALA ALA B . n 
A 1 180 PRO 180 186 186 PRO PRO B . n 
A 1 181 LEU 181 187 187 LEU LEU B . n 
A 1 182 LYS 182 188 188 LYS LYS B . n 
A 1 183 LEU 183 189 189 LEU LEU B . n 
A 1 184 CYS 184 190 190 CYS CYS B . n 
A 1 185 PRO 185 191 191 PRO PRO B . n 
A 1 186 LEU 186 192 192 LEU LEU B . n 
A 1 187 LYS 187 193 ?   ?   ?   B . n 
A 1 188 MET 188 194 ?   ?   ?   B . n 
# 
_pdbx_entity_instance_feature.ordinal        1 
_pdbx_entity_instance_feature.comp_id        Q4L 
_pdbx_entity_instance_feature.asym_id        ? 
_pdbx_entity_instance_feature.seq_num        ? 
_pdbx_entity_instance_feature.auth_comp_id   Q4L 
_pdbx_entity_instance_feature.auth_asym_id   ? 
_pdbx_entity_instance_feature.auth_seq_num   ? 
_pdbx_entity_instance_feature.feature_type   'SUBJECT OF INVESTIGATION' 
_pdbx_entity_instance_feature.details        ? 
# 
loop_
_pdbx_nonpoly_scheme.asym_id 
_pdbx_nonpoly_scheme.entity_id 
_pdbx_nonpoly_scheme.mon_id 
_pdbx_nonpoly_scheme.ndb_seq_num 
_pdbx_nonpoly_scheme.pdb_seq_num 
_pdbx_nonpoly_scheme.auth_seq_num 
_pdbx_nonpoly_scheme.pdb_mon_id 
_pdbx_nonpoly_scheme.auth_mon_id 
_pdbx_nonpoly_scheme.pdb_strand_id 
_pdbx_nonpoly_scheme.pdb_ins_code 
B 2 EDO 1  201 202 EDO EDO B . 
C 3 Q4L 1  202 301 Q4L LIG B . 
D 2 EDO 1  203 305 EDO EDO B . 
E 4 SO4 1  204 1   SO4 SO4 B . 
F 5 HOH 1  301 26  HOH HOH B . 
F 5 HOH 2  302 63  HOH HOH B . 
F 5 HOH 3  303 85  HOH HOH B . 
F 5 HOH 4  304 129 HOH HOH B . 
F 5 HOH 5  305 27  HOH HOH B . 
F 5 HOH 6  306 40  HOH HOH B . 
F 5 HOH 7  307 100 HOH HOH B . 
F 5 HOH 8  308 22  HOH HOH B . 
F 5 HOH 9  309 11  HOH HOH B . 
F 5 HOH 10 310 267 HOH HOH B . 
F 5 HOH 11 311 19  HOH HOH B . 
F 5 HOH 12 312 20  HOH HOH B . 
F 5 HOH 13 313 30  HOH HOH B . 
F 5 HOH 14 314 59  HOH HOH B . 
F 5 HOH 15 315 3   HOH HOH B . 
F 5 HOH 16 316 6   HOH HOH B . 
F 5 HOH 17 317 62  HOH HOH B . 
F 5 HOH 18 318 304 HOH HOH B . 
F 5 HOH 19 319 156 HOH HOH B . 
F 5 HOH 20 320 8   HOH HOH B . 
F 5 HOH 21 321 264 HOH HOH B . 
F 5 HOH 22 322 8   HOH HOH B . 
F 5 HOH 23 323 25  HOH HOH B . 
F 5 HOH 24 324 44  HOH HOH B . 
F 5 HOH 25 325 41  HOH HOH B . 
F 5 HOH 26 326 53  HOH HOH B . 
F 5 HOH 27 327 257 HOH HOH B . 
F 5 HOH 28 328 22  HOH HOH B . 
F 5 HOH 29 329 5   HOH HOH B . 
F 5 HOH 30 330 20  HOH HOH B . 
F 5 HOH 31 331 112 HOH HOH B . 
F 5 HOH 32 332 18  HOH HOH B . 
# 
loop_
_pdbx_unobs_or_zero_occ_atoms.id 
_pdbx_unobs_or_zero_occ_atoms.PDB_model_num 
_pdbx_unobs_or_zero_occ_atoms.polymer_flag 
_pdbx_unobs_or_zero_occ_atoms.occupancy_flag 
_pdbx_unobs_or_zero_occ_atoms.auth_asym_id 
_pdbx_unobs_or_zero_occ_atoms.auth_comp_id 
_pdbx_unobs_or_zero_occ_atoms.auth_seq_id 
_pdbx_unobs_or_zero_occ_atoms.PDB_ins_code 
_pdbx_unobs_or_zero_occ_atoms.auth_atom_id 
_pdbx_unobs_or_zero_occ_atoms.label_alt_id 
_pdbx_unobs_or_zero_occ_atoms.label_asym_id 
_pdbx_unobs_or_zero_occ_atoms.label_comp_id 
_pdbx_unobs_or_zero_occ_atoms.label_seq_id 
_pdbx_unobs_or_zero_occ_atoms.label_atom_id 
1 1 Y 1 B LEU 192 ? CG  ? A LEU 186 CG  
2 1 Y 1 B LEU 192 ? CD1 ? A LEU 186 CD1 
3 1 Y 1 B LEU 192 ? CD2 ? A LEU 186 CD2 
# 
loop_
_software.pdbx_ordinal 
_software.name 
_software.version 
_software.date 
_software.type 
_software.contact_author 
_software.contact_author_email 
_software.classification 
_software.location 
_software.language 
_software.citation_id 
1 REFMAC      5.8.0267 ?               program 'Garib N. Murshudov' garib@ysbl.york.ac.uk    refinement        
http://www.ccp4.ac.uk/dist/html/refmac5.html        Fortran_77 ? 
2 Aimless     0.7.7    23/04/21        program 'Phil Evans'         ?                        'data scaling'    
http://www.mrc-lmb.cam.ac.uk/harry/pre/aimless.html ?          ? 
3 PDB_EXTRACT 3.23     'SEP. 23, 2016' package PDB                  deposit@deposit.rcsb.org 'data extraction' 
http://sw-tools.pdb.org/apps/PDB_EXTRACT/           C++        ? 
4 XDS         .        ?               program ?                    ?                        'data reduction'  ? ?          ? 
5 REFMAC      .        ?               program ?                    ?                        phasing           ? ?          ? 
# 
_cell.entry_id           7HM5 
_cell.length_a           95.749 
_cell.length_b           95.749 
_cell.length_c           45.883 
_cell.angle_alpha        90.000 
_cell.angle_beta         90.000 
_cell.angle_gamma        90.000 
_cell.Z_PDB              8 
_cell.pdbx_unique_axis   ? 
# 
_symmetry.entry_id                         7HM5 
_symmetry.space_group_name_H-M             'I 4' 
_symmetry.pdbx_full_space_group_name_H-M   ? 
_symmetry.cell_setting                     ? 
_symmetry.Int_Tables_number                79 
# 
_exptl.crystals_number   1 
_exptl.entry_id          7HM5 
_exptl.method            'X-RAY DIFFRACTION' 
# 
_exptl_crystal.id                    1 
_exptl_crystal.pdbx_mosaicity        0.000 
_exptl_crystal.pdbx_mosaicity_esd    ? 
_exptl_crystal.density_Matthews      2.43 
_exptl_crystal.density_diffrn        ? 
_exptl_crystal.density_meas          ? 
_exptl_crystal.density_meas_temp     ? 
_exptl_crystal.density_percent_sol   49.48 
_exptl_crystal.size_max              ? 
_exptl_crystal.size_mid              ? 
_exptl_crystal.size_min              ? 
_exptl_crystal.size_rad              ? 
_exptl_crystal.description           ? 
# 
_exptl_crystal_grow.crystal_id      1 
_exptl_crystal_grow.method          'VAPOR DIFFUSION, SITTING DROP' 
_exptl_crystal_grow.pH              8 
_exptl_crystal_grow.temp            293 
_exptl_crystal_grow.pdbx_details    '4 % PEG 400, 2 M AmmSO4, 0.1 M HEPES pH 8' 
_exptl_crystal_grow.temp_details    ? 
_exptl_crystal_grow.pdbx_pH_range   ? 
# 
_diffrn.id                     1 
_diffrn.ambient_temp           100 
_diffrn.crystal_id             1 
_diffrn.ambient_temp_details   ? 
# 
_diffrn_detector.detector               PIXEL 
_diffrn_detector.type                   'DECTRIS EIGER2 XE 9M' 
_diffrn_detector.pdbx_collection_date   2024-05-23 
_diffrn_detector.diffrn_id              1 
_diffrn_detector.details                ? 
# 
_diffrn_radiation.diffrn_id                        1 
_diffrn_radiation.wavelength_id                    1 
_diffrn_radiation.pdbx_diffrn_protocol             'SINGLE WAVELENGTH' 
_diffrn_radiation.pdbx_monochromatic_or_laue_m_l   ? 
_diffrn_radiation.monochromator                    ? 
_diffrn_radiation.pdbx_scattering_type             x-ray 
# 
_diffrn_radiation_wavelength.id           1 
_diffrn_radiation_wavelength.wavelength   0.92124 
_diffrn_radiation_wavelength.wt           1.0 
# 
_diffrn_source.diffrn_id                   1 
_diffrn_source.source                      SYNCHROTRON 
_diffrn_source.type                        'DIAMOND BEAMLINE I04-1' 
_diffrn_source.pdbx_wavelength_list        0.92124 
_diffrn_source.pdbx_synchrotron_site       Diamond 
_diffrn_source.pdbx_synchrotron_beamline   I04-1 
_diffrn_source.pdbx_wavelength             ? 
# 
_reflns.entry_id                     7HM5 
_reflns.pdbx_diffrn_id               1 
_reflns.pdbx_ordinal                 1 
_reflns.observed_criterion_sigma_I   ? 
_reflns.observed_criterion_sigma_F   ? 
_reflns.d_resolution_low             33.840 
_reflns.d_resolution_high            1.380 
_reflns.number_obs                   42800 
_reflns.number_all                   ? 
_reflns.percent_possible_obs         100.000 
_reflns.pdbx_Rmerge_I_obs            0.107 
_reflns.pdbx_Rsym_value              ? 
_reflns.pdbx_netI_over_sigmaI        12.200 
_reflns.B_iso_Wilson_estimate        ? 
_reflns.pdbx_redundancy              12.300 
_reflns.pdbx_Rrim_I_all              0.111 
_reflns.pdbx_Rpim_I_all              0.031 
_reflns.pdbx_CC_half                 0.999 
_reflns.pdbx_netI_over_av_sigmaI     ? 
_reflns.pdbx_number_measured_all     527980 
_reflns.pdbx_scaling_rejects         0 
_reflns.pdbx_chi_squared             ? 
_reflns.Rmerge_F_all                 ? 
_reflns.Rmerge_F_obs                 ? 
_reflns.observed_criterion_F_max     ? 
_reflns.observed_criterion_F_min     ? 
_reflns.observed_criterion_I_max     ? 
_reflns.observed_criterion_I_min     ? 
_reflns.pdbx_d_res_high_opt          ? 
_reflns.pdbx_d_res_low_opt           ? 
_reflns.details                      ? 
# 
loop_
_reflns_shell.pdbx_diffrn_id 
_reflns_shell.pdbx_ordinal 
_reflns_shell.d_res_high 
_reflns_shell.d_res_low 
_reflns_shell.number_measured_obs 
_reflns_shell.number_measured_all 
_reflns_shell.number_unique_obs 
_reflns_shell.pdbx_rejects 
_reflns_shell.Rmerge_I_obs 
_reflns_shell.meanI_over_sigI_obs 
_reflns_shell.pdbx_Rsym_value 
_reflns_shell.pdbx_chi_squared 
_reflns_shell.pdbx_redundancy 
_reflns_shell.percent_possible_obs 
_reflns_shell.pdbx_netI_over_sigmaI_obs 
_reflns_shell.number_possible 
_reflns_shell.number_unique_all 
_reflns_shell.Rmerge_F_all 
_reflns_shell.Rmerge_F_obs 
_reflns_shell.Rmerge_I_all 
_reflns_shell.meanI_over_sigI_all 
_reflns_shell.percent_possible_all 
_reflns_shell.pdbx_Rrim_I_all 
_reflns_shell.pdbx_Rpim_I_all 
_reflns_shell.pdbx_CC_half 
1 1 1.380 1.400  ? 16675 2106 ? 2.204 ? ? ? 7.900  ? 0.400  ? ? ? ? ? ? 100.000 2.359 0.832 0.392 
1 2 7.560 33.840 ? 3420  284  ? 0.054 ? ? ? 12.000 ? 73.100 ? ? ? ? ? ? 99.100  0.057 0.018 0.989 
# 
_refine.entry_id                                 7HM5 
_refine.pdbx_refine_id                           'X-RAY DIFFRACTION' 
_refine.ls_d_res_high                            1.3800 
_refine.ls_d_res_low                             33.8800 
_refine.pdbx_ls_sigma_F                          0.000 
_refine.pdbx_data_cutoff_high_absF               ? 
_refine.pdbx_data_cutoff_low_absF                ? 
_refine.ls_percent_reflns_obs                    99.9300 
_refine.ls_number_reflns_obs                     40704 
_refine.ls_number_reflns_all                     ? 
_refine.pdbx_ls_cross_valid_method               THROUGHOUT 
_refine.ls_matrix_type                           ? 
_refine.pdbx_R_Free_selection_details            RANDOM 
_refine.details                                  
'HYDROGENS HAVE BEEN ADDED IN THE RIDING POSITIONS U VALUES      : REFINED INDIVIDUALLY' 
_refine.ls_R_factor_all                          ? 
_refine.ls_R_factor_obs                          0.1812 
_refine.ls_R_factor_R_work                       0.1801 
_refine.ls_wR_factor_R_work                      ? 
_refine.ls_R_factor_R_free                       0.2018 
_refine.ls_wR_factor_R_free                      ? 
_refine.ls_percent_reflns_R_free                 4.9000 
_refine.ls_number_reflns_R_free                  2083 
_refine.ls_number_reflns_R_work                  ? 
_refine.ls_R_factor_R_free_error                 ? 
_refine.B_iso_mean                               20.0680 
_refine.solvent_model_param_bsol                 ? 
_refine.solvent_model_param_ksol                 ? 
_refine.pdbx_isotropic_thermal_model             ? 
_refine.aniso_B[1][1]                            0.3100 
_refine.aniso_B[2][2]                            0.3100 
_refine.aniso_B[3][3]                            -0.6200 
_refine.aniso_B[1][2]                            -0.0000 
_refine.aniso_B[1][3]                            -0.0000 
_refine.aniso_B[2][3]                            -0.0000 
_refine.correlation_coeff_Fo_to_Fc               0.9690 
_refine.correlation_coeff_Fo_to_Fc_free          0.9640 
_refine.overall_SU_R_Cruickshank_DPI             ? 
_refine.pdbx_overall_SU_R_free_Cruickshank_DPI   ? 
_refine.pdbx_overall_SU_R_Blow_DPI               ? 
_refine.pdbx_overall_SU_R_free_Blow_DPI          ? 
_refine.overall_SU_R_free                        ? 
_refine.pdbx_overall_ESU_R                       0.0640 
_refine.pdbx_overall_ESU_R_Free                  0.0640 
_refine.overall_SU_ML                            0.0600 
_refine.overall_SU_B                             1.6770 
_refine.solvent_model_details                    MASK 
_refine.pdbx_solvent_vdw_probe_radii             1.2000 
_refine.pdbx_solvent_ion_probe_radii             0.8000 
_refine.pdbx_solvent_shrinkage_radii             0.8000 
_refine.ls_number_parameters                     ? 
_refine.ls_number_restraints                     ? 
_refine.pdbx_starting_model                      ? 
_refine.pdbx_method_to_determine_struct          'FOURIER SYNTHESIS' 
_refine.pdbx_stereochemistry_target_values       'MAXIMUM LIKELIHOOD' 
_refine.pdbx_stereochem_target_val_spec_case     ? 
_refine.overall_FOM_work_R_set                   ? 
_refine.B_iso_max                                93.670 
_refine.B_iso_min                                10.370 
_refine.pdbx_overall_phase_error                 ? 
_refine.occupancy_max                            ? 
_refine.occupancy_min                            ? 
_refine.pdbx_diffrn_id                           1 
_refine.pdbx_TLS_residual_ADP_flag               ? 
_refine.pdbx_ls_sigma_I                          ? 
_refine.pdbx_data_cutoff_high_rms_absF           ? 
_refine.ls_R_factor_R_free_error_details         ? 
# 
_refine_hist.cycle_id                         final 
_refine_hist.pdbx_refine_id                   'X-RAY DIFFRACTION' 
_refine_hist.d_res_high                       1.3800 
_refine_hist.d_res_low                        33.8800 
_refine_hist.pdbx_number_atoms_ligand         30 
_refine_hist.number_atoms_solvent             32 
_refine_hist.number_atoms_total               1555 
_refine_hist.pdbx_number_residues_total       185 
_refine_hist.pdbx_B_iso_mean_ligand           39.44 
_refine_hist.pdbx_B_iso_mean_solvent          26.88 
_refine_hist.pdbx_number_atoms_protein        1493 
_refine_hist.pdbx_number_atoms_nucleic_acid   0 
# 
loop_
_refine_ls_restr.pdbx_refine_id 
_refine_ls_restr.type 
_refine_ls_restr.number 
_refine_ls_restr.dev_ideal 
_refine_ls_restr.dev_ideal_target 
_refine_ls_restr.weight 
_refine_ls_restr.pdbx_restraint_function 
'X-RAY DIFFRACTION' r_bond_refined_d       2158 0.010  0.014  ? ? 
'X-RAY DIFFRACTION' r_bond_other_d         1634 0.001  0.015  ? ? 
'X-RAY DIFFRACTION' r_angle_refined_deg    2559 1.695  1.638  ? ? 
'X-RAY DIFFRACTION' r_angle_other_deg      3774 1.428  1.579  ? ? 
'X-RAY DIFFRACTION' r_dihedral_angle_1_deg 241  7.135  5.000  ? ? 
'X-RAY DIFFRACTION' r_dihedral_angle_2_deg 112  28.154 21.250 ? ? 
'X-RAY DIFFRACTION' r_dihedral_angle_3_deg 291  13.881 15.000 ? ? 
'X-RAY DIFFRACTION' r_dihedral_angle_4_deg 15   19.622 15.000 ? ? 
'X-RAY DIFFRACTION' r_chiral_restr         220  0.086  0.200  ? ? 
'X-RAY DIFFRACTION' r_gen_planes_refined   2300 0.010  0.020  ? ? 
'X-RAY DIFFRACTION' r_gen_planes_other     506  0.002  0.020  ? ? 
'X-RAY DIFFRACTION' r_mcbond_it            1083 1.524  1.908  ? ? 
'X-RAY DIFFRACTION' r_mcbond_other         965  1.584  1.739  ? ? 
'X-RAY DIFFRACTION' r_mcangle_it           1153 2.548  2.607  ? ? 
# 
_refine_ls_shell.d_res_high                       1.3810 
_refine_ls_shell.d_res_low                        1.4160 
_refine_ls_shell.pdbx_total_number_of_bins_used   20 
_refine_ls_shell.percent_reflns_obs               99.2400 
_refine_ls_shell.number_reflns_R_work             2974 
_refine_ls_shell.R_factor_all                     ? 
_refine_ls_shell.R_factor_R_work                  0.3630 
_refine_ls_shell.R_factor_R_free                  0.3730 
_refine_ls_shell.percent_reflns_R_free            ? 
_refine_ls_shell.number_reflns_R_free             146 
_refine_ls_shell.R_factor_R_free_error            ? 
_refine_ls_shell.number_reflns_all                3120 
_refine_ls_shell.number_reflns_obs                ? 
_refine_ls_shell.pdbx_refine_id                   'X-RAY DIFFRACTION' 
# 
_struct.entry_id                  7HM5 
_struct.title                     'PanDDA analysis group deposition -- Crystal Structure of TRIM21 in complex with Z192955056' 
_struct.pdbx_model_details        ? 
_struct.pdbx_CASP_flag            ? 
_struct.pdbx_model_type_details   ? 
# 
_struct_keywords.entry_id        7HM5 
_struct_keywords.text            'SGC - Diamond I04-1 fragment screening, PanDDA, XChemExplorer, TRIM21, LIGASE' 
_struct_keywords.pdbx_keywords   LIGASE 
# 
loop_
_struct_asym.id 
_struct_asym.pdbx_blank_PDB_chainid_flag 
_struct_asym.pdbx_modified 
_struct_asym.entity_id 
_struct_asym.details 
A N N 1 ? 
B N N 2 ? 
C N N 3 ? 
D N N 2 ? 
E N N 4 ? 
F N N 5 ? 
# 
_struct_ref.id                         1 
_struct_ref.db_name                    UNP 
_struct_ref.db_code                    RO52_MOUSE 
_struct_ref.pdbx_db_accession          Q62191 
_struct_ref.pdbx_db_isoform            ? 
_struct_ref.entity_id                  1 
_struct_ref.pdbx_seq_one_letter_code   
;VHITLDRNTANSWLIISKDRRQVRMGDTHQNVSDNKERFSNYPMVLGAQRFSSGKMYWEVDVTQKEAWDLGVCRDSVQRK
GQFSLSPENGFWTIWLWQDSYEAGTSPQTTLHIQVPPCQIGIFVDYEAGVVSFYNITDHGSLIYTFSECVFAGPLRPFFN
VGFNYSGGNAAPLKLCPLKM
;
_struct_ref.pdbx_align_begin           291 
# 
_struct_ref_seq.align_id                      1 
_struct_ref_seq.ref_id                        1 
_struct_ref_seq.pdbx_PDB_id_code              7HM5 
_struct_ref_seq.pdbx_strand_id                B 
_struct_ref_seq.seq_align_beg                 9 
_struct_ref_seq.pdbx_seq_align_beg_ins_code   ? 
_struct_ref_seq.seq_align_end                 188 
_struct_ref_seq.pdbx_seq_align_end_ins_code   ? 
_struct_ref_seq.pdbx_db_accession             Q62191 
_struct_ref_seq.db_align_beg                  291 
_struct_ref_seq.pdbx_db_align_beg_ins_code    ? 
_struct_ref_seq.db_align_end                  470 
_struct_ref_seq.pdbx_db_align_end_ins_code    ? 
_struct_ref_seq.pdbx_auth_seq_align_beg       15 
_struct_ref_seq.pdbx_auth_seq_align_end       194 
# 
loop_
_struct_ref_seq_dif.align_id 
_struct_ref_seq_dif.pdbx_pdb_id_code 
_struct_ref_seq_dif.mon_id 
_struct_ref_seq_dif.pdbx_pdb_strand_id 
_struct_ref_seq_dif.seq_num 
_struct_ref_seq_dif.pdbx_pdb_ins_code 
_struct_ref_seq_dif.pdbx_seq_db_name 
_struct_ref_seq_dif.pdbx_seq_db_accession_code 
_struct_ref_seq_dif.db_mon_id 
_struct_ref_seq_dif.pdbx_seq_db_seq_num 
_struct_ref_seq_dif.details 
_struct_ref_seq_dif.pdbx_auth_seq_num 
_struct_ref_seq_dif.pdbx_ordinal 
1 7HM5 MET B 1 ? UNP Q62191 ? ? 'initiating methionine' 7  1 
1 7HM5 HIS B 2 ? UNP Q62191 ? ? 'expression tag'        8  2 
1 7HM5 HIS B 3 ? UNP Q62191 ? ? 'expression tag'        9  3 
1 7HM5 HIS B 4 ? UNP Q62191 ? ? 'expression tag'        10 4 
1 7HM5 HIS B 5 ? UNP Q62191 ? ? 'expression tag'        11 5 
1 7HM5 HIS B 6 ? UNP Q62191 ? ? 'expression tag'        12 6 
1 7HM5 HIS B 7 ? UNP Q62191 ? ? 'expression tag'        13 7 
1 7HM5 MET B 8 ? UNP Q62191 ? ? 'expression tag'        14 8 
# 
_pdbx_struct_assembly.id                   1 
_pdbx_struct_assembly.details              author_defined_assembly 
_pdbx_struct_assembly.method_details       ? 
_pdbx_struct_assembly.oligomeric_details   monomeric 
_pdbx_struct_assembly.oligomeric_count     1 
# 
_pdbx_struct_assembly_gen.assembly_id       1 
_pdbx_struct_assembly_gen.oper_expression   1 
_pdbx_struct_assembly_gen.asym_id_list      A,B,C,D,E,F 
# 
_pdbx_struct_oper_list.id                   1 
_pdbx_struct_oper_list.type                 'identity operation' 
_pdbx_struct_oper_list.name                 1_555 
_pdbx_struct_oper_list.symmetry_operation   x,y,z 
_pdbx_struct_oper_list.matrix[1][1]         1.0000000000 
_pdbx_struct_oper_list.matrix[1][2]         0.0000000000 
_pdbx_struct_oper_list.matrix[1][3]         0.0000000000 
_pdbx_struct_oper_list.vector[1]            0.0000000000 
_pdbx_struct_oper_list.matrix[2][1]         0.0000000000 
_pdbx_struct_oper_list.matrix[2][2]         1.0000000000 
_pdbx_struct_oper_list.matrix[2][3]         0.0000000000 
_pdbx_struct_oper_list.vector[2]            0.0000000000 
_pdbx_struct_oper_list.matrix[3][1]         0.0000000000 
_pdbx_struct_oper_list.matrix[3][2]         0.0000000000 
_pdbx_struct_oper_list.matrix[3][3]         1.0000000000 
_pdbx_struct_oper_list.vector[3]            0.0000000000 
# 
loop_
_struct_conf.conf_type_id 
_struct_conf.id 
_struct_conf.pdbx_PDB_helix_id 
_struct_conf.beg_label_comp_id 
_struct_conf.beg_label_asym_id 
_struct_conf.beg_label_seq_id 
_struct_conf.pdbx_beg_PDB_ins_code 
_struct_conf.end_label_comp_id 
_struct_conf.end_label_asym_id 
_struct_conf.end_label_seq_id 
_struct_conf.pdbx_end_PDB_ins_code 
_struct_conf.beg_auth_comp_id 
_struct_conf.beg_auth_asym_id 
_struct_conf.beg_auth_seq_id 
_struct_conf.end_auth_comp_id 
_struct_conf.end_auth_asym_id 
_struct_conf.end_auth_seq_id 
_struct_conf.pdbx_PDB_helix_class 
_struct_conf.details 
_struct_conf.pdbx_PDB_helix_length 
HELX_P HELX_P1 AA1 HIS A 4  ? MET A 8  ? HIS B 10  MET B 14  5 ? 5 
HELX_P HELX_P2 AA2 ASP A 14 ? ALA A 18 ? ASP B 20  ALA B 24  5 ? 5 
HELX_P HELX_P3 AA3 SER A 94 ? ASN A 97 ? SER B 100 ASN B 103 5 ? 4 
# 
_struct_conf_type.id          HELX_P 
_struct_conf_type.criteria    ? 
_struct_conf_type.reference   ? 
# 
_struct_mon_prot_cis.pdbx_id                1 
_struct_mon_prot_cis.label_comp_id          SER 
_struct_mon_prot_cis.label_seq_id           114 
_struct_mon_prot_cis.label_asym_id          A 
_struct_mon_prot_cis.label_alt_id           . 
_struct_mon_prot_cis.pdbx_PDB_ins_code      ? 
_struct_mon_prot_cis.auth_comp_id           SER 
_struct_mon_prot_cis.auth_seq_id            120 
_struct_mon_prot_cis.auth_asym_id           B 
_struct_mon_prot_cis.pdbx_label_comp_id_2   PRO 
_struct_mon_prot_cis.pdbx_label_seq_id_2    115 
_struct_mon_prot_cis.pdbx_label_asym_id_2   A 
_struct_mon_prot_cis.pdbx_PDB_ins_code_2    ? 
_struct_mon_prot_cis.pdbx_auth_comp_id_2    PRO 
_struct_mon_prot_cis.pdbx_auth_seq_id_2     121 
_struct_mon_prot_cis.pdbx_auth_asym_id_2    B 
_struct_mon_prot_cis.pdbx_PDB_model_num     1 
_struct_mon_prot_cis.pdbx_omega_angle       0.13 
# 
loop_
_struct_sheet.id 
_struct_sheet.type 
_struct_sheet.number_strands 
_struct_sheet.details 
AA1 ? 7 ? 
AA2 ? 6 ? 
# 
loop_
_struct_sheet_order.sheet_id 
_struct_sheet_order.range_id_1 
_struct_sheet_order.range_id_2 
_struct_sheet_order.offset 
_struct_sheet_order.sense 
AA1 1 2 ? anti-parallel 
AA1 2 3 ? anti-parallel 
AA1 3 4 ? anti-parallel 
AA1 4 5 ? anti-parallel 
AA1 5 6 ? anti-parallel 
AA1 6 7 ? anti-parallel 
AA2 1 2 ? anti-parallel 
AA2 2 3 ? anti-parallel 
AA2 3 4 ? anti-parallel 
AA2 4 5 ? anti-parallel 
AA2 5 6 ? anti-parallel 
# 
loop_
_struct_sheet_range.sheet_id 
_struct_sheet_range.id 
_struct_sheet_range.beg_label_comp_id 
_struct_sheet_range.beg_label_asym_id 
_struct_sheet_range.beg_label_seq_id 
_struct_sheet_range.pdbx_beg_PDB_ins_code 
_struct_sheet_range.end_label_comp_id 
_struct_sheet_range.end_label_asym_id 
_struct_sheet_range.end_label_seq_id 
_struct_sheet_range.pdbx_end_PDB_ins_code 
_struct_sheet_range.beg_auth_comp_id 
_struct_sheet_range.beg_auth_asym_id 
_struct_sheet_range.beg_auth_seq_id 
_struct_sheet_range.end_auth_comp_id 
_struct_sheet_range.end_auth_asym_id 
_struct_sheet_range.end_auth_seq_id 
AA1 1 LEU A 22  ? ILE A 24  ? LEU B 28  ILE B 30  
AA1 2 GLN A 30  ? MET A 33  ? GLN B 36  MET B 39  
AA1 3 LEU A 181 ? LEU A 183 ? LEU B 187 LEU B 189 
AA1 4 LYS A 63  ? ASP A 69  ? LYS B 69  ASP B 75  
AA1 5 GLN A 127 ? ASP A 133 ? GLN B 133 ASP B 139 
AA1 6 VAL A 138 ? ASN A 143 ? VAL B 144 ASN B 149 
AA1 7 SER A 149 ? PHE A 154 ? SER B 155 PHE B 160 
AA2 1 MET A 52  ? LEU A 54  ? MET B 58  LEU B 60  
AA2 2 LEU A 163 ? ASN A 168 ? LEU B 169 ASN B 174 
AA2 3 TRP A 76  ? ARG A 82  ? TRP B 82  ARG B 88  
AA2 4 PHE A 99  ? TRP A 105 ? PHE B 105 TRP B 111 
AA2 5 SER A 108 ? ALA A 111 ? SER B 114 ALA B 117 
AA2 6 THR A 117 ? THR A 118 ? THR B 123 THR B 124 
# 
loop_
_pdbx_struct_sheet_hbond.sheet_id 
_pdbx_struct_sheet_hbond.range_id_1 
_pdbx_struct_sheet_hbond.range_id_2 
_pdbx_struct_sheet_hbond.range_1_label_atom_id 
_pdbx_struct_sheet_hbond.range_1_label_comp_id 
_pdbx_struct_sheet_hbond.range_1_label_asym_id 
_pdbx_struct_sheet_hbond.range_1_label_seq_id 
_pdbx_struct_sheet_hbond.range_1_PDB_ins_code 
_pdbx_struct_sheet_hbond.range_1_auth_atom_id 
_pdbx_struct_sheet_hbond.range_1_auth_comp_id 
_pdbx_struct_sheet_hbond.range_1_auth_asym_id 
_pdbx_struct_sheet_hbond.range_1_auth_seq_id 
_pdbx_struct_sheet_hbond.range_2_label_atom_id 
_pdbx_struct_sheet_hbond.range_2_label_comp_id 
_pdbx_struct_sheet_hbond.range_2_label_asym_id 
_pdbx_struct_sheet_hbond.range_2_label_seq_id 
_pdbx_struct_sheet_hbond.range_2_PDB_ins_code 
_pdbx_struct_sheet_hbond.range_2_auth_atom_id 
_pdbx_struct_sheet_hbond.range_2_auth_comp_id 
_pdbx_struct_sheet_hbond.range_2_auth_asym_id 
_pdbx_struct_sheet_hbond.range_2_auth_seq_id 
AA1 1 2 N ILE A 23  ? N ILE B 29  O ARG A 32  ? O ARG B 38  
AA1 2 3 N VAL A 31  ? N VAL B 37  O LEU A 181 ? O LEU B 187 
AA1 3 4 O LYS A 182 ? O LYS B 188 N ASP A 69  ? N ASP B 75  
AA1 4 5 N TRP A 66  ? N TRP B 72  O ILE A 130 ? O ILE B 136 
AA1 5 6 N PHE A 131 ? N PHE B 137 O SER A 140 ? O SER B 146 
AA1 6 7 N PHE A 141 ? N PHE B 147 O ILE A 151 ? O ILE B 157 
AA2 1 2 N VAL A 53  ? N VAL B 59  O PHE A 167 ? O PHE B 173 
AA2 2 3 O ARG A 164 ? O ARG B 170 N CYS A 81  ? N CYS B 87  
AA2 3 4 N VAL A 80  ? N VAL B 86  O TRP A 100 ? O TRP B 106 
AA2 4 5 N TRP A 105 ? N TRP B 111 O SER A 108 ? O SER B 114 
AA2 5 6 N ALA A 111 ? N ALA B 117 O THR A 117 ? O THR B 123 
# 
_pdbx_entry_details.entry_id                   7HM5 
_pdbx_entry_details.compound_details           ? 
_pdbx_entry_details.source_details             ? 
_pdbx_entry_details.nonpolymer_details         ? 
_pdbx_entry_details.sequence_details           ? 
_pdbx_entry_details.has_ligand_of_interest     Y 
_pdbx_entry_details.has_protein_modification   N 
# 
_pdbx_validate_torsion.id              1 
_pdbx_validate_torsion.PDB_model_num   1 
_pdbx_validate_torsion.auth_comp_id    ASP 
_pdbx_validate_torsion.auth_asym_id    B 
_pdbx_validate_torsion.auth_seq_id     152 
_pdbx_validate_torsion.PDB_ins_code    ? 
_pdbx_validate_torsion.label_alt_id    ? 
_pdbx_validate_torsion.phi             -104.06 
_pdbx_validate_torsion.psi             52.26 
# 
_phasing.method   MR 
# 
loop_
_pdbx_unobs_or_zero_occ_residues.id 
_pdbx_unobs_or_zero_occ_residues.PDB_model_num 
_pdbx_unobs_or_zero_occ_residues.polymer_flag 
_pdbx_unobs_or_zero_occ_residues.occupancy_flag 
_pdbx_unobs_or_zero_occ_residues.auth_asym_id 
_pdbx_unobs_or_zero_occ_residues.auth_comp_id 
_pdbx_unobs_or_zero_occ_residues.auth_seq_id 
_pdbx_unobs_or_zero_occ_residues.PDB_ins_code 
_pdbx_unobs_or_zero_occ_residues.label_asym_id 
_pdbx_unobs_or_zero_occ_residues.label_comp_id 
_pdbx_unobs_or_zero_occ_residues.label_seq_id 
1 1 Y 1 B MET 7   ? A MET 1   
2 1 Y 1 B LYS 193 ? A LYS 187 
3 1 Y 1 B MET 194 ? A MET 188 
# 
loop_
_chem_comp_atom.comp_id 
_chem_comp_atom.atom_id 
_chem_comp_atom.type_symbol 
_chem_comp_atom.pdbx_aromatic_flag 
_chem_comp_atom.pdbx_stereo_config 
_chem_comp_atom.pdbx_ordinal 
ALA N    N N N 1   
ALA CA   C N S 2   
ALA C    C N N 3   
ALA O    O N N 4   
ALA CB   C N N 5   
ALA OXT  O N N 6   
ALA H    H N N 7   
ALA H2   H N N 8   
ALA HA   H N N 9   
ALA HB1  H N N 10  
ALA HB2  H N N 11  
ALA HB3  H N N 12  
ALA HXT  H N N 13  
ARG N    N N N 14  
ARG CA   C N S 15  
ARG C    C N N 16  
ARG O    O N N 17  
ARG CB   C N N 18  
ARG CG   C N N 19  
ARG CD   C N N 20  
ARG NE   N N N 21  
ARG CZ   C N N 22  
ARG NH1  N N N 23  
ARG NH2  N N N 24  
ARG OXT  O N N 25  
ARG H    H N N 26  
ARG H2   H N N 27  
ARG HA   H N N 28  
ARG HB2  H N N 29  
ARG HB3  H N N 30  
ARG HG2  H N N 31  
ARG HG3  H N N 32  
ARG HD2  H N N 33  
ARG HD3  H N N 34  
ARG HE   H N N 35  
ARG HH11 H N N 36  
ARG HH12 H N N 37  
ARG HH21 H N N 38  
ARG HH22 H N N 39  
ARG HXT  H N N 40  
ASN N    N N N 41  
ASN CA   C N S 42  
ASN C    C N N 43  
ASN O    O N N 44  
ASN CB   C N N 45  
ASN CG   C N N 46  
ASN OD1  O N N 47  
ASN ND2  N N N 48  
ASN OXT  O N N 49  
ASN H    H N N 50  
ASN H2   H N N 51  
ASN HA   H N N 52  
ASN HB2  H N N 53  
ASN HB3  H N N 54  
ASN HD21 H N N 55  
ASN HD22 H N N 56  
ASN HXT  H N N 57  
ASP N    N N N 58  
ASP CA   C N S 59  
ASP C    C N N 60  
ASP O    O N N 61  
ASP CB   C N N 62  
ASP CG   C N N 63  
ASP OD1  O N N 64  
ASP OD2  O N N 65  
ASP OXT  O N N 66  
ASP H    H N N 67  
ASP H2   H N N 68  
ASP HA   H N N 69  
ASP HB2  H N N 70  
ASP HB3  H N N 71  
ASP HD2  H N N 72  
ASP HXT  H N N 73  
CYS N    N N N 74  
CYS CA   C N R 75  
CYS C    C N N 76  
CYS O    O N N 77  
CYS CB   C N N 78  
CYS SG   S N N 79  
CYS OXT  O N N 80  
CYS H    H N N 81  
CYS H2   H N N 82  
CYS HA   H N N 83  
CYS HB2  H N N 84  
CYS HB3  H N N 85  
CYS HG   H N N 86  
CYS HXT  H N N 87  
EDO C1   C N N 88  
EDO O1   O N N 89  
EDO C2   C N N 90  
EDO O2   O N N 91  
EDO H11  H N N 92  
EDO H12  H N N 93  
EDO HO1  H N N 94  
EDO H21  H N N 95  
EDO H22  H N N 96  
EDO HO2  H N N 97  
GLN N    N N N 98  
GLN CA   C N S 99  
GLN C    C N N 100 
GLN O    O N N 101 
GLN CB   C N N 102 
GLN CG   C N N 103 
GLN CD   C N N 104 
GLN OE1  O N N 105 
GLN NE2  N N N 106 
GLN OXT  O N N 107 
GLN H    H N N 108 
GLN H2   H N N 109 
GLN HA   H N N 110 
GLN HB2  H N N 111 
GLN HB3  H N N 112 
GLN HG2  H N N 113 
GLN HG3  H N N 114 
GLN HE21 H N N 115 
GLN HE22 H N N 116 
GLN HXT  H N N 117 
GLU N    N N N 118 
GLU CA   C N S 119 
GLU C    C N N 120 
GLU O    O N N 121 
GLU CB   C N N 122 
GLU CG   C N N 123 
GLU CD   C N N 124 
GLU OE1  O N N 125 
GLU OE2  O N N 126 
GLU OXT  O N N 127 
GLU H    H N N 128 
GLU H2   H N N 129 
GLU HA   H N N 130 
GLU HB2  H N N 131 
GLU HB3  H N N 132 
GLU HG2  H N N 133 
GLU HG3  H N N 134 
GLU HE2  H N N 135 
GLU HXT  H N N 136 
GLY N    N N N 137 
GLY CA   C N N 138 
GLY C    C N N 139 
GLY O    O N N 140 
GLY OXT  O N N 141 
GLY H    H N N 142 
GLY H2   H N N 143 
GLY HA2  H N N 144 
GLY HA3  H N N 145 
GLY HXT  H N N 146 
HIS N    N N N 147 
HIS CA   C N S 148 
HIS C    C N N 149 
HIS O    O N N 150 
HIS CB   C N N 151 
HIS CG   C Y N 152 
HIS ND1  N Y N 153 
HIS CD2  C Y N 154 
HIS CE1  C Y N 155 
HIS NE2  N Y N 156 
HIS OXT  O N N 157 
HIS H    H N N 158 
HIS H2   H N N 159 
HIS HA   H N N 160 
HIS HB2  H N N 161 
HIS HB3  H N N 162 
HIS HD1  H N N 163 
HIS HD2  H N N 164 
HIS HE1  H N N 165 
HIS HE2  H N N 166 
HIS HXT  H N N 167 
HOH O    O N N 168 
HOH H1   H N N 169 
HOH H2   H N N 170 
ILE N    N N N 171 
ILE CA   C N S 172 
ILE C    C N N 173 
ILE O    O N N 174 
ILE CB   C N S 175 
ILE CG1  C N N 176 
ILE CG2  C N N 177 
ILE CD1  C N N 178 
ILE OXT  O N N 179 
ILE H    H N N 180 
ILE H2   H N N 181 
ILE HA   H N N 182 
ILE HB   H N N 183 
ILE HG12 H N N 184 
ILE HG13 H N N 185 
ILE HG21 H N N 186 
ILE HG22 H N N 187 
ILE HG23 H N N 188 
ILE HD11 H N N 189 
ILE HD12 H N N 190 
ILE HD13 H N N 191 
ILE HXT  H N N 192 
LEU N    N N N 193 
LEU CA   C N S 194 
LEU C    C N N 195 
LEU O    O N N 196 
LEU CB   C N N 197 
LEU CG   C N N 198 
LEU CD1  C N N 199 
LEU CD2  C N N 200 
LEU OXT  O N N 201 
LEU H    H N N 202 
LEU H2   H N N 203 
LEU HA   H N N 204 
LEU HB2  H N N 205 
LEU HB3  H N N 206 
LEU HG   H N N 207 
LEU HD11 H N N 208 
LEU HD12 H N N 209 
LEU HD13 H N N 210 
LEU HD21 H N N 211 
LEU HD22 H N N 212 
LEU HD23 H N N 213 
LEU HXT  H N N 214 
LYS N    N N N 215 
LYS CA   C N S 216 
LYS C    C N N 217 
LYS O    O N N 218 
LYS CB   C N N 219 
LYS CG   C N N 220 
LYS CD   C N N 221 
LYS CE   C N N 222 
LYS NZ   N N N 223 
LYS OXT  O N N 224 
LYS H    H N N 225 
LYS H2   H N N 226 
LYS HA   H N N 227 
LYS HB2  H N N 228 
LYS HB3  H N N 229 
LYS HG2  H N N 230 
LYS HG3  H N N 231 
LYS HD2  H N N 232 
LYS HD3  H N N 233 
LYS HE2  H N N 234 
LYS HE3  H N N 235 
LYS HZ1  H N N 236 
LYS HZ2  H N N 237 
LYS HZ3  H N N 238 
LYS HXT  H N N 239 
MET N    N N N 240 
MET CA   C N S 241 
MET C    C N N 242 
MET O    O N N 243 
MET CB   C N N 244 
MET CG   C N N 245 
MET SD   S N N 246 
MET CE   C N N 247 
MET OXT  O N N 248 
MET H    H N N 249 
MET H2   H N N 250 
MET HA   H N N 251 
MET HB2  H N N 252 
MET HB3  H N N 253 
MET HG2  H N N 254 
MET HG3  H N N 255 
MET HE1  H N N 256 
MET HE2  H N N 257 
MET HE3  H N N 258 
MET HXT  H N N 259 
PHE N    N N N 260 
PHE CA   C N S 261 
PHE C    C N N 262 
PHE O    O N N 263 
PHE CB   C N N 264 
PHE CG   C Y N 265 
PHE CD1  C Y N 266 
PHE CD2  C Y N 267 
PHE CE1  C Y N 268 
PHE CE2  C Y N 269 
PHE CZ   C Y N 270 
PHE OXT  O N N 271 
PHE H    H N N 272 
PHE H2   H N N 273 
PHE HA   H N N 274 
PHE HB2  H N N 275 
PHE HB3  H N N 276 
PHE HD1  H N N 277 
PHE HD2  H N N 278 
PHE HE1  H N N 279 
PHE HE2  H N N 280 
PHE HZ   H N N 281 
PHE HXT  H N N 282 
PRO N    N N N 283 
PRO CA   C N S 284 
PRO C    C N N 285 
PRO O    O N N 286 
PRO CB   C N N 287 
PRO CG   C N N 288 
PRO CD   C N N 289 
PRO OXT  O N N 290 
PRO H    H N N 291 
PRO HA   H N N 292 
PRO HB2  H N N 293 
PRO HB3  H N N 294 
PRO HG2  H N N 295 
PRO HG3  H N N 296 
PRO HD2  H N N 297 
PRO HD3  H N N 298 
PRO HXT  H N N 299 
Q4L N1   N N N 300 
Q4L C4   C N N 301 
Q4L C5   C N N 302 
Q4L C6   C Y N 303 
Q4L C7   C Y N 304 
Q4L C8   C Y N 305 
Q4L C10  C Y N 306 
Q4L N    N N N 307 
Q4L C    C N N 308 
Q4L O    O N N 309 
Q4L C1   C N N 310 
Q4L C11  C Y N 311 
Q4L C2   C N N 312 
Q4L C3   C N N 313 
Q4L C9   C Y N 314 
Q4L F    F N N 315 
Q4L O1   O N N 316 
Q4L H7   H N N 317 
Q4L H8   H N N 318 
Q4L H10  H N N 319 
Q4L H9   H N N 320 
Q4L H11  H N N 321 
Q4L H12  H N N 322 
Q4L H13  H N N 323 
Q4L H2   H N N 324 
Q4L H1   H N N 325 
Q4L H    H N N 326 
Q4L H14  H N N 327 
Q4L H4   H N N 328 
Q4L H3   H N N 329 
Q4L H5   H N N 330 
Q4L H6   H N N 331 
SER N    N N N 332 
SER CA   C N S 333 
SER C    C N N 334 
SER O    O N N 335 
SER CB   C N N 336 
SER OG   O N N 337 
SER OXT  O N N 338 
SER H    H N N 339 
SER H2   H N N 340 
SER HA   H N N 341 
SER HB2  H N N 342 
SER HB3  H N N 343 
SER HG   H N N 344 
SER HXT  H N N 345 
SO4 S    S N N 346 
SO4 O1   O N N 347 
SO4 O2   O N N 348 
SO4 O3   O N N 349 
SO4 O4   O N N 350 
THR N    N N N 351 
THR CA   C N S 352 
THR C    C N N 353 
THR O    O N N 354 
THR CB   C N R 355 
THR OG1  O N N 356 
THR CG2  C N N 357 
THR OXT  O N N 358 
THR H    H N N 359 
THR H2   H N N 360 
THR HA   H N N 361 
THR HB   H N N 362 
THR HG1  H N N 363 
THR HG21 H N N 364 
THR HG22 H N N 365 
THR HG23 H N N 366 
THR HXT  H N N 367 
TRP N    N N N 368 
TRP CA   C N S 369 
TRP C    C N N 370 
TRP O    O N N 371 
TRP CB   C N N 372 
TRP CG   C Y N 373 
TRP CD1  C Y N 374 
TRP CD2  C Y N 375 
TRP NE1  N Y N 376 
TRP CE2  C Y N 377 
TRP CE3  C Y N 378 
TRP CZ2  C Y N 379 
TRP CZ3  C Y N 380 
TRP CH2  C Y N 381 
TRP OXT  O N N 382 
TRP H    H N N 383 
TRP H2   H N N 384 
TRP HA   H N N 385 
TRP HB2  H N N 386 
TRP HB3  H N N 387 
TRP HD1  H N N 388 
TRP HE1  H N N 389 
TRP HE3  H N N 390 
TRP HZ2  H N N 391 
TRP HZ3  H N N 392 
TRP HH2  H N N 393 
TRP HXT  H N N 394 
TYR N    N N N 395 
TYR CA   C N S 396 
TYR C    C N N 397 
TYR O    O N N 398 
TYR CB   C N N 399 
TYR CG   C Y N 400 
TYR CD1  C Y N 401 
TYR CD2  C Y N 402 
TYR CE1  C Y N 403 
TYR CE2  C Y N 404 
TYR CZ   C Y N 405 
TYR OH   O N N 406 
TYR OXT  O N N 407 
TYR H    H N N 408 
TYR H2   H N N 409 
TYR HA   H N N 410 
TYR HB2  H N N 411 
TYR HB3  H N N 412 
TYR HD1  H N N 413 
TYR HD2  H N N 414 
TYR HE1  H N N 415 
TYR HE2  H N N 416 
TYR HH   H N N 417 
TYR HXT  H N N 418 
VAL N    N N N 419 
VAL CA   C N S 420 
VAL C    C N N 421 
VAL O    O N N 422 
VAL CB   C N N 423 
VAL CG1  C N N 424 
VAL CG2  C N N 425 
VAL OXT  O N N 426 
VAL H    H N N 427 
VAL H2   H N N 428 
VAL HA   H N N 429 
VAL HB   H N N 430 
VAL HG11 H N N 431 
VAL HG12 H N N 432 
VAL HG13 H N N 433 
VAL HG21 H N N 434 
VAL HG22 H N N 435 
VAL HG23 H N N 436 
VAL HXT  H N N 437 
# 
loop_
_chem_comp_bond.comp_id 
_chem_comp_bond.atom_id_1 
_chem_comp_bond.atom_id_2 
_chem_comp_bond.value_order 
_chem_comp_bond.pdbx_aromatic_flag 
_chem_comp_bond.pdbx_stereo_config 
_chem_comp_bond.pdbx_ordinal 
ALA N   CA   sing N N 1   
ALA N   H    sing N N 2   
ALA N   H2   sing N N 3   
ALA CA  C    sing N N 4   
ALA CA  CB   sing N N 5   
ALA CA  HA   sing N N 6   
ALA C   O    doub N N 7   
ALA C   OXT  sing N N 8   
ALA CB  HB1  sing N N 9   
ALA CB  HB2  sing N N 10  
ALA CB  HB3  sing N N 11  
ALA OXT HXT  sing N N 12  
ARG N   CA   sing N N 13  
ARG N   H    sing N N 14  
ARG N   H2   sing N N 15  
ARG CA  C    sing N N 16  
ARG CA  CB   sing N N 17  
ARG CA  HA   sing N N 18  
ARG C   O    doub N N 19  
ARG C   OXT  sing N N 20  
ARG CB  CG   sing N N 21  
ARG CB  HB2  sing N N 22  
ARG CB  HB3  sing N N 23  
ARG CG  CD   sing N N 24  
ARG CG  HG2  sing N N 25  
ARG CG  HG3  sing N N 26  
ARG CD  NE   sing N N 27  
ARG CD  HD2  sing N N 28  
ARG CD  HD3  sing N N 29  
ARG NE  CZ   sing N N 30  
ARG NE  HE   sing N N 31  
ARG CZ  NH1  sing N N 32  
ARG CZ  NH2  doub N N 33  
ARG NH1 HH11 sing N N 34  
ARG NH1 HH12 sing N N 35  
ARG NH2 HH21 sing N N 36  
ARG NH2 HH22 sing N N 37  
ARG OXT HXT  sing N N 38  
ASN N   CA   sing N N 39  
ASN N   H    sing N N 40  
ASN N   H2   sing N N 41  
ASN CA  C    sing N N 42  
ASN CA  CB   sing N N 43  
ASN CA  HA   sing N N 44  
ASN C   O    doub N N 45  
ASN C   OXT  sing N N 46  
ASN CB  CG   sing N N 47  
ASN CB  HB2  sing N N 48  
ASN CB  HB3  sing N N 49  
ASN CG  OD1  doub N N 50  
ASN CG  ND2  sing N N 51  
ASN ND2 HD21 sing N N 52  
ASN ND2 HD22 sing N N 53  
ASN OXT HXT  sing N N 54  
ASP N   CA   sing N N 55  
ASP N   H    sing N N 56  
ASP N   H2   sing N N 57  
ASP CA  C    sing N N 58  
ASP CA  CB   sing N N 59  
ASP CA  HA   sing N N 60  
ASP C   O    doub N N 61  
ASP C   OXT  sing N N 62  
ASP CB  CG   sing N N 63  
ASP CB  HB2  sing N N 64  
ASP CB  HB3  sing N N 65  
ASP CG  OD1  doub N N 66  
ASP CG  OD2  sing N N 67  
ASP OD2 HD2  sing N N 68  
ASP OXT HXT  sing N N 69  
CYS N   CA   sing N N 70  
CYS N   H    sing N N 71  
CYS N   H2   sing N N 72  
CYS CA  C    sing N N 73  
CYS CA  CB   sing N N 74  
CYS CA  HA   sing N N 75  
CYS C   O    doub N N 76  
CYS C   OXT  sing N N 77  
CYS CB  SG   sing N N 78  
CYS CB  HB2  sing N N 79  
CYS CB  HB3  sing N N 80  
CYS SG  HG   sing N N 81  
CYS OXT HXT  sing N N 82  
EDO C1  O1   sing N N 83  
EDO C1  C2   sing N N 84  
EDO C1  H11  sing N N 85  
EDO C1  H12  sing N N 86  
EDO O1  HO1  sing N N 87  
EDO C2  O2   sing N N 88  
EDO C2  H21  sing N N 89  
EDO C2  H22  sing N N 90  
EDO O2  HO2  sing N N 91  
GLN N   CA   sing N N 92  
GLN N   H    sing N N 93  
GLN N   H2   sing N N 94  
GLN CA  C    sing N N 95  
GLN CA  CB   sing N N 96  
GLN CA  HA   sing N N 97  
GLN C   O    doub N N 98  
GLN C   OXT  sing N N 99  
GLN CB  CG   sing N N 100 
GLN CB  HB2  sing N N 101 
GLN CB  HB3  sing N N 102 
GLN CG  CD   sing N N 103 
GLN CG  HG2  sing N N 104 
GLN CG  HG3  sing N N 105 
GLN CD  OE1  doub N N 106 
GLN CD  NE2  sing N N 107 
GLN NE2 HE21 sing N N 108 
GLN NE2 HE22 sing N N 109 
GLN OXT HXT  sing N N 110 
GLU N   CA   sing N N 111 
GLU N   H    sing N N 112 
GLU N   H2   sing N N 113 
GLU CA  C    sing N N 114 
GLU CA  CB   sing N N 115 
GLU CA  HA   sing N N 116 
GLU C   O    doub N N 117 
GLU C   OXT  sing N N 118 
GLU CB  CG   sing N N 119 
GLU CB  HB2  sing N N 120 
GLU CB  HB3  sing N N 121 
GLU CG  CD   sing N N 122 
GLU CG  HG2  sing N N 123 
GLU CG  HG3  sing N N 124 
GLU CD  OE1  doub N N 125 
GLU CD  OE2  sing N N 126 
GLU OE2 HE2  sing N N 127 
GLU OXT HXT  sing N N 128 
GLY N   CA   sing N N 129 
GLY N   H    sing N N 130 
GLY N   H2   sing N N 131 
GLY CA  C    sing N N 132 
GLY CA  HA2  sing N N 133 
GLY CA  HA3  sing N N 134 
GLY C   O    doub N N 135 
GLY C   OXT  sing N N 136 
GLY OXT HXT  sing N N 137 
HIS N   CA   sing N N 138 
HIS N   H    sing N N 139 
HIS N   H2   sing N N 140 
HIS CA  C    sing N N 141 
HIS CA  CB   sing N N 142 
HIS CA  HA   sing N N 143 
HIS C   O    doub N N 144 
HIS C   OXT  sing N N 145 
HIS CB  CG   sing N N 146 
HIS CB  HB2  sing N N 147 
HIS CB  HB3  sing N N 148 
HIS CG  ND1  sing Y N 149 
HIS CG  CD2  doub Y N 150 
HIS ND1 CE1  doub Y N 151 
HIS ND1 HD1  sing N N 152 
HIS CD2 NE2  sing Y N 153 
HIS CD2 HD2  sing N N 154 
HIS CE1 NE2  sing Y N 155 
HIS CE1 HE1  sing N N 156 
HIS NE2 HE2  sing N N 157 
HIS OXT HXT  sing N N 158 
HOH O   H1   sing N N 159 
HOH O   H2   sing N N 160 
ILE N   CA   sing N N 161 
ILE N   H    sing N N 162 
ILE N   H2   sing N N 163 
ILE CA  C    sing N N 164 
ILE CA  CB   sing N N 165 
ILE CA  HA   sing N N 166 
ILE C   O    doub N N 167 
ILE C   OXT  sing N N 168 
ILE CB  CG1  sing N N 169 
ILE CB  CG2  sing N N 170 
ILE CB  HB   sing N N 171 
ILE CG1 CD1  sing N N 172 
ILE CG1 HG12 sing N N 173 
ILE CG1 HG13 sing N N 174 
ILE CG2 HG21 sing N N 175 
ILE CG2 HG22 sing N N 176 
ILE CG2 HG23 sing N N 177 
ILE CD1 HD11 sing N N 178 
ILE CD1 HD12 sing N N 179 
ILE CD1 HD13 sing N N 180 
ILE OXT HXT  sing N N 181 
LEU N   CA   sing N N 182 
LEU N   H    sing N N 183 
LEU N   H2   sing N N 184 
LEU CA  C    sing N N 185 
LEU CA  CB   sing N N 186 
LEU CA  HA   sing N N 187 
LEU C   O    doub N N 188 
LEU C   OXT  sing N N 189 
LEU CB  CG   sing N N 190 
LEU CB  HB2  sing N N 191 
LEU CB  HB3  sing N N 192 
LEU CG  CD1  sing N N 193 
LEU CG  CD2  sing N N 194 
LEU CG  HG   sing N N 195 
LEU CD1 HD11 sing N N 196 
LEU CD1 HD12 sing N N 197 
LEU CD1 HD13 sing N N 198 
LEU CD2 HD21 sing N N 199 
LEU CD2 HD22 sing N N 200 
LEU CD2 HD23 sing N N 201 
LEU OXT HXT  sing N N 202 
LYS N   CA   sing N N 203 
LYS N   H    sing N N 204 
LYS N   H2   sing N N 205 
LYS CA  C    sing N N 206 
LYS CA  CB   sing N N 207 
LYS CA  HA   sing N N 208 
LYS C   O    doub N N 209 
LYS C   OXT  sing N N 210 
LYS CB  CG   sing N N 211 
LYS CB  HB2  sing N N 212 
LYS CB  HB3  sing N N 213 
LYS CG  CD   sing N N 214 
LYS CG  HG2  sing N N 215 
LYS CG  HG3  sing N N 216 
LYS CD  CE   sing N N 217 
LYS CD  HD2  sing N N 218 
LYS CD  HD3  sing N N 219 
LYS CE  NZ   sing N N 220 
LYS CE  HE2  sing N N 221 
LYS CE  HE3  sing N N 222 
LYS NZ  HZ1  sing N N 223 
LYS NZ  HZ2  sing N N 224 
LYS NZ  HZ3  sing N N 225 
LYS OXT HXT  sing N N 226 
MET N   CA   sing N N 227 
MET N   H    sing N N 228 
MET N   H2   sing N N 229 
MET CA  C    sing N N 230 
MET CA  CB   sing N N 231 
MET CA  HA   sing N N 232 
MET C   O    doub N N 233 
MET C   OXT  sing N N 234 
MET CB  CG   sing N N 235 
MET CB  HB2  sing N N 236 
MET CB  HB3  sing N N 237 
MET CG  SD   sing N N 238 
MET CG  HG2  sing N N 239 
MET CG  HG3  sing N N 240 
MET SD  CE   sing N N 241 
MET CE  HE1  sing N N 242 
MET CE  HE2  sing N N 243 
MET CE  HE3  sing N N 244 
MET OXT HXT  sing N N 245 
PHE N   CA   sing N N 246 
PHE N   H    sing N N 247 
PHE N   H2   sing N N 248 
PHE CA  C    sing N N 249 
PHE CA  CB   sing N N 250 
PHE CA  HA   sing N N 251 
PHE C   O    doub N N 252 
PHE C   OXT  sing N N 253 
PHE CB  CG   sing N N 254 
PHE CB  HB2  sing N N 255 
PHE CB  HB3  sing N N 256 
PHE CG  CD1  doub Y N 257 
PHE CG  CD2  sing Y N 258 
PHE CD1 CE1  sing Y N 259 
PHE CD1 HD1  sing N N 260 
PHE CD2 CE2  doub Y N 261 
PHE CD2 HD2  sing N N 262 
PHE CE1 CZ   doub Y N 263 
PHE CE1 HE1  sing N N 264 
PHE CE2 CZ   sing Y N 265 
PHE CE2 HE2  sing N N 266 
PHE CZ  HZ   sing N N 267 
PHE OXT HXT  sing N N 268 
PRO N   CA   sing N N 269 
PRO N   CD   sing N N 270 
PRO N   H    sing N N 271 
PRO CA  C    sing N N 272 
PRO CA  CB   sing N N 273 
PRO CA  HA   sing N N 274 
PRO C   O    doub N N 275 
PRO C   OXT  sing N N 276 
PRO CB  CG   sing N N 277 
PRO CB  HB2  sing N N 278 
PRO CB  HB3  sing N N 279 
PRO CG  CD   sing N N 280 
PRO CG  HG2  sing N N 281 
PRO CG  HG3  sing N N 282 
PRO CD  HD2  sing N N 283 
PRO CD  HD3  sing N N 284 
PRO OXT HXT  sing N N 285 
Q4L C   O    sing N N 286 
Q4L O   C1   sing N N 287 
Q4L O1  C1   doub N N 288 
Q4L C1  N    sing N N 289 
Q4L N   C2   sing N N 290 
Q4L C2  C3   sing N N 291 
Q4L C3  N1   sing N N 292 
Q4L C4  N1   sing N N 293 
Q4L C5  C4   sing N N 294 
Q4L N   C5   sing N N 295 
Q4L N1  C6   sing N N 296 
Q4L C6  C7   sing Y N 297 
Q4L C7  C8   doub Y N 298 
Q4L C8  C9   sing Y N 299 
Q4L C9  F    sing N N 300 
Q4L C10 C9   doub Y N 301 
Q4L C11 C10  sing Y N 302 
Q4L C6  C11  doub Y N 303 
Q4L C4  H7   sing N N 304 
Q4L C4  H8   sing N N 305 
Q4L C5  H10  sing N N 306 
Q4L C5  H9   sing N N 307 
Q4L C7  H11  sing N N 308 
Q4L C8  H12  sing N N 309 
Q4L C10 H13  sing N N 310 
Q4L C   H2   sing N N 311 
Q4L C   H1   sing N N 312 
Q4L C   H    sing N N 313 
Q4L C11 H14  sing N N 314 
Q4L C2  H4   sing N N 315 
Q4L C2  H3   sing N N 316 
Q4L C3  H5   sing N N 317 
Q4L C3  H6   sing N N 318 
SER N   CA   sing N N 319 
SER N   H    sing N N 320 
SER N   H2   sing N N 321 
SER CA  C    sing N N 322 
SER CA  CB   sing N N 323 
SER CA  HA   sing N N 324 
SER C   O    doub N N 325 
SER C   OXT  sing N N 326 
SER CB  OG   sing N N 327 
SER CB  HB2  sing N N 328 
SER CB  HB3  sing N N 329 
SER OG  HG   sing N N 330 
SER OXT HXT  sing N N 331 
SO4 S   O1   doub N N 332 
SO4 S   O2   doub N N 333 
SO4 S   O3   sing N N 334 
SO4 S   O4   sing N N 335 
THR N   CA   sing N N 336 
THR N   H    sing N N 337 
THR N   H2   sing N N 338 
THR CA  C    sing N N 339 
THR CA  CB   sing N N 340 
THR CA  HA   sing N N 341 
THR C   O    doub N N 342 
THR C   OXT  sing N N 343 
THR CB  OG1  sing N N 344 
THR CB  CG2  sing N N 345 
THR CB  HB   sing N N 346 
THR OG1 HG1  sing N N 347 
THR CG2 HG21 sing N N 348 
THR CG2 HG22 sing N N 349 
THR CG2 HG23 sing N N 350 
THR OXT HXT  sing N N 351 
TRP N   CA   sing N N 352 
TRP N   H    sing N N 353 
TRP N   H2   sing N N 354 
TRP CA  C    sing N N 355 
TRP CA  CB   sing N N 356 
TRP CA  HA   sing N N 357 
TRP C   O    doub N N 358 
TRP C   OXT  sing N N 359 
TRP CB  CG   sing N N 360 
TRP CB  HB2  sing N N 361 
TRP CB  HB3  sing N N 362 
TRP CG  CD1  doub Y N 363 
TRP CG  CD2  sing Y N 364 
TRP CD1 NE1  sing Y N 365 
TRP CD1 HD1  sing N N 366 
TRP CD2 CE2  doub Y N 367 
TRP CD2 CE3  sing Y N 368 
TRP NE1 CE2  sing Y N 369 
TRP NE1 HE1  sing N N 370 
TRP CE2 CZ2  sing Y N 371 
TRP CE3 CZ3  doub Y N 372 
TRP CE3 HE3  sing N N 373 
TRP CZ2 CH2  doub Y N 374 
TRP CZ2 HZ2  sing N N 375 
TRP CZ3 CH2  sing Y N 376 
TRP CZ3 HZ3  sing N N 377 
TRP CH2 HH2  sing N N 378 
TRP OXT HXT  sing N N 379 
TYR N   CA   sing N N 380 
TYR N   H    sing N N 381 
TYR N   H2   sing N N 382 
TYR CA  C    sing N N 383 
TYR CA  CB   sing N N 384 
TYR CA  HA   sing N N 385 
TYR C   O    doub N N 386 
TYR C   OXT  sing N N 387 
TYR CB  CG   sing N N 388 
TYR CB  HB2  sing N N 389 
TYR CB  HB3  sing N N 390 
TYR CG  CD1  doub Y N 391 
TYR CG  CD2  sing Y N 392 
TYR CD1 CE1  sing Y N 393 
TYR CD1 HD1  sing N N 394 
TYR CD2 CE2  doub Y N 395 
TYR CD2 HD2  sing N N 396 
TYR CE1 CZ   doub Y N 397 
TYR CE1 HE1  sing N N 398 
TYR CE2 CZ   sing Y N 399 
TYR CE2 HE2  sing N N 400 
TYR CZ  OH   sing N N 401 
TYR OH  HH   sing N N 402 
TYR OXT HXT  sing N N 403 
VAL N   CA   sing N N 404 
VAL N   H    sing N N 405 
VAL N   H2   sing N N 406 
VAL CA  C    sing N N 407 
VAL CA  CB   sing N N 408 
VAL CA  HA   sing N N 409 
VAL C   O    doub N N 410 
VAL C   OXT  sing N N 411 
VAL CB  CG1  sing N N 412 
VAL CB  CG2  sing N N 413 
VAL CB  HB   sing N N 414 
VAL CG1 HG11 sing N N 415 
VAL CG1 HG12 sing N N 416 
VAL CG1 HG13 sing N N 417 
VAL CG2 HG21 sing N N 418 
VAL CG2 HG22 sing N N 419 
VAL CG2 HG23 sing N N 420 
VAL OXT HXT  sing N N 421 
# 
_pdbx_audit_support.ordinal                1 
_pdbx_audit_support.funding_organization   'European Union (EU)' 
_pdbx_audit_support.grant_number           875510 
_pdbx_audit_support.country                'European Union' 
# 
_pdbx_deposit_group.group_id            G_1002320 
_pdbx_deposit_group.group_description   
;PRYSPRY domain of murine TRIM21 screened against the DSI-poised Fragment Library by X-ray Crystallography at the XChem facility of Diamon Light Source
;
_pdbx_deposit_group.group_title         'PanDDA analysis group deposition' 
_pdbx_deposit_group.group_type          'changed state' 
# 
_pdbx_initial_refinement_model.id               1 
_pdbx_initial_refinement_model.entity_id_list   ? 
_pdbx_initial_refinement_model.type             'experimental model' 
_pdbx_initial_refinement_model.source_name      PDB 
_pdbx_initial_refinement_model.accession_code   2VOK 
_pdbx_initial_refinement_model.details          ? 
# 
_atom_sites.entry_id                    7HM5 
_atom_sites.fract_transf_matrix[1][1]   0.00157946 
_atom_sites.fract_transf_matrix[1][2]   0.00935510 
_atom_sites.fract_transf_matrix[1][3]   0.00436630 
_atom_sites.fract_transf_matrix[2][1]   0.01032187 
_atom_sites.fract_transf_matrix[2][2]   -0.00134383 
_atom_sites.fract_transf_matrix[2][3]   -0.00085457 
_atom_sites.fract_transf_matrix[3][1]   -0.00042500 
_atom_sites.fract_transf_matrix[3][2]   0.00927494 
_atom_sites.fract_transf_matrix[3][3]   -0.01971844 
_atom_sites.fract_transf_vector[1]      -0.299233 
_atom_sites.fract_transf_vector[2]      -0.117673 
_atom_sites.fract_transf_vector[3]      -0.503574 
# 
loop_
_atom_type.symbol 
C 
F 
N 
O 
S 
# 
loop_
_atom_site.group_PDB 
_atom_site.id 
_atom_site.type_symbol 
_atom_site.label_atom_id 
_atom_site.label_alt_id 
_atom_site.label_comp_id 
_atom_site.label_asym_id 
_atom_site.label_entity_id 
_atom_site.label_seq_id 
_atom_site.pdbx_PDB_ins_code 
_atom_site.Cartn_x 
_atom_site.Cartn_y 
_atom_site.Cartn_z 
_atom_site.occupancy 
_atom_site.B_iso_or_equiv 
_atom_site.pdbx_formal_charge 
_atom_site.auth_seq_id 
_atom_site.auth_comp_id 
_atom_site.auth_asym_id 
_atom_site.auth_atom_id 
_atom_site.pdbx_PDB_model_num 
ATOM   1    N N   . HIS A 1 2   ? -0.008  19.666  -5.188  1.00 88.02 ? 8   HIS B N   1 
ATOM   2    C CA  . HIS A 1 2   ? -0.352  19.513  -3.740  1.00 80.91 ? 8   HIS B CA  1 
ATOM   3    C C   . HIS A 1 2   ? 0.755   20.130  -2.868  1.00 80.97 ? 8   HIS B C   1 
ATOM   4    O O   . HIS A 1 2   ? 1.911   20.247  -3.345  1.00 83.16 ? 8   HIS B O   1 
ATOM   5    C CB  . HIS A 1 2   ? -0.637  18.036  -3.402  1.00 74.67 ? 8   HIS B CB  1 
ATOM   6    C CG  . HIS A 1 2   ? 0.568   17.148  -3.334  1.00 71.15 ? 8   HIS B CG  1 
ATOM   7    N ND1 . HIS A 1 2   ? 1.301   16.977  -2.171  1.00 68.38 ? 8   HIS B ND1 1 
ATOM   8    C CD2 . HIS A 1 2   ? 1.152   16.349  -4.259  1.00 67.78 ? 8   HIS B CD2 1 
ATOM   9    C CE1 . HIS A 1 2   ? 2.292   16.136  -2.391  1.00 66.29 ? 8   HIS B CE1 1 
ATOM   10   N NE2 . HIS A 1 2   ? 2.222   15.730  -3.661  1.00 66.22 ? 8   HIS B NE2 1 
ATOM   11   N N   . HIS A 1 3   ? 0.401   20.509  -1.636  1.00 79.00 ? 9   HIS B N   1 
ATOM   12   C CA  . HIS A 1 3   ? 1.315   21.029  -0.583  1.00 75.71 ? 9   HIS B CA  1 
ATOM   13   C C   . HIS A 1 3   ? 1.178   20.147  0.672   1.00 68.56 ? 9   HIS B C   1 
ATOM   14   O O   . HIS A 1 3   ? 0.999   20.710  1.779   1.00 63.04 ? 9   HIS B O   1 
ATOM   15   C CB  . HIS A 1 3   ? 1.036   22.526  -0.349  1.00 82.30 ? 9   HIS B CB  1 
ATOM   16   C CG  . HIS A 1 3   ? 1.206   23.370  -1.574  1.00 90.86 ? 9   HIS B CG  1 
ATOM   17   N ND1 . HIS A 1 3   ? 2.387   23.394  -2.306  1.00 90.46 ? 9   HIS B ND1 1 
ATOM   18   C CD2 . HIS A 1 3   ? 0.364   24.224  -2.198  1.00 93.06 ? 9   HIS B CD2 1 
ATOM   19   C CE1 . HIS A 1 3   ? 2.261   24.222  -3.324  1.00 89.60 ? 9   HIS B CE1 1 
ATOM   20   N NE2 . HIS A 1 3   ? 1.029   24.746  -3.280  1.00 93.67 ? 9   HIS B NE2 1 
ATOM   21   N N   . HIS A 1 4   ? 1.263   18.815  0.490   1.00 54.90 ? 10  HIS B N   1 
ATOM   22   C CA  . HIS A 1 4   ? 1.029   17.761  1.521   1.00 47.21 ? 10  HIS B CA  1 
ATOM   23   C C   . HIS A 1 4   ? 2.365   17.298  2.118   1.00 44.44 ? 10  HIS B C   1 
ATOM   24   O O   . HIS A 1 4   ? 2.354   16.714  3.227   1.00 39.66 ? 10  HIS B O   1 
ATOM   25   C CB  . HIS A 1 4   ? 0.216   16.593  0.922   1.00 42.95 ? 10  HIS B CB  1 
ATOM   26   C CG  . HIS A 1 4   ? -1.185  16.958  0.538   1.00 42.46 ? 10  HIS B CG  1 
ATOM   27   N ND1 . HIS A 1 4   ? -1.980  17.827  1.300   1.00 41.82 ? 10  HIS B ND1 1 
ATOM   28   C CD2 . HIS A 1 4   ? -1.948  16.581  -0.510  1.00 39.68 ? 10  HIS B CD2 1 
ATOM   29   C CE1 . HIS A 1 4   ? -3.163  17.959  0.725   1.00 47.29 ? 10  HIS B CE1 1 
ATOM   30   N NE2 . HIS A 1 4   ? -3.172  17.199  -0.386  1.00 42.84 ? 10  HIS B NE2 1 
ATOM   31   N N   . HIS A 1 5   ? 3.480   17.582  1.431   1.00 46.06 ? 11  HIS B N   1 
ATOM   32   C CA  . HIS A 1 5   ? 4.855   17.120  1.789   1.00 52.01 ? 11  HIS B CA  1 
ATOM   33   C C   . HIS A 1 5   ? 5.165   17.402  3.274   1.00 49.62 ? 11  HIS B C   1 
ATOM   34   O O   . HIS A 1 5   ? 5.829   16.535  3.902   1.00 46.96 ? 11  HIS B O   1 
ATOM   35   C CB  . HIS A 1 5   ? 5.919   17.731  0.853   1.00 60.20 ? 11  HIS B CB  1 
ATOM   36   C CG  . HIS A 1 5   ? 5.579   17.656  -0.600  1.00 75.04 ? 11  HIS B CG  1 
ATOM   37   N ND1 . HIS A 1 5   ? 4.978   18.713  -1.281  1.00 85.94 ? 11  HIS B ND1 1 
ATOM   38   C CD2 . HIS A 1 5   ? 5.741   16.667  -1.510  1.00 82.51 ? 11  HIS B CD2 1 
ATOM   39   C CE1 . HIS A 1 5   ? 4.787   18.373  -2.543  1.00 88.00 ? 11  HIS B CE1 1 
ATOM   40   N NE2 . HIS A 1 5   ? 5.249   17.121  -2.710  1.00 88.06 ? 11  HIS B NE2 1 
ATOM   41   N N   . HIS A 1 6   ? 4.690   18.533  3.829   1.00 43.37 ? 12  HIS B N   1 
ATOM   42   C CA  . HIS A 1 6   ? 4.980   18.990  5.221   1.00 41.51 ? 12  HIS B CA  1 
ATOM   43   C C   . HIS A 1 6   ? 4.274   18.132  6.287   1.00 39.14 ? 12  HIS B C   1 
ATOM   44   O O   . HIS A 1 6   ? 4.608   18.319  7.480   1.00 41.53 ? 12  HIS B O   1 
ATOM   45   C CB  . HIS A 1 6   ? 4.681   20.489  5.393   1.00 46.56 ? 12  HIS B CB  1 
ATOM   46   C CG  . HIS A 1 6   ? 3.241   20.873  5.348   1.00 50.19 ? 12  HIS B CG  1 
ATOM   47   N ND1 . HIS A 1 6   ? 2.496   21.095  6.494   1.00 56.04 ? 12  HIS B ND1 1 
ATOM   48   C CD2 . HIS A 1 6   ? 2.418   21.134  4.307   1.00 56.41 ? 12  HIS B CD2 1 
ATOM   49   C CE1 . HIS A 1 6   ? 1.271   21.456  6.163   1.00 52.37 ? 12  HIS B CE1 1 
ATOM   50   N NE2 . HIS A 1 6   ? 1.194   21.487  4.827   1.00 58.99 ? 12  HIS B NE2 1 
ATOM   51   N N   . HIS A 1 7   ? 3.342   17.235  5.917   1.00 30.74 ? 13  HIS B N   1 
ATOM   52   C CA  . HIS A 1 7   ? 2.756   16.210  6.839   1.00 27.24 ? 13  HIS B CA  1 
ATOM   53   C C   . HIS A 1 7   ? 3.489   14.884  6.687   1.00 24.99 ? 13  HIS B C   1 
ATOM   54   O O   . HIS A 1 7   ? 2.910   13.841  7.026   1.00 21.37 ? 13  HIS B O   1 
ATOM   55   C CB  . HIS A 1 7   ? 1.270   15.996  6.583   1.00 26.09 ? 13  HIS B CB  1 
ATOM   56   C CG  . HIS A 1 7   ? 0.494   17.266  6.708   1.00 27.95 ? 13  HIS B CG  1 
ATOM   57   N ND1 . HIS A 1 7   ? 0.343   17.902  7.934   1.00 28.48 ? 13  HIS B ND1 1 
ATOM   58   C CD2 . HIS A 1 7   ? -0.133  18.018  5.776   1.00 29.07 ? 13  HIS B CD2 1 
ATOM   59   C CE1 . HIS A 1 7   ? -0.386  18.993  7.758   1.00 27.38 ? 13  HIS B CE1 1 
ATOM   60   N NE2 . HIS A 1 7   ? -0.681  19.106  6.443   1.00 31.99 ? 13  HIS B NE2 1 
ATOM   61   N N   . MET A 1 8   ? 4.702   14.928  6.161   1.00 26.23 ? 14  MET B N   1 
ATOM   62   C CA  . MET A 1 8   ? 5.514   13.719  5.901   1.00 29.55 ? 14  MET B CA  1 
ATOM   63   C C   . MET A 1 8   ? 5.697   12.937  7.218   1.00 28.72 ? 14  MET B C   1 
ATOM   64   O O   . MET A 1 8   ? 5.934   13.535  8.291   1.00 31.11 ? 14  MET B O   1 
ATOM   65   C CB  . MET A 1 8   ? 6.849   14.120  5.267   1.00 35.00 ? 14  MET B CB  1 
ATOM   66   C CG  . MET A 1 8   ? 7.816   12.961  4.966   1.00 42.57 ? 14  MET B CG  1 
ATOM   67   S SD  . MET A 1 8   ? 7.384   11.918  3.517   1.00 51.70 ? 14  MET B SD  1 
ATOM   68   C CE  . MET A 1 8   ? 8.069   12.862  2.158   1.00 40.41 ? 14  MET B CE  1 
ATOM   69   N N   . VAL A 1 9   ? 5.559   11.612  7.159   1.00 22.92 ? 15  VAL B N   1 
ATOM   70   C CA  . VAL A 1 9   ? 5.742   10.707  8.324   1.00 22.69 ? 15  VAL B CA  1 
ATOM   71   C C   . VAL A 1 9   ? 6.748   9.614   7.917   1.00 25.22 ? 15  VAL B C   1 
ATOM   72   O O   . VAL A 1 9   ? 6.806   9.243   6.722   1.00 23.83 ? 15  VAL B O   1 
ATOM   73   C CB  . VAL A 1 9   ? 4.410   10.133  8.845   1.00 25.27 ? 15  VAL B CB  1 
ATOM   74   C CG1 . VAL A 1 9   ? 3.577   11.237  9.467   1.00 27.53 ? 15  VAL B CG1 1 
ATOM   75   C CG2 . VAL A 1 9   ? 3.598   9.410   7.782   1.00 25.83 ? 15  VAL B CG2 1 
ATOM   76   N N   . HIS A 1 10  ? 7.520   9.109   8.871   1.00 23.43 ? 16  HIS B N   1 
ATOM   77   C CA  . HIS A 1 10  ? 8.548   8.069   8.628   1.00 23.90 ? 16  HIS B CA  1 
ATOM   78   C C   . HIS A 1 10  ? 7.869   6.713   8.837   1.00 23.65 ? 16  HIS B C   1 
ATOM   79   O O   . HIS A 1 10  ? 7.525   6.362   9.982   1.00 26.49 ? 16  HIS B O   1 
ATOM   80   C CB  . HIS A 1 10  ? 9.731   8.254   9.574   1.00 25.54 ? 16  HIS B CB  1 
ATOM   81   C CG  . HIS A 1 10  ? 10.864  7.300   9.351   1.00 29.85 ? 16  HIS B CG  1 
ATOM   82   N ND1 . HIS A 1 10  ? 11.798  7.479   8.336   1.00 32.98 ? 16  HIS B ND1 1 
ATOM   83   C CD2 . HIS A 1 10  ? 11.226  6.169   10.014  1.00 32.13 ? 16  HIS B CD2 1 
ATOM   84   C CE1 . HIS A 1 10  ? 12.688  6.489   8.379   1.00 31.23 ? 16  HIS B CE1 1 
ATOM   85   N NE2 . HIS A 1 10  ? 12.351  5.660   9.401   1.00 34.93 ? 16  HIS B NE2 1 
ATOM   86   N N   . ILE A 1 11  ? 7.583   6.009   7.749   1.00 18.28 ? 17  ILE B N   1 
ATOM   87   C CA  . ILE A 1 11  ? 6.894   4.697   7.797   1.00 18.73 ? 17  ILE B CA  1 
ATOM   88   C C   . ILE A 1 11  ? 7.955   3.586   7.812   1.00 19.15 ? 17  ILE B C   1 
ATOM   89   O O   . ILE A 1 11  ? 8.958   3.709   7.148   1.00 18.44 ? 17  ILE B O   1 
ATOM   90   C CB  . ILE A 1 11  ? 5.936   4.538   6.601   1.00 18.91 ? 17  ILE B CB  1 
ATOM   91   C CG1 . ILE A 1 11  ? 4.889   5.651   6.581   1.00 19.88 ? 17  ILE B CG1 1 
ATOM   92   C CG2 . ILE A 1 11  ? 5.314   3.155   6.624   1.00 18.29 ? 17  ILE B CG2 1 
ATOM   93   C CD1 . ILE A 1 11  ? 4.101   5.807   7.875   1.00 20.20 ? 17  ILE B CD1 1 
ATOM   94   N N   . THR A 1 12  ? 7.696   2.576   8.613   1.00 18.04 ? 18  THR B N   1 
ATOM   95   C CA  . THR A 1 12  ? 8.518   1.333   8.636   1.00 18.47 ? 18  THR B CA  1 
ATOM   96   C C   . THR A 1 12  ? 7.582   0.138   8.537   1.00 18.28 ? 18  THR B C   1 
ATOM   97   O O   . THR A 1 12  ? 6.405   0.249   8.900   1.00 19.31 ? 18  THR B O   1 
ATOM   98   C CB  . THR A 1 12  ? 9.376   1.256   9.905   1.00 21.29 ? 18  THR B CB  1 
ATOM   99   O OG1 . THR A 1 12  ? 8.530   1.249   11.041  1.00 21.45 ? 18  THR B OG1 1 
ATOM   100  C CG2 . THR A 1 12  ? 10.404  2.366   10.003  1.00 24.81 ? 18  THR B CG2 1 
ATOM   101  N N   . LEU A 1 13  ? 8.078   -0.973  7.974   1.00 15.96 ? 19  LEU B N   1 
ATOM   102  C CA  . LEU A 1 13  ? 7.252   -2.178  7.767   1.00 16.70 ? 19  LEU B CA  1 
ATOM   103  C C   . LEU A 1 13  ? 7.250   -3.072  9.009   1.00 16.87 ? 19  LEU B C   1 
ATOM   104  O O   . LEU A 1 13  ? 8.318   -3.176  9.684   1.00 18.58 ? 19  LEU B O   1 
ATOM   105  C CB  . LEU A 1 13  ? 7.817   -2.890  6.544   1.00 16.73 ? 19  LEU B CB  1 
ATOM   106  C CG  . LEU A 1 13  ? 7.754   -2.054  5.277   1.00 18.12 ? 19  LEU B CG  1 
ATOM   107  C CD1 . LEU A 1 13  ? 8.512   -2.677  4.129   1.00 20.20 ? 19  LEU B CD1 1 
ATOM   108  C CD2 . LEU A 1 13  ? 6.294   -1.786  4.876   1.00 18.44 ? 19  LEU B CD2 1 
ATOM   109  N N   . ASP A 1 14  ? 6.130   -3.701  9.281   1.00 16.25 ? 20  ASP B N   1 
ATOM   110  C CA  . ASP A 1 14  ? 5.955   -4.623  10.429  1.00 16.66 ? 20  ASP B CA  1 
ATOM   111  C C   . ASP A 1 14  ? 6.122   -6.076  9.916   1.00 18.05 ? 20  ASP B C   1 
ATOM   112  O O   . ASP A 1 14  ? 5.184   -6.631  9.350   1.00 16.37 ? 20  ASP B O   1 
ATOM   113  C CB  . ASP A 1 14  ? 4.606   -4.405  11.114  1.00 17.26 ? 20  ASP B CB  1 
ATOM   114  C CG  . ASP A 1 14  ? 4.326   -5.298  12.311  1.00 23.08 ? 20  ASP B CG  1 
ATOM   115  O OD1 . ASP A 1 14  ? 5.108   -6.239  12.517  1.00 21.23 ? 20  ASP B OD1 1 
ATOM   116  O OD2 . ASP A 1 14  ? 3.306   -5.063  13.004  1.00 20.93 ? 20  ASP B OD2 1 
ATOM   117  N N   A ARG A 1 15  ? 7.326   -6.632  10.124  0.25 18.44 ? 21  ARG B N   1 
ATOM   118  N N   B ARG A 1 15  ? 7.308   -6.653  10.130  0.25 19.59 ? 21  ARG B N   1 
ATOM   119  C CA  A ARG A 1 15  ? 7.734   -8.032  9.805   0.25 19.70 ? 21  ARG B CA  1 
ATOM   120  C CA  B ARG A 1 15  ? 7.682   -8.025  9.687   0.25 21.54 ? 21  ARG B CA  1 
ATOM   121  C C   A ARG A 1 15  ? 6.642   -9.035  10.183  0.25 18.85 ? 21  ARG B C   1 
ATOM   122  C C   B ARG A 1 15  ? 6.668   -9.064  10.195  0.25 19.92 ? 21  ARG B C   1 
ATOM   123  O O   A ARG A 1 15  ? 6.427   -9.996  9.428   0.25 18.28 ? 21  ARG B O   1 
ATOM   124  O O   B ARG A 1 15  ? 6.507   -10.084 9.513   0.25 19.12 ? 21  ARG B O   1 
ATOM   125  C CB  A ARG A 1 15  ? 8.979   -8.440  10.609  0.25 20.45 ? 21  ARG B CB  1 
ATOM   126  C CB  B ARG A 1 15  ? 9.094   -8.384  10.174  0.25 24.57 ? 21  ARG B CB  1 
ATOM   127  C CG  A ARG A 1 15  ? 10.203  -7.578  10.352  0.25 22.57 ? 21  ARG B CG  1 
ATOM   128  C CG  B ARG A 1 15  ? 10.217  -7.590  9.517   0.25 28.34 ? 21  ARG B CG  1 
ATOM   129  C CD  A ARG A 1 15  ? 11.501  -8.118  10.933  0.25 22.31 ? 21  ARG B CD  1 
ATOM   130  C CD  B ARG A 1 15  ? 10.674  -6.397  10.347  0.25 32.58 ? 21  ARG B CD  1 
ATOM   131  N NE  A ARG A 1 15  ? 12.604  -7.371  10.347  0.25 22.10 ? 21  ARG B NE  1 
ATOM   132  N NE  B ARG A 1 15  ? 11.883  -6.618  11.149  0.25 35.37 ? 21  ARG B NE  1 
ATOM   133  C CZ  A ARG A 1 15  ? 13.052  -7.593  9.127   0.25 20.28 ? 21  ARG B CZ  1 
ATOM   134  C CZ  B ARG A 1 15  ? 11.914  -6.801  12.470  0.25 37.94 ? 21  ARG B CZ  1 
ATOM   135  N NH1 A ARG A 1 15  ? 12.514  -8.558  8.415   0.25 20.75 ? 21  ARG B NH1 1 
ATOM   136  N NH1 B ARG A 1 15  ? 10.802  -6.811  13.184  0.25 38.71 ? 21  ARG B NH1 1 
ATOM   137  N NH2 A ARG A 1 15  ? 14.026  -6.869  8.620   0.25 20.80 ? 21  ARG B NH2 1 
ATOM   138  N NH2 B ARG A 1 15  ? 13.072  -6.970  13.080  0.25 39.40 ? 21  ARG B NH2 1 
ATOM   139  N N   . ASN A 1 16  ? 6.010   -8.837  11.341  1.00 19.21 ? 22  ASN B N   1 
ATOM   140  C CA  . ASN A 1 16  ? 5.100   -9.847  11.933  1.00 19.91 ? 22  ASN B CA  1 
ATOM   141  C C   . ASN A 1 16  ? 3.810   -9.970  11.116  1.00 17.02 ? 22  ASN B C   1 
ATOM   142  O O   . ASN A 1 16  ? 3.148   -11.014 11.180  1.00 17.14 ? 22  ASN B O   1 
ATOM   143  C CB  . ASN A 1 16  ? 4.858   -9.548  13.424  1.00 23.91 ? 22  ASN B CB  1 
ATOM   144  C CG  . ASN A 1 16  ? 6.054   -9.946  14.283  1.00 31.04 ? 22  ASN B CG  1 
ATOM   145  O OD1 . ASN A 1 16  ? 6.900   -10.752 13.880  1.00 40.50 ? 22  ASN B OD1 1 
ATOM   146  N ND2 . ASN A 1 16  ? 6.146   -9.378  15.473  1.00 42.68 ? 22  ASN B ND2 1 
ATOM   147  N N   . THR A 1 17  ? 3.457   -8.934  10.318  1.00 15.64 ? 23  THR B N   1 
ATOM   148  C CA  . THR A 1 17  ? 2.262   -8.926  9.459   1.00 15.58 ? 23  THR B CA  1 
ATOM   149  C C   . THR A 1 17  ? 2.578   -9.497  8.072   1.00 14.59 ? 23  THR B C   1 
ATOM   150  O O   . THR A 1 17  ? 1.624   -9.725  7.313   1.00 13.88 ? 23  THR B O   1 
ATOM   151  C CB  . THR A 1 17  ? 1.626   -7.531  9.334   1.00 15.21 ? 23  THR B CB  1 
ATOM   152  O OG1 . THR A 1 17  ? 2.504   -6.716  8.535   1.00 14.88 ? 23  THR B OG1 1 
ATOM   153  C CG2 . THR A 1 17  ? 1.278   -6.954  10.694  1.00 15.85 ? 23  THR B CG2 1 
ATOM   154  N N   . ALA A 1 18  ? 3.855   -9.677  7.717   1.00 13.82 ? 24  ALA B N   1 
ATOM   155  C CA  . ALA A 1 18  ? 4.239   -9.975  6.326   1.00 13.59 ? 24  ALA B CA  1 
ATOM   156  C C   . ALA A 1 18  ? 3.840   -11.404 5.945   1.00 15.21 ? 24  ALA B C   1 
ATOM   157  O O   . ALA A 1 18  ? 4.048   -12.352 6.741   1.00 14.88 ? 24  ALA B O   1 
ATOM   158  C CB  . ALA A 1 18  ? 5.719   -9.798  6.161   1.00 14.08 ? 24  ALA B CB  1 
ATOM   159  N N   . ASN A 1 19  ? 3.384   -11.589 4.723   1.00 14.67 ? 25  ASN B N   1 
ATOM   160  C CA  . ASN A 1 19  ? 3.358   -12.938 4.107   1.00 13.93 ? 25  ASN B CA  1 
ATOM   161  C C   . ASN A 1 19  ? 4.753   -13.564 4.283   1.00 13.99 ? 25  ASN B C   1 
ATOM   162  O O   . ASN A 1 19  ? 5.784   -12.905 4.162   1.00 14.07 ? 25  ASN B O   1 
ATOM   163  C CB  . ASN A 1 19  ? 2.946   -12.766 2.654   1.00 14.36 ? 25  ASN B CB  1 
ATOM   164  C CG  . ASN A 1 19  ? 2.944   -14.069 1.913   1.00 17.62 ? 25  ASN B CG  1 
ATOM   165  O OD1 . ASN A 1 19  ? 3.986   -14.538 1.494   1.00 16.13 ? 25  ASN B OD1 1 
ATOM   166  N ND2 . ASN A 1 19  ? 1.768   -14.601 1.720   1.00 21.39 ? 25  ASN B ND2 1 
ATOM   167  N N   . SER A 1 20  ? 4.766   -14.866 4.502   1.00 14.07 ? 26  SER B N   1 
ATOM   168  C CA  . SER A 1 20  ? 5.994   -15.606 4.857   1.00 14.59 ? 26  SER B CA  1 
ATOM   169  C C   . SER A 1 20  ? 6.998   -15.695 3.716   1.00 14.93 ? 26  SER B C   1 
ATOM   170  O O   . SER A 1 20  ? 8.129   -16.108 4.019   1.00 15.81 ? 26  SER B O   1 
ATOM   171  C CB  . SER A 1 20  ? 5.649   -16.984 5.334   1.00 17.27 ? 26  SER B CB  1 
ATOM   172  O OG  . SER A 1 20  ? 4.974   -17.659 4.284   1.00 19.58 ? 26  SER B OG  1 
ATOM   173  N N   . TRP A 1 21  ? 6.678   -15.279 2.489   1.00 13.74 ? 27  TRP B N   1 
ATOM   174  C CA  . TRP A 1 21  ? 7.647   -15.258 1.376   1.00 14.43 ? 27  TRP B CA  1 
ATOM   175  C C   . TRP A 1 21  ? 8.276   -13.889 1.217   1.00 14.72 ? 27  TRP B C   1 
ATOM   176  O O   . TRP A 1 21  ? 9.152   -13.776 0.367   1.00 14.69 ? 27  TRP B O   1 
ATOM   177  C CB  . TRP A 1 21  ? 6.960   -15.665 0.094   1.00 15.29 ? 27  TRP B CB  1 
ATOM   178  C CG  . TRP A 1 21  ? 6.661   -17.127 0.021   1.00 16.21 ? 27  TRP B CG  1 
ATOM   179  C CD1 . TRP A 1 21  ? 6.079   -17.908 0.982   1.00 17.83 ? 27  TRP B CD1 1 
ATOM   180  C CD2 . TRP A 1 21  ? 6.931   -17.973 -1.100  1.00 18.47 ? 27  TRP B CD2 1 
ATOM   181  N NE1 . TRP A 1 21  ? 5.959   -19.204 0.521   1.00 20.82 ? 27  TRP B NE1 1 
ATOM   182  C CE2 . TRP A 1 21  ? 6.434   -19.254 -0.766  1.00 18.81 ? 27  TRP B CE2 1 
ATOM   183  C CE3 . TRP A 1 21  ? 7.503   -17.748 -2.352  1.00 20.58 ? 27  TRP B CE3 1 
ATOM   184  C CZ2 . TRP A 1 21  ? 6.538   -20.324 -1.664  1.00 21.71 ? 27  TRP B CZ2 1 
ATOM   185  C CZ3 . TRP A 1 21  ? 7.602   -18.806 -3.244  1.00 20.69 ? 27  TRP B CZ3 1 
ATOM   186  C CH2 . TRP A 1 21  ? 7.086   -20.052 -2.903  1.00 22.59 ? 27  TRP B CH2 1 
ATOM   187  N N   . LEU A 1 22  ? 7.885   -12.892 2.026   1.00 14.64 ? 28  LEU B N   1 
ATOM   188  C CA  . LEU A 1 22  ? 8.457   -11.528 1.856   1.00 14.54 ? 28  LEU B CA  1 
ATOM   189  C C   . LEU A 1 22  ? 9.802   -11.403 2.576   1.00 15.05 ? 28  LEU B C   1 
ATOM   190  O O   . LEU A 1 22  ? 9.967   -11.943 3.673   1.00 14.89 ? 28  LEU B O   1 
ATOM   191  C CB  . LEU A 1 22  ? 7.476   -10.457 2.349   1.00 13.21 ? 28  LEU B CB  1 
ATOM   192  C CG  . LEU A 1 22  ? 6.140   -10.402 1.601   1.00 15.22 ? 28  LEU B CG  1 
ATOM   193  C CD1 . LEU A 1 22  ? 5.274   -9.259  2.125   1.00 14.69 ? 28  LEU B CD1 1 
ATOM   194  C CD2 . LEU A 1 22  ? 6.324   -10.232 0.113   1.00 15.59 ? 28  LEU B CD2 1 
ATOM   195  N N   . ILE A 1 23  ? 10.661  -10.581 1.997   1.00 14.39 ? 29  ILE B N   1 
ATOM   196  C CA  . ILE A 1 23  ? 11.973  -10.188 2.567   1.00 15.21 ? 29  ILE B CA  1 
ATOM   197  C C   . ILE A 1 23  ? 11.933  -8.683  2.803   1.00 16.17 ? 29  ILE B C   1 
ATOM   198  O O   . ILE A 1 23  ? 11.880  -7.897  1.813   1.00 15.50 ? 29  ILE B O   1 
ATOM   199  C CB  . ILE A 1 23  ? 13.121  -10.573 1.648   1.00 16.05 ? 29  ILE B CB  1 
ATOM   200  C CG1 . ILE A 1 23  ? 13.133  -12.084 1.305   1.00 17.21 ? 29  ILE B CG1 1 
ATOM   201  C CG2 . ILE A 1 23  ? 14.435  -10.125 2.311   1.00 18.53 ? 29  ILE B CG2 1 
ATOM   202  C CD1 . ILE A 1 23  ? 14.147  -12.480 0.295   1.00 19.34 ? 29  ILE B CD1 1 
ATOM   203  N N   . ILE A 1 24  ? 11.945  -8.326  4.070   1.00 18.13 ? 30  ILE B N   1 
ATOM   204  C CA  . ILE A 1 24  ? 11.973  -6.908  4.510   1.00 18.64 ? 30  ILE B CA  1 
ATOM   205  C C   . ILE A 1 24  ? 13.416  -6.568  4.864   1.00 20.16 ? 30  ILE B C   1 
ATOM   206  O O   . ILE A 1 24  ? 14.078  -7.349  5.634   1.00 20.39 ? 30  ILE B O   1 
ATOM   207  C CB  . ILE A 1 24  ? 11.000  -6.692  5.661   1.00 18.74 ? 30  ILE B CB  1 
ATOM   208  C CG1 . ILE A 1 24  ? 9.572   -6.813  5.160   1.00 21.96 ? 30  ILE B CG1 1 
ATOM   209  C CG2 . ILE A 1 24  ? 11.227  -5.334  6.320   1.00 18.19 ? 30  ILE B CG2 1 
ATOM   210  C CD1 . ILE A 1 24  ? 8.622   -7.029  6.198   1.00 24.81 ? 30  ILE B CD1 1 
ATOM   211  N N   . SER A 1 25  ? 13.882  -5.428  4.389   1.00 18.30 ? 31  SER B N   1 
ATOM   212  C CA  . SER A 1 25  ? 15.271  -4.971  4.612   1.00 18.48 ? 31  SER B CA  1 
ATOM   213  C C   . SER A 1 25  ? 15.498  -4.713  6.109   1.00 18.47 ? 31  SER B C   1 
ATOM   214  O O   . SER A 1 25  ? 14.538  -4.528  6.860   1.00 20.24 ? 31  SER B O   1 
ATOM   215  C CB  . SER A 1 25  ? 15.546  -3.736  3.783   1.00 20.12 ? 31  SER B CB  1 
ATOM   216  O OG  . SER A 1 25  ? 14.650  -2.693  4.160   1.00 19.30 ? 31  SER B OG  1 
ATOM   217  N N   . LYS A 1 26  ? 16.778  -4.673  6.504   1.00 22.21 ? 32  LYS B N   1 
ATOM   218  C CA  . LYS A 1 26  ? 17.208  -4.434  7.905   1.00 22.50 ? 32  LYS B CA  1 
ATOM   219  C C   . LYS A 1 26  ? 16.618  -3.118  8.415   1.00 20.07 ? 32  LYS B C   1 
ATOM   220  O O   . LYS A 1 26  ? 16.179  -3.088  9.571   1.00 23.40 ? 32  LYS B O   1 
ATOM   221  C CB  . LYS A 1 26  ? 18.735  -4.396  7.940   1.00 26.19 ? 32  LYS B CB  1 
ATOM   222  C CG  . LYS A 1 26  ? 19.289  -4.123  9.316   1.00 32.03 ? 32  LYS B CG  1 
ATOM   223  C CD  . LYS A 1 26  ? 20.757  -4.421  9.399   1.00 33.79 ? 32  LYS B CD  1 
ATOM   224  C CE  . LYS A 1 26  ? 21.493  -3.953  8.173   1.00 38.47 ? 32  LYS B CE  1 
ATOM   225  N NZ  . LYS A 1 26  ? 22.938  -4.168  8.373   1.00 44.25 ? 32  LYS B NZ  1 
ATOM   226  N N   . ASP A 1 27  ? 16.560  -2.100  7.556   1.00 21.48 ? 33  ASP B N   1 
ATOM   227  C CA  . ASP A 1 27  ? 16.040  -0.768  7.972   1.00 22.03 ? 33  ASP B CA  1 
ATOM   228  C C   . ASP A 1 27  ? 14.502  -0.737  7.969   1.00 20.05 ? 33  ASP B C   1 
ATOM   229  O O   . ASP A 1 27  ? 13.932  0.329   8.329   1.00 20.04 ? 33  ASP B O   1 
ATOM   230  C CB  . ASP A 1 27  ? 16.654  0.352   7.139   1.00 22.80 ? 33  ASP B CB  1 
ATOM   231  C CG  . ASP A 1 27  ? 16.264  0.381   5.675   1.00 23.82 ? 33  ASP B CG  1 
ATOM   232  O OD1 . ASP A 1 27  ? 15.414  -0.447  5.244   1.00 23.55 ? 33  ASP B OD1 1 
ATOM   233  O OD2 . ASP A 1 27  ? 16.802  1.245   4.984   1.00 28.06 ? 33  ASP B OD2 1 
ATOM   234  N N   . ARG A 1 28  ? 13.855  -1.824  7.555   1.00 18.09 ? 34  ARG B N   1 
ATOM   235  C CA  . ARG A 1 28  ? 12.376  -1.947  7.536   1.00 18.90 ? 34  ARG B CA  1 
ATOM   236  C C   . ARG A 1 28  ? 11.781  -0.883  6.593   1.00 15.58 ? 34  ARG B C   1 
ATOM   237  O O   . ARG A 1 28  ? 10.595  -0.571  6.742   1.00 16.06 ? 34  ARG B O   1 
ATOM   238  C CB  . ARG A 1 28  ? 11.825  -1.937  8.967   1.00 23.64 ? 34  ARG B CB  1 
ATOM   239  C CG  . ARG A 1 28  ? 12.313  -3.151  9.758   1.00 26.86 ? 34  ARG B CG  1 
ATOM   240  C CD  . ARG A 1 28  ? 11.853  -3.252  11.184  1.00 36.17 ? 34  ARG B CD  1 
ATOM   241  N NE  . ARG A 1 28  ? 11.862  -1.996  11.890  1.00 44.95 ? 34  ARG B NE  1 
ATOM   242  C CZ  . ARG A 1 28  ? 10.792  -1.209  12.093  1.00 62.44 ? 34  ARG B CZ  1 
ATOM   243  N NH1 . ARG A 1 28  ? 9.584   -1.536  11.637  1.00 58.39 ? 34  ARG B NH1 1 
ATOM   244  N NH2 . ARG A 1 28  ? 10.945  -0.082  12.779  1.00 67.30 ? 34  ARG B NH2 1 
ATOM   245  N N   . ARG A 1 29  ? 12.507  -0.453  5.580   1.00 15.64 ? 35  ARG B N   1 
ATOM   246  C CA  . ARG A 1 29  ? 12.021  0.512   4.568   1.00 17.03 ? 35  ARG B CA  1 
ATOM   247  C C   . ARG A 1 29  ? 11.813  -0.093  3.176   1.00 16.50 ? 35  ARG B C   1 
ATOM   248  O O   . ARG A 1 29  ? 11.299  0.636   2.284   1.00 16.97 ? 35  ARG B O   1 
ATOM   249  C CB  . ARG A 1 29  ? 12.960  1.724   4.497   1.00 18.32 ? 35  ARG B CB  1 
ATOM   250  C CG  . ARG A 1 29  ? 13.026  2.459   5.828   1.00 20.00 ? 35  ARG B CG  1 
ATOM   251  C CD  . ARG A 1 29  ? 11.955  3.493   6.050   1.00 22.91 ? 35  ARG B CD  1 
ATOM   252  N NE  . ARG A 1 29  ? 12.278  4.675   5.246   1.00 24.83 ? 35  ARG B NE  1 
ATOM   253  C CZ  . ARG A 1 29  ? 11.447  5.689   5.083   1.00 25.07 ? 35  ARG B CZ  1 
ATOM   254  N NH1 . ARG A 1 29  ? 10.284  5.663   5.701   1.00 24.39 ? 35  ARG B NH1 1 
ATOM   255  N NH2 . ARG A 1 29  ? 11.795  6.725   4.339   1.00 25.31 ? 35  ARG B NH2 1 
ATOM   256  N N   . GLN A 1 30  ? 12.229  -1.338  2.924   1.00 14.64 ? 36  GLN B N   1 
ATOM   257  C CA  . GLN A 1 30  ? 12.071  -1.996  1.611   1.00 15.36 ? 36  GLN B CA  1 
ATOM   258  C C   . GLN A 1 30  ? 11.507  -3.396  1.805   1.00 14.60 ? 36  GLN B C   1 
ATOM   259  O O   . GLN A 1 30  ? 11.751  -4.035  2.876   1.00 14.49 ? 36  GLN B O   1 
ATOM   260  C CB  . GLN A 1 30  ? 13.386  -2.151  0.842   1.00 18.00 ? 36  GLN B CB  1 
ATOM   261  C CG  . GLN A 1 30  ? 14.161  -0.871  0.755   1.00 22.56 ? 36  GLN B CG  1 
ATOM   262  C CD  . GLN A 1 30  ? 15.323  -1.027  -0.197  1.00 24.89 ? 36  GLN B CD  1 
ATOM   263  O OE1 . GLN A 1 30  ? 15.367  -1.910  -1.047  1.00 28.02 ? 36  GLN B OE1 1 
ATOM   264  N NE2 . GLN A 1 30  ? 16.278  -0.145  -0.035  1.00 29.85 ? 36  GLN B NE2 1 
ATOM   265  N N   . VAL A 1 31  ? 10.721  -3.832  0.828   1.00 13.00 ? 37  VAL B N   1 
ATOM   266  C CA  . VAL A 1 31  ? 10.157  -5.214  0.879   1.00 13.76 ? 37  VAL B CA  1 
ATOM   267  C C   . VAL A 1 31  ? 10.176  -5.769  -0.540  1.00 14.19 ? 37  VAL B C   1 
ATOM   268  O O   . VAL A 1 31  ? 9.802   -5.057  -1.477  1.00 13.92 ? 37  VAL B O   1 
ATOM   269  C CB  . VAL A 1 31  ? 8.774   -5.254  1.553   1.00 12.87 ? 37  VAL B CB  1 
ATOM   270  C CG1 . VAL A 1 31  ? 7.740   -4.307  0.896   1.00 12.72 ? 37  VAL B CG1 1 
ATOM   271  C CG2 . VAL A 1 31  ? 8.239   -6.680  1.607   1.00 14.24 ? 37  VAL B CG2 1 
ATOM   272  N N   . ARG A 1 32  ? 10.502  -7.036  -0.692  1.00 13.41 ? 38  ARG B N   1 
ATOM   273  C CA  . ARG A 1 32  ? 10.382  -7.721  -1.999  1.00 15.06 ? 38  ARG B CA  1 
ATOM   274  C C   . ARG A 1 32  ? 9.912   -9.152  -1.785  1.00 15.25 ? 38  ARG B C   1 
ATOM   275  O O   . ARG A 1 32  ? 10.041  -9.704  -0.651  1.00 13.99 ? 38  ARG B O   1 
ATOM   276  C CB  . ARG A 1 32  ? 11.699  -7.716  -2.785  1.00 15.44 ? 38  ARG B CB  1 
ATOM   277  C CG  . ARG A 1 32  ? 12.827  -8.527  -2.174  1.00 18.96 ? 38  ARG B CG  1 
ATOM   278  C CD  . ARG A 1 32  ? 14.104  -8.276  -2.971  1.00 22.04 ? 38  ARG B CD  1 
ATOM   279  N NE  . ARG A 1 32  ? 15.175  -9.082  -2.416  1.00 25.55 ? 38  ARG B NE  1 
ATOM   280  C CZ  . ARG A 1 32  ? 15.433  -10.353 -2.679  1.00 24.74 ? 38  ARG B CZ  1 
ATOM   281  N NH1 . ARG A 1 32  ? 14.687  -11.061 -3.501  1.00 28.19 ? 38  ARG B NH1 1 
ATOM   282  N NH2 . ARG A 1 32  ? 16.465  -10.933 -2.066  1.00 31.46 ? 38  ARG B NH2 1 
ATOM   283  N N   A MET A 1 33  ? 9.392   -9.731  -2.862  0.25 15.18 ? 39  MET B N   1 
ATOM   284  N N   B MET A 1 33  ? 9.366   -9.766  -2.831  0.25 16.78 ? 39  MET B N   1 
ATOM   285  C CA  A MET A 1 33  ? 8.995   -11.160 -2.953  0.25 16.29 ? 39  MET B CA  1 
ATOM   286  C CA  B MET A 1 33  ? 8.898   -11.177 -2.757  0.25 18.89 ? 39  MET B CA  1 
ATOM   287  C C   A MET A 1 33  ? 10.266  -12.013 -2.957  0.25 16.67 ? 39  MET B C   1 
ATOM   288  C C   B MET A 1 33  ? 10.078  -12.111 -3.028  0.25 18.39 ? 39  MET B C   1 
ATOM   289  O O   A MET A 1 33  ? 11.175  -11.734 -3.760  0.25 16.60 ? 39  MET B O   1 
ATOM   290  O O   B MET A 1 33  ? 10.651  -12.035 -4.145  0.25 18.14 ? 39  MET B O   1 
ATOM   291  C CB  A MET A 1 33  ? 8.195   -11.395 -4.239  0.25 16.66 ? 39  MET B CB  1 
ATOM   292  C CB  B MET A 1 33  ? 7.785   -11.493 -3.757  0.25 21.74 ? 39  MET B CB  1 
ATOM   293  C CG  A MET A 1 33  ? 7.616   -12.807 -4.375  0.25 17.87 ? 39  MET B CG  1 
ATOM   294  C CG  B MET A 1 33  ? 7.401   -12.981 -3.740  0.25 25.41 ? 39  MET B CG  1 
ATOM   295  S SD  A MET A 1 33  ? 6.638   -13.277 -2.905  0.25 18.17 ? 39  MET B SD  1 
ATOM   296  S SD  B MET A 1 33  ? 5.625   -13.257 -3.960  0.25 29.95 ? 39  MET B SD  1 
ATOM   297  C CE  A MET A 1 33  ? 5.520   -14.513 -3.566  0.25 19.27 ? 39  MET B CE  1 
ATOM   298  C CE  B MET A 1 33  ? 5.468   -14.911 -3.284  0.25 29.50 ? 39  MET B CE  1 
ATOM   299  N N   . GLY A 1 34  ? 10.352  -12.983 -2.053  1.00 17.40 ? 40  GLY B N   1 
ATOM   300  C CA  . GLY A 1 34  ? 11.417  -14.005 -2.097  1.00 18.62 ? 40  GLY B CA  1 
ATOM   301  C C   . GLY A 1 34  ? 11.044  -15.124 -3.066  1.00 18.68 ? 40  GLY B C   1 
ATOM   302  O O   . GLY A 1 34  ? 9.891   -15.192 -3.534  1.00 19.37 ? 40  GLY B O   1 
ATOM   303  N N   . ASP A 1 35  ? 12.023  -15.964 -3.415  1.00 24.12 ? 41  ASP B N   1 
ATOM   304  C CA  . ASP A 1 35  ? 11.735  -17.079 -4.371  1.00 27.89 ? 41  ASP B CA  1 
ATOM   305  C C   . ASP A 1 35  ? 11.276  -18.320 -3.567  1.00 27.77 ? 41  ASP B C   1 
ATOM   306  O O   . ASP A 1 35  ? 10.947  -19.342 -4.210  1.00 27.75 ? 41  ASP B O   1 
ATOM   307  C CB  . ASP A 1 35  ? 12.895  -17.301 -5.365  1.00 36.15 ? 41  ASP B CB  1 
ATOM   308  C CG  . ASP A 1 35  ? 12.966  -16.310 -6.547  1.00 49.08 ? 41  ASP B CG  1 
ATOM   309  O OD1 . ASP A 1 35  ? 11.926  -15.700 -6.896  1.00 54.83 ? 41  ASP B OD1 1 
ATOM   310  O OD2 . ASP A 1 35  ? 14.071  -16.144 -7.147  1.00 50.09 ? 41  ASP B OD2 1 
ATOM   311  N N   . THR A 1 36  ? 11.095  -18.216 -2.242  1.00 22.23 ? 42  THR B N   1 
ATOM   312  C CA  . THR A 1 36  ? 10.681  -19.357 -1.364  1.00 21.62 ? 42  THR B CA  1 
ATOM   313  C C   . THR A 1 36  ? 10.125  -18.839 -0.027  1.00 18.64 ? 42  THR B C   1 
ATOM   314  O O   . THR A 1 36  ? 10.314  -17.624 0.332   1.00 16.68 ? 42  THR B O   1 
ATOM   315  C CB  . THR A 1 36  ? 11.904  -20.267 -1.188  1.00 22.33 ? 42  THR B CB  1 
ATOM   316  O OG1 . THR A 1 36  ? 11.505  -21.471 -0.551  1.00 24.60 ? 42  THR B OG1 1 
ATOM   317  C CG2 . THR A 1 36  ? 12.957  -19.589 -0.340  1.00 23.78 ? 42  THR B CG2 1 
ATOM   318  N N   . HIS A 1 37  ? 9.580   -19.711 0.824   1.00 19.64 ? 43  HIS B N   1 
ATOM   319  C CA  . HIS A 1 37  ? 9.281   -19.423 2.257   1.00 19.61 ? 43  HIS B CA  1 
ATOM   320  C C   . HIS A 1 37  ? 10.523  -18.895 2.975   1.00 19.71 ? 43  HIS B C   1 
ATOM   321  O O   . HIS A 1 37  ? 11.601  -19.530 2.868   1.00 20.97 ? 43  HIS B O   1 
ATOM   322  C CB  . HIS A 1 37  ? 8.663   -20.672 2.915   1.00 19.61 ? 43  HIS B CB  1 
ATOM   323  C CG  . HIS A 1 37  ? 8.134   -20.513 4.301   1.00 17.83 ? 43  HIS B CG  1 
ATOM   324  N ND1 . HIS A 1 37  ? 8.953   -20.304 5.402   1.00 17.54 ? 43  HIS B ND1 1 
ATOM   325  C CD2 . HIS A 1 37  ? 6.869   -20.618 4.762   1.00 17.47 ? 43  HIS B CD2 1 
ATOM   326  C CE1 . HIS A 1 37  ? 8.191   -20.248 6.478   1.00 18.38 ? 43  HIS B CE1 1 
ATOM   327  N NE2 . HIS A 1 37  ? 6.891   -20.444 6.106   1.00 18.37 ? 43  HIS B NE2 1 
ATOM   328  N N   . GLN A 1 38  ? 10.393  -17.793 3.739   1.00 17.44 ? 44  GLN B N   1 
ATOM   329  C CA  . GLN A 1 38  ? 11.544  -17.114 4.369   1.00 17.61 ? 44  GLN B CA  1 
ATOM   330  C C   . GLN A 1 38  ? 11.902  -17.620 5.784   1.00 19.62 ? 44  GLN B C   1 
ATOM   331  O O   . GLN A 1 38  ? 12.653  -16.925 6.512   1.00 20.56 ? 44  GLN B O   1 
ATOM   332  C CB  . GLN A 1 38  ? 11.332  -15.607 4.300   1.00 17.88 ? 44  GLN B CB  1 
ATOM   333  C CG  . GLN A 1 38  ? 11.376  -15.117 2.872   1.00 16.48 ? 44  GLN B CG  1 
ATOM   334  C CD  . GLN A 1 38  ? 12.627  -15.504 2.121   1.00 17.20 ? 44  GLN B CD  1 
ATOM   335  O OE1 . GLN A 1 38  ? 12.593  -16.067 1.016   1.00 19.65 ? 44  GLN B OE1 1 
ATOM   336  N NE2 . GLN A 1 38  ? 13.769  -15.213 2.713   1.00 16.49 ? 44  GLN B NE2 1 
ATOM   337  N N   . ASN A 1 39  ? 11.453  -18.805 6.151   1.00 17.56 ? 45  ASN B N   1 
ATOM   338  C CA  . ASN A 1 39  ? 11.924  -19.520 7.372   1.00 15.71 ? 45  ASN B CA  1 
ATOM   339  C C   . ASN A 1 39  ? 11.464  -18.797 8.641   1.00 18.37 ? 45  ASN B C   1 
ATOM   340  O O   . ASN A 1 39  ? 12.176  -18.831 9.640   1.00 20.89 ? 45  ASN B O   1 
ATOM   341  C CB  . ASN A 1 39  ? 13.435  -19.834 7.304   1.00 17.58 ? 45  ASN B CB  1 
ATOM   342  C CG  . ASN A 1 39  ? 13.800  -20.983 8.239   1.00 17.93 ? 45  ASN B CG  1 
ATOM   343  O OD1 . ASN A 1 39  ? 12.989  -21.882 8.429   1.00 16.38 ? 45  ASN B OD1 1 
ATOM   344  N ND2 . ASN A 1 39  ? 14.990  -20.965 8.847   1.00 17.20 ? 45  ASN B ND2 1 
ATOM   345  N N   . VAL A 1 40  ? 10.243  -18.246 8.632   1.00 19.39 ? 46  VAL B N   1 
ATOM   346  C CA  . VAL A 1 40  ? 9.581   -17.611 9.805   1.00 20.85 ? 46  VAL B CA  1 
ATOM   347  C C   . VAL A 1 40  ? 8.451   -18.525 10.288  1.00 18.99 ? 46  VAL B C   1 
ATOM   348  O O   . VAL A 1 40  ? 7.914   -19.260 9.475   1.00 19.28 ? 46  VAL B O   1 
ATOM   349  C CB  . VAL A 1 40  ? 9.053   -16.220 9.428   1.00 21.01 ? 46  VAL B CB  1 
ATOM   350  C CG1 . VAL A 1 40  ? 10.219  -15.293 9.161   1.00 25.08 ? 46  VAL B CG1 1 
ATOM   351  C CG2 . VAL A 1 40  ? 8.098   -16.247 8.228   1.00 22.40 ? 46  VAL B CG2 1 
ATOM   352  N N   . SER A 1 41  ? 8.080   -18.423 11.557  1.00 21.75 ? 47  SER B N   1 
ATOM   353  C CA  . SER A 1 41  ? 6.876   -19.102 12.088  1.00 22.40 ? 47  SER B CA  1 
ATOM   354  C C   . SER A 1 41  ? 5.600   -18.418 11.587  1.00 22.42 ? 47  SER B C   1 
ATOM   355  O O   . SER A 1 41  ? 5.628   -17.216 11.314  1.00 19.64 ? 47  SER B O   1 
ATOM   356  C CB  . SER A 1 41  ? 6.897   -19.196 13.604  1.00 24.55 ? 47  SER B CB  1 
ATOM   357  O OG  . SER A 1 41  ? 6.952   -17.910 14.193  1.00 26.67 ? 47  SER B OG  1 
ATOM   358  N N   . ASP A 1 42  ? 4.500   -19.167 11.522  1.00 21.71 ? 48  ASP B N   1 
ATOM   359  C CA  . ASP A 1 42  ? 3.161   -18.646 11.163  1.00 21.31 ? 48  ASP B CA  1 
ATOM   360  C C   . ASP A 1 42  ? 2.624   -17.957 12.415  1.00 23.07 ? 48  ASP B C   1 
ATOM   361  O O   . ASP A 1 42  ? 3.104   -18.223 13.553  1.00 23.22 ? 48  ASP B O   1 
ATOM   362  C CB  . ASP A 1 42  ? 2.230   -19.711 10.568  1.00 23.07 ? 48  ASP B CB  1 
ATOM   363  C CG  . ASP A 1 42  ? 1.196   -19.162 9.570   1.00 27.60 ? 48  ASP B CG  1 
ATOM   364  O OD1 . ASP A 1 42  ? 1.117   -17.918 9.429   1.00 19.23 ? 48  ASP B OD1 1 
ATOM   365  O OD2 . ASP A 1 42  ? 0.508   -19.981 8.832   1.00 29.44 ? 48  ASP B OD2 1 
ATOM   366  N N   . ASN A 1 43  ? 1.690   -17.033 12.208  1.00 21.24 ? 49  ASN B N   1 
ATOM   367  C CA  . ASN A 1 43  ? 1.016   -16.286 13.292  1.00 21.89 ? 49  ASN B CA  1 
ATOM   368  C C   . ASN A 1 43  ? -0.302  -15.775 12.712  1.00 23.26 ? 49  ASN B C   1 
ATOM   369  O O   . ASN A 1 43  ? -0.502  -15.849 11.464  1.00 23.48 ? 49  ASN B O   1 
ATOM   370  C CB  . ASN A 1 43  ? 1.933   -15.253 13.926  1.00 20.68 ? 49  ASN B CB  1 
ATOM   371  C CG  . ASN A 1 43  ? 2.207   -14.055 13.044  1.00 20.82 ? 49  ASN B CG  1 
ATOM   372  O OD1 . ASN A 1 43  ? 1.274   -13.458 12.529  1.00 24.47 ? 49  ASN B OD1 1 
ATOM   373  N ND2 . ASN A 1 43  ? 3.452   -13.717 12.866  1.00 20.61 ? 49  ASN B ND2 1 
ATOM   374  N N   . LYS A 1 44  ? -1.193  -15.297 13.569  1.00 21.89 ? 50  LYS B N   1 
ATOM   375  C CA  . LYS A 1 44  ? -2.552  -14.909 13.138  1.00 22.58 ? 50  LYS B CA  1 
ATOM   376  C C   . LYS A 1 44  ? -2.500  -13.551 12.398  1.00 19.75 ? 50  LYS B C   1 
ATOM   377  O O   . LYS A 1 44  ? -3.505  -13.245 11.709  1.00 20.03 ? 50  LYS B O   1 
ATOM   378  C CB  . LYS A 1 44  ? -3.435  -14.785 14.390  1.00 27.57 ? 50  LYS B CB  1 
ATOM   379  C CG  . LYS A 1 44  ? -3.049  -13.598 15.253  1.00 34.08 ? 50  LYS B CG  1 
ATOM   380  C CD  . LYS A 1 44  ? -3.343  -13.734 16.733  1.00 46.60 ? 50  LYS B CD  1 
ATOM   381  C CE  . LYS A 1 44  ? -3.429  -12.382 17.413  1.00 52.54 ? 50  LYS B CE  1 
ATOM   382  N NZ  . LYS A 1 44  ? -4.664  -12.283 18.229  1.00 58.33 ? 50  LYS B NZ  1 
ATOM   383  N N   . GLU A 1 45  ? -1.410  -12.794 12.540  1.00 20.64 ? 51  GLU B N   1 
ATOM   384  C CA  . GLU A 1 45  ? -1.254  -11.468 11.869  1.00 21.88 ? 51  GLU B CA  1 
ATOM   385  C C   . GLU A 1 45  ? -0.903  -11.613 10.379  1.00 19.01 ? 51  GLU B C   1 
ATOM   386  O O   . GLU A 1 45  ? -1.182  -10.670 9.599   1.00 18.50 ? 51  GLU B O   1 
ATOM   387  C CB  . GLU A 1 45  ? -0.161  -10.640 12.519  1.00 25.89 ? 51  GLU B CB  1 
ATOM   388  C CG  . GLU A 1 45  ? -0.466  -10.153 13.925  1.00 33.73 ? 51  GLU B CG  1 
ATOM   389  C CD  . GLU A 1 45  ? 0.622   -9.197  14.399  1.00 42.61 ? 51  GLU B CD  1 
ATOM   390  O OE1 . GLU A 1 45  ? 1.548   -9.662  15.105  1.00 62.60 ? 51  GLU B OE1 1 
ATOM   391  O OE2 . GLU A 1 45  ? 0.592   -8.005  14.022  1.00 55.72 ? 51  GLU B OE2 1 
ATOM   392  N N   . ARG A 1 46  ? -0.210  -12.683 9.973   1.00 16.53 ? 52  ARG B N   1 
ATOM   393  C CA  . ARG A 1 46  ? 0.386   -12.706 8.613   1.00 16.90 ? 52  ARG B CA  1 
ATOM   394  C C   . ARG A 1 46  ? -0.670  -12.819 7.526   1.00 15.67 ? 52  ARG B C   1 
ATOM   395  O O   . ARG A 1 46  ? -1.627  -13.629 7.622   1.00 17.10 ? 52  ARG B O   1 
ATOM   396  C CB  . ARG A 1 46  ? 1.340   -13.893 8.414   1.00 16.37 ? 52  ARG B CB  1 
ATOM   397  C CG  . ARG A 1 46  ? 2.562   -13.890 9.301   1.00 17.27 ? 52  ARG B CG  1 
ATOM   398  C CD  . ARG A 1 46  ? 3.624   -14.855 8.737   1.00 16.16 ? 52  ARG B CD  1 
ATOM   399  N NE  . ARG A 1 46  ? 4.713   -14.899 9.673   1.00 17.50 ? 52  ARG B NE  1 
ATOM   400  C CZ  . ARG A 1 46  ? 5.589   -13.921 9.876   1.00 18.67 ? 52  ARG B CZ  1 
ATOM   401  N NH1 . ARG A 1 46  ? 5.635   -12.836 9.101   1.00 16.92 ? 52  ARG B NH1 1 
ATOM   402  N NH2 . ARG A 1 46  ? 6.472   -14.047 10.850  1.00 21.26 ? 52  ARG B NH2 1 
ATOM   403  N N   . PHE A 1 47  ? -0.558  -12.008 6.484   1.00 14.32 ? 53  PHE B N   1 
ATOM   404  C CA  . PHE A 1 47  ? -1.392  -12.213 5.292   1.00 14.26 ? 53  PHE B CA  1 
ATOM   405  C C   . PHE A 1 47  ? -1.029  -13.560 4.644   1.00 15.89 ? 53  PHE B C   1 
ATOM   406  O O   . PHE A 1 47  ? 0.153   -13.738 4.276   1.00 16.74 ? 53  PHE B O   1 
ATOM   407  C CB  . PHE A 1 47  ? -1.244  -11.087 4.279   1.00 13.56 ? 53  PHE B CB  1 
ATOM   408  C CG  . PHE A 1 47  ? -1.884  -9.800  4.729   1.00 13.42 ? 53  PHE B CG  1 
ATOM   409  C CD1 . PHE A 1 47  ? -3.257  -9.618  4.575   1.00 13.91 ? 53  PHE B CD1 1 
ATOM   410  C CD2 . PHE A 1 47  ? -1.136  -8.777  5.277   1.00 15.36 ? 53  PHE B CD2 1 
ATOM   411  C CE1 . PHE A 1 47  ? -3.872  -8.427  4.969   1.00 15.13 ? 53  PHE B CE1 1 
ATOM   412  C CE2 . PHE A 1 47  ? -1.763  -7.594  5.658   1.00 14.97 ? 53  PHE B CE2 1 
ATOM   413  C CZ  . PHE A 1 47  ? -3.127  -7.438  5.532   1.00 14.14 ? 53  PHE B CZ  1 
ATOM   414  N N   . SER A 1 48  ? -2.005  -14.442 4.498   1.00 16.39 ? 54  SER B N   1 
ATOM   415  C CA  . SER A 1 48  ? -1.739  -15.821 4.004   1.00 18.08 ? 54  SER B CA  1 
ATOM   416  C C   . SER A 1 48  ? -1.796  -15.925 2.478   1.00 17.21 ? 54  SER B C   1 
ATOM   417  O O   . SER A 1 48  ? -0.933  -16.651 1.916   1.00 21.34 ? 54  SER B O   1 
ATOM   418  C CB  . SER A 1 48  ? -2.674  -16.820 4.667   1.00 17.87 ? 54  SER B CB  1 
ATOM   419  O OG  . SER A 1 48  ? -4.010  -16.551 4.357   1.00 18.31 ? 54  SER B OG  1 
ATOM   420  N N   . ASN A 1 49  ? -2.719  -15.297 1.790   1.00 16.33 ? 55  ASN B N   1 
ATOM   421  C CA  . ASN A 1 49  ? -3.033  -15.621 0.378   1.00 17.09 ? 55  ASN B CA  1 
ATOM   422  C C   . ASN A 1 49  ? -2.225  -14.756 -0.585  1.00 17.75 ? 55  ASN B C   1 
ATOM   423  O O   . ASN A 1 49  ? -2.155  -15.097 -1.780  1.00 18.71 ? 55  ASN B O   1 
ATOM   424  C CB  . ASN A 1 49  ? -4.506  -15.521 0.041   1.00 17.95 ? 55  ASN B CB  1 
ATOM   425  C CG  . ASN A 1 49  ? -5.347  -16.658 0.612   1.00 22.24 ? 55  ASN B CG  1 
ATOM   426  O OD1 . ASN A 1 49  ? -5.190  -17.005 1.778   1.00 22.57 ? 55  ASN B OD1 1 
ATOM   427  N ND2 . ASN A 1 49  ? -6.308  -17.168 -0.168  1.00 23.82 ? 55  ASN B ND2 1 
ATOM   428  N N   . TYR A 1 50  ? -1.723  -13.611 -0.114  1.00 15.21 ? 56  TYR B N   1 
ATOM   429  C CA  . TYR A 1 50  ? -1.191  -12.592 -1.037  1.00 14.89 ? 56  TYR B CA  1 
ATOM   430  C C   . TYR A 1 50  ? 0.095   -12.040 -0.466  1.00 14.34 ? 56  TYR B C   1 
ATOM   431  O O   . TYR A 1 50  ? 0.287   -12.023 0.752   1.00 14.72 ? 56  TYR B O   1 
ATOM   432  C CB  . TYR A 1 50  ? -2.204  -11.453 -1.193  1.00 15.06 ? 56  TYR B CB  1 
ATOM   433  C CG  . TYR A 1 50  ? -3.623  -11.876 -1.481  1.00 16.00 ? 56  TYR B CG  1 
ATOM   434  C CD1 . TYR A 1 50  ? -3.967  -12.402 -2.718  1.00 18.68 ? 56  TYR B CD1 1 
ATOM   435  C CD2 . TYR A 1 50  ? -4.615  -11.793 -0.522  1.00 17.54 ? 56  TYR B CD2 1 
ATOM   436  C CE1 . TYR A 1 50  ? -5.269  -12.827 -2.993  1.00 20.65 ? 56  TYR B CE1 1 
ATOM   437  C CE2 . TYR A 1 50  ? -5.905  -12.238 -0.770  1.00 19.79 ? 56  TYR B CE2 1 
ATOM   438  C CZ  . TYR A 1 50  ? -6.242  -12.728 -2.017  1.00 19.57 ? 56  TYR B CZ  1 
ATOM   439  O OH  . TYR A 1 50  ? -7.545  -13.108 -2.235  1.00 19.16 ? 56  TYR B OH  1 
ATOM   440  N N   . PRO A 1 51  ? 0.971   -11.441 -1.301  1.00 13.13 ? 57  PRO B N   1 
ATOM   441  C CA  . PRO A 1 51  ? 2.258   -10.931 -0.830  1.00 12.81 ? 57  PRO B CA  1 
ATOM   442  C C   . PRO A 1 51  ? 2.156   -9.539  -0.164  1.00 13.38 ? 57  PRO B C   1 
ATOM   443  O O   . PRO A 1 51  ? 2.783   -8.594  -0.605  1.00 13.87 ? 57  PRO B O   1 
ATOM   444  C CB  . PRO A 1 51  ? 3.118   -10.866 -2.118  1.00 15.24 ? 57  PRO B CB  1 
ATOM   445  C CG  . PRO A 1 51  ? 2.321   -11.652 -3.142  1.00 14.61 ? 57  PRO B CG  1 
ATOM   446  C CD  . PRO A 1 51  ? 0.903   -11.447 -2.749  1.00 13.85 ? 57  PRO B CD  1 
ATOM   447  N N   . MET A 1 52  ? 1.362   -9.476  0.916   1.00 13.40 ? 58  MET B N   1 
ATOM   448  C CA  . MET A 1 52  ? 1.018   -8.213  1.607   1.00 11.80 ? 58  MET B CA  1 
ATOM   449  C C   . MET A 1 52  ? 1.757   -8.051  2.932   1.00 12.24 ? 58  MET B C   1 
ATOM   450  O O   . MET A 1 52  ? 2.192   -9.035  3.590   1.00 12.45 ? 58  MET B O   1 
ATOM   451  C CB  . MET A 1 52  ? -0.500  -8.165  1.852   1.00 12.05 ? 58  MET B CB  1 
ATOM   452  C CG  . MET A 1 52  ? -1.265  -8.113  0.567   1.00 11.96 ? 58  MET B CG  1 
ATOM   453  S SD  . MET A 1 52  ? -3.035  -8.488  0.878   1.00 14.37 ? 58  MET B SD  1 
ATOM   454  C CE  . MET A 1 52  ? -3.766  -8.292  -0.734  1.00 14.62 ? 58  MET B CE  1 
ATOM   455  N N   . VAL A 1 53  ? 1.902   -6.786  3.358   1.00 12.15 ? 59  VAL B N   1 
ATOM   456  C CA  . VAL A 1 53  ? 2.538   -6.420  4.646   1.00 12.52 ? 59  VAL B CA  1 
ATOM   457  C C   . VAL A 1 53  ? 1.959   -5.053  5.067   1.00 13.62 ? 59  VAL B C   1 
ATOM   458  O O   . VAL A 1 53  ? 1.581   -4.268  4.168   1.00 12.21 ? 59  VAL B O   1 
ATOM   459  C CB  . VAL A 1 53  ? 4.077   -6.429  4.561   1.00 12.44 ? 59  VAL B CB  1 
ATOM   460  C CG1 . VAL A 1 53  ? 4.598   -5.423  3.551   1.00 13.72 ? 59  VAL B CG1 1 
ATOM   461  C CG2 . VAL A 1 53  ? 4.761   -6.205  5.909   1.00 13.81 ? 59  VAL B CG2 1 
ATOM   462  N N   . LEU A 1 54  ? 1.914   -4.794  6.366   1.00 13.50 ? 60  LEU B N   1 
ATOM   463  C CA  . LEU A 1 54  ? 1.456   -3.493  6.918   1.00 13.13 ? 60  LEU B CA  1 
ATOM   464  C C   . LEU A 1 54  ? 2.624   -2.681  7.429   1.00 14.15 ? 60  LEU B C   1 
ATOM   465  O O   . LEU A 1 54  ? 3.667   -3.235  7.898   1.00 14.55 ? 60  LEU B O   1 
ATOM   466  C CB  . LEU A 1 54  ? 0.460   -3.683  8.061   1.00 13.12 ? 60  LEU B CB  1 
ATOM   467  C CG  . LEU A 1 54  ? -0.755  -4.517  7.725   1.00 14.13 ? 60  LEU B CG  1 
ATOM   468  C CD1 . LEU A 1 54  ? -1.776  -4.534  8.838   1.00 15.50 ? 60  LEU B CD1 1 
ATOM   469  C CD2 . LEU A 1 54  ? -1.444  -4.038  6.452   1.00 14.39 ? 60  LEU B CD2 1 
ATOM   470  N N   . GLY A 1 55  ? 2.470   -1.372  7.400   1.00 13.30 ? 61  GLY B N   1 
ATOM   471  C CA  . GLY A 1 55  ? 3.354   -0.489  8.177   1.00 13.50 ? 61  GLY B CA  1 
ATOM   472  C C   . GLY A 1 55  ? 3.135   -0.730  9.666   1.00 13.98 ? 61  GLY B C   1 
ATOM   473  O O   . GLY A 1 55  ? 2.020   -1.088  10.057  1.00 14.97 ? 61  GLY B O   1 
ATOM   474  N N   . ALA A 1 56  ? 4.117   -0.374  10.466  1.00 15.89 ? 62  ALA B N   1 
ATOM   475  C CA  . ALA A 1 56  ? 4.065   -0.491  11.941  1.00 18.56 ? 62  ALA B CA  1 
ATOM   476  C C   . ALA A 1 56  ? 3.208   0.630   12.530  1.00 18.51 ? 62  ALA B C   1 
ATOM   477  O O   . ALA A 1 56  ? 2.570   0.422   13.577  1.00 22.02 ? 62  ALA B O   1 
ATOM   478  C CB  . ALA A 1 56  ? 5.463   -0.417  12.458  1.00 20.53 ? 62  ALA B CB  1 
ATOM   479  N N   . GLN A 1 57  ? 3.196   1.777   11.874  1.00 18.30 ? 63  GLN B N   1 
ATOM   480  C CA  . GLN A 1 57  ? 2.515   2.970   12.418  1.00 17.92 ? 63  GLN B CA  1 
ATOM   481  C C   . GLN A 1 57  ? 1.002   2.759   12.378  1.00 18.85 ? 63  GLN B C   1 
ATOM   482  O O   . GLN A 1 57  ? 0.473   2.178   11.403  1.00 17.91 ? 63  GLN B O   1 
ATOM   483  C CB  . GLN A 1 57  ? 2.965   4.207   11.623  1.00 19.68 ? 63  GLN B CB  1 
ATOM   484  C CG  . GLN A 1 57  ? 4.412   4.626   11.856  1.00 21.94 ? 63  GLN B CG  1 
ATOM   485  C CD  . GLN A 1 57  ? 5.416   3.656   11.248  1.00 21.73 ? 63  GLN B CD  1 
ATOM   486  O OE1 . GLN A 1 57  ? 5.212   3.127   10.157  1.00 19.74 ? 63  GLN B OE1 1 
ATOM   487  N NE2 . GLN A 1 57  ? 6.537   3.433   11.904  1.00 23.72 ? 63  GLN B NE2 1 
ATOM   488  N N   . ARG A 1 58  ? 0.282   3.231   13.417  1.00 18.34 ? 64  ARG B N   1 
ATOM   489  C CA  . ARG A 1 58  ? -1.193  3.278   13.439  1.00 17.91 ? 64  ARG B CA  1 
ATOM   490  C C   . ARG A 1 58  ? -1.633  4.738   13.520  1.00 18.15 ? 64  ARG B C   1 
ATOM   491  O O   . ARG A 1 58  ? -1.028  5.492   14.313  1.00 20.52 ? 64  ARG B O   1 
ATOM   492  C CB  . ARG A 1 58  ? -1.758  2.601   14.697  1.00 24.05 ? 64  ARG B CB  1 
ATOM   493  C CG  . ARG A 1 58  ? -1.778  1.074   14.713  1.00 31.67 ? 64  ARG B CG  1 
ATOM   494  C CD  . ARG A 1 58  ? -0.448  0.433   14.408  1.00 34.56 ? 64  ARG B CD  1 
ATOM   495  N NE  . ARG A 1 58  ? -0.079  -0.932  14.822  1.00 40.62 ? 64  ARG B NE  1 
ATOM   496  C CZ  . ARG A 1 58  ? -0.802  -1.815  15.513  1.00 40.10 ? 64  ARG B CZ  1 
ATOM   497  N NH1 . ARG A 1 58  ? -0.275  -2.997  15.776  1.00 44.26 ? 64  ARG B NH1 1 
ATOM   498  N NH2 . ARG A 1 58  ? -2.026  -1.567  15.933  1.00 46.57 ? 64  ARG B NH2 1 
ATOM   499  N N   . PHE A 1 59  ? -2.609  5.139   12.721  1.00 17.19 ? 65  PHE B N   1 
ATOM   500  C CA  . PHE A 1 59  ? -3.079  6.554   12.665  1.00 17.66 ? 65  PHE B CA  1 
ATOM   501  C C   . PHE A 1 59  ? -4.554  6.582   13.040  1.00 16.52 ? 65  PHE B C   1 
ATOM   502  O O   . PHE A 1 59  ? -5.324  5.840   12.465  1.00 15.37 ? 65  PHE B O   1 
ATOM   503  C CB  . PHE A 1 59  ? -2.881  7.102   11.236  1.00 19.71 ? 65  PHE B CB  1 
ATOM   504  C CG  . PHE A 1 59  ? -1.439  7.051   10.782  1.00 20.51 ? 65  PHE B CG  1 
ATOM   505  C CD1 . PHE A 1 59  ? -0.447  7.649   11.548  1.00 23.26 ? 65  PHE B CD1 1 
ATOM   506  C CD2 . PHE A 1 59  ? -1.076  6.442   9.610   1.00 27.80 ? 65  PHE B CD2 1 
ATOM   507  C CE1 . PHE A 1 59  ? 0.886   7.615   11.174  1.00 27.33 ? 65  PHE B CE1 1 
ATOM   508  C CE2 . PHE A 1 59  ? 0.260   6.430   9.223   1.00 22.89 ? 65  PHE B CE2 1 
ATOM   509  C CZ  . PHE A 1 59  ? 1.224   6.989   10.008  1.00 23.91 ? 65  PHE B CZ  1 
ATOM   510  N N   A SER A 1 60  ? -4.951  7.442   13.988  0.25 16.19 ? 66  SER B N   1 
ATOM   511  N N   B SER A 1 60  ? -4.937  7.439   13.996  0.25 16.97 ? 66  SER B N   1 
ATOM   512  C CA  A SER A 1 60  ? -6.369  7.597   14.408  0.25 16.37 ? 66  SER B CA  1 
ATOM   513  C CA  B SER A 1 60  ? -6.344  7.625   14.445  0.25 17.78 ? 66  SER B CA  1 
ATOM   514  C C   A SER A 1 60  ? -6.794  9.075   14.342  0.25 16.57 ? 66  SER B C   1 
ATOM   515  C C   B SER A 1 60  ? -6.702  9.115   14.487  0.25 18.44 ? 66  SER B C   1 
ATOM   516  O O   A SER A 1 60  ? -7.983  9.367   14.593  0.25 16.00 ? 66  SER B O   1 
ATOM   517  O O   B SER A 1 60  ? -7.727  9.462   15.105  0.25 18.70 ? 66  SER B O   1 
ATOM   518  C CB  A SER A 1 60  ? -6.585  6.977   15.772  0.25 16.59 ? 66  SER B CB  1 
ATOM   519  C CB  B SER A 1 60  ? -6.555  7.005   15.791  0.25 18.01 ? 66  SER B CB  1 
ATOM   520  O OG  A SER A 1 60  ? -6.600  5.548   15.670  0.25 16.54 ? 66  SER B OG  1 
ATOM   521  O OG  B SER A 1 60  ? -5.692  7.605   16.731  0.25 18.15 ? 66  SER B OG  1 
ATOM   522  N N   A SER A 1 61  ? -5.876  9.963   13.945  0.25 16.13 ? 67  SER B N   1 
ATOM   523  N N   B SER A 1 61  ? -5.890  9.962   13.854  0.25 18.47 ? 67  SER B N   1 
ATOM   524  C CA  A SER A 1 61  ? -6.120  11.421  13.820  0.25 17.12 ? 67  SER B CA  1 
ATOM   525  C CA  B SER A 1 61  ? -6.094  11.426  13.834  0.25 19.81 ? 67  SER B CA  1 
ATOM   526  C C   A SER A 1 61  ? -5.132  12.029  12.822  0.25 17.79 ? 67  SER B C   1 
ATOM   527  C C   B SER A 1 61  ? -5.047  12.089  12.943  0.25 19.37 ? 67  SER B C   1 
ATOM   528  O O   A SER A 1 61  ? -4.200  11.332  12.417  0.25 17.91 ? 67  SER B O   1 
ATOM   529  O O   B SER A 1 61  ? -3.951  11.522  12.804  0.25 18.45 ? 67  SER B O   1 
ATOM   530  C CB  A SER A 1 61  ? -6.003  12.082  15.171  0.25 16.98 ? 67  SER B CB  1 
ATOM   531  C CB  B SER A 1 61  ? -6.023  11.978  15.231  0.25 20.86 ? 67  SER B CB  1 
ATOM   532  O OG  A SER A 1 61  ? -4.658  12.082  15.607  0.25 16.02 ? 67  SER B OG  1 
ATOM   533  O OG  B SER A 1 61  ? -6.281  13.370  15.210  0.25 22.98 ? 67  SER B OG  1 
ATOM   534  N N   . GLY A 1 62  ? -5.349  13.291  12.448  1.00 19.50 ? 68  GLY B N   1 
ATOM   535  C CA  . GLY A 1 62  ? -4.315  14.102  11.788  1.00 20.45 ? 68  GLY B CA  1 
ATOM   536  C C   . GLY A 1 62  ? -4.220  13.858  10.288  1.00 18.24 ? 68  GLY B C   1 
ATOM   537  O O   . GLY A 1 62  ? -5.055  13.152  9.703   1.00 18.06 ? 68  GLY B O   1 
ATOM   538  N N   . LYS A 1 63  ? -3.212  14.491  9.736   1.00 17.73 ? 69  LYS B N   1 
ATOM   539  C CA  . LYS A 1 63  ? -2.857  14.434  8.314   1.00 17.76 ? 69  LYS B CA  1 
ATOM   540  C C   . LYS A 1 63  ? -1.490  13.768  8.235   1.00 17.77 ? 69  LYS B C   1 
ATOM   541  O O   . LYS A 1 63  ? -0.581  14.160  8.970   1.00 19.52 ? 69  LYS B O   1 
ATOM   542  C CB  . LYS A 1 63  ? -2.889  15.835  7.711   1.00 18.91 ? 69  LYS B CB  1 
ATOM   543  C CG  . LYS A 1 63  ? -4.236  16.543  7.758   1.00 20.44 ? 69  LYS B CG  1 
ATOM   544  C CD  . LYS A 1 63  ? -4.148  18.030  7.322   1.00 24.62 ? 69  LYS B CD  1 
ATOM   545  C CE  . LYS A 1 63  ? -5.484  18.734  7.428   1.00 28.99 ? 69  LYS B CE  1 
ATOM   546  N NZ  . LYS A 1 63  ? -5.424  20.070  6.795   1.00 32.85 ? 69  LYS B NZ  1 
ATOM   547  N N   . MET A 1 64  ? -1.346  12.799  7.320   1.00 16.67 ? 70  MET B N   1 
ATOM   548  C CA  . MET A 1 64  ? -0.126  11.979  7.158   1.00 16.34 ? 70  MET B CA  1 
ATOM   549  C C   . MET A 1 64  ? 0.184   11.842  5.668   1.00 14.77 ? 70  MET B C   1 
ATOM   550  O O   . MET A 1 64  ? -0.737  11.752  4.863   1.00 16.41 ? 70  MET B O   1 
ATOM   551  C CB  . MET A 1 64  ? -0.363  10.571  7.675   1.00 16.72 ? 70  MET B CB  1 
ATOM   552  C CG  . MET A 1 64  ? -0.418  10.404  9.170   1.00 17.99 ? 70  MET B CG  1 
ATOM   553  S SD  . MET A 1 64  ? -1.856  11.044  10.069  1.00 20.39 ? 70  MET B SD  1 
ATOM   554  C CE  . MET A 1 64  ? -3.235  10.252  9.259   1.00 19.32 ? 70  MET B CE  1 
ATOM   555  N N   . TYR A 1 65  ? 1.444   11.855  5.311   1.00 14.17 ? 71  TYR B N   1 
ATOM   556  C CA  . TYR A 1 65  ? 1.904   11.774  3.900   1.00 14.64 ? 71  TYR B CA  1 
ATOM   557  C C   . TYR A 1 65  ? 3.145   10.895  3.869   1.00 15.94 ? 71  TYR B C   1 
ATOM   558  O O   . TYR A 1 65  ? 4.071   11.048  4.730   1.00 17.63 ? 71  TYR B O   1 
ATOM   559  C CB  . TYR A 1 65  ? 2.203   13.165  3.333   1.00 17.86 ? 71  TYR B CB  1 
ATOM   560  C CG  . TYR A 1 65  ? 2.686   13.159  1.906   1.00 16.67 ? 71  TYR B CG  1 
ATOM   561  C CD1 . TYR A 1 65  ? 1.790   12.999  0.866   1.00 17.18 ? 71  TYR B CD1 1 
ATOM   562  C CD2 . TYR A 1 65  ? 4.041   13.234  1.614   1.00 16.71 ? 71  TYR B CD2 1 
ATOM   563  C CE1 . TYR A 1 65  ? 2.214   12.958  -0.459  1.00 17.65 ? 71  TYR B CE1 1 
ATOM   564  C CE2 . TYR A 1 65  ? 4.483   13.197  0.304   1.00 16.96 ? 71  TYR B CE2 1 
ATOM   565  C CZ  . TYR A 1 65  ? 3.579   13.053  -0.728  1.00 17.46 ? 71  TYR B CZ  1 
ATOM   566  O OH  . TYR A 1 65  ? 4.098   13.008  -1.991  1.00 19.98 ? 71  TYR B OH  1 
ATOM   567  N N   . TRP A 1 66  ? 3.194   9.978   2.914   1.00 14.09 ? 72  TRP B N   1 
ATOM   568  C CA  . TRP A 1 66  ? 4.434   9.217   2.637   1.00 14.44 ? 72  TRP B CA  1 
ATOM   569  C C   . TRP A 1 66  ? 4.526   8.875   1.143   1.00 14.73 ? 72  TRP B C   1 
ATOM   570  O O   . TRP A 1 66  ? 3.532   9.039   0.404   1.00 14.95 ? 72  TRP B O   1 
ATOM   571  C CB  . TRP A 1 66  ? 4.542   7.969   3.542   1.00 14.33 ? 72  TRP B CB  1 
ATOM   572  C CG  . TRP A 1 66  ? 3.493   6.922   3.347   1.00 13.68 ? 72  TRP B CG  1 
ATOM   573  C CD1 . TRP A 1 66  ? 3.576   5.782   2.566   1.00 14.24 ? 72  TRP B CD1 1 
ATOM   574  C CD2 . TRP A 1 66  ? 2.194   6.874   3.951   1.00 14.10 ? 72  TRP B CD2 1 
ATOM   575  N NE1 . TRP A 1 66  ? 2.423   5.039   2.698   1.00 13.72 ? 72  TRP B NE1 1 
ATOM   576  C CE2 . TRP A 1 66  ? 1.549   5.694   3.517   1.00 14.22 ? 72  TRP B CE2 1 
ATOM   577  C CE3 . TRP A 1 66  ? 1.512   7.719   4.836   1.00 18.16 ? 72  TRP B CE3 1 
ATOM   578  C CZ2 . TRP A 1 66  ? 0.272   5.335   3.935   1.00 15.79 ? 72  TRP B CZ2 1 
ATOM   579  C CZ3 . TRP A 1 66  ? 0.238   7.382   5.229   1.00 19.07 ? 72  TRP B CZ3 1 
ATOM   580  C CH2 . TRP A 1 66  ? -0.366  6.205   4.798   1.00 17.33 ? 72  TRP B CH2 1 
ATOM   581  N N   . GLU A 1 67  ? 5.709   8.427   0.702   1.00 14.92 ? 73  GLU B N   1 
ATOM   582  C CA  . GLU A 1 67  ? 6.008   8.143   -0.729  1.00 14.24 ? 73  GLU B CA  1 
ATOM   583  C C   . GLU A 1 67  ? 6.586   6.748   -0.853  1.00 15.02 ? 73  GLU B C   1 
ATOM   584  O O   . GLU A 1 67  ? 7.349   6.333   0.016   1.00 14.98 ? 73  GLU B O   1 
ATOM   585  C CB  . GLU A 1 67  ? 6.946   9.190   -1.326  1.00 16.20 ? 73  GLU B CB  1 
ATOM   586  C CG  . GLU A 1 67  ? 6.249   10.550  -1.440  1.00 19.91 ? 73  GLU B CG  1 
ATOM   587  C CD  . GLU A 1 67  ? 7.077   11.662  -2.056  1.00 24.57 ? 73  GLU B CD  1 
ATOM   588  O OE1 . GLU A 1 67  ? 8.270   11.368  -2.350  1.00 26.76 ? 73  GLU B OE1 1 
ATOM   589  O OE2 . GLU A 1 67  ? 6.521   12.805  -2.294  1.00 21.90 ? 73  GLU B OE2 1 
ATOM   590  N N   . VAL A 1 68  ? 6.179   6.054   -1.904  1.00 14.42 ? 74  VAL B N   1 
ATOM   591  C CA  . VAL A 1 68  ? 6.632   4.684   -2.187  1.00 13.67 ? 74  VAL B CA  1 
ATOM   592  C C   . VAL A 1 68  ? 7.200   4.625   -3.608  1.00 13.23 ? 74  VAL B C   1 
ATOM   593  O O   . VAL A 1 68  ? 6.530   5.071   -4.562  1.00 14.06 ? 74  VAL B O   1 
ATOM   594  C CB  . VAL A 1 68  ? 5.485   3.670   -2.026  1.00 14.07 ? 74  VAL B CB  1 
ATOM   595  C CG1 . VAL A 1 68  ? 6.036   2.252   -2.183  1.00 16.28 ? 74  VAL B CG1 1 
ATOM   596  C CG2 . VAL A 1 68  ? 4.745   3.876   -0.715  1.00 16.02 ? 74  VAL B CG2 1 
ATOM   597  N N   . ASP A 1 69  ? 8.355   3.974   -3.767  1.00 13.46 ? 75  ASP B N   1 
ATOM   598  C CA  . ASP A 1 69  ? 9.019   3.726   -5.067  1.00 14.89 ? 75  ASP B CA  1 
ATOM   599  C C   . ASP A 1 69  ? 8.504   2.399   -5.615  1.00 13.56 ? 75  ASP B C   1 
ATOM   600  O O   . ASP A 1 69  ? 8.508   1.393   -4.846  1.00 14.11 ? 75  ASP B O   1 
ATOM   601  C CB  . ASP A 1 69  ? 10.539  3.717   -4.901  1.00 16.97 ? 75  ASP B CB  1 
ATOM   602  C CG  . ASP A 1 69  ? 11.279  3.812   -6.219  1.00 20.67 ? 75  ASP B CG  1 
ATOM   603  O OD1 . ASP A 1 69  ? 11.081  2.948   -7.047  1.00 19.79 ? 75  ASP B OD1 1 
ATOM   604  O OD2 . ASP A 1 69  ? 11.897  4.868   -6.461  1.00 27.06 ? 75  ASP B OD2 1 
ATOM   605  N N   . VAL A 1 70  ? 7.996   2.414   -6.846  1.00 13.26 ? 76  VAL B N   1 
ATOM   606  C CA  . VAL A 1 70  ? 7.420   1.256   -7.571  1.00 14.92 ? 76  VAL B CA  1 
ATOM   607  C C   . VAL A 1 70  ? 8.208   0.976   -8.866  1.00 14.19 ? 76  VAL B C   1 
ATOM   608  O O   . VAL A 1 70  ? 7.697   0.286   -9.742  1.00 14.08 ? 76  VAL B O   1 
ATOM   609  C CB  . VAL A 1 70  ? 5.905   1.457   -7.831  1.00 13.81 ? 76  VAL B CB  1 
ATOM   610  C CG1 . VAL A 1 70  ? 5.147   1.642   -6.485  1.00 13.61 ? 76  VAL B CG1 1 
ATOM   611  C CG2 . VAL A 1 70  ? 5.611   2.616   -8.773  1.00 14.24 ? 76  VAL B CG2 1 
ATOM   612  N N   . THR A 1 71  ? 9.409   1.545   -9.008  1.00 14.95 ? 77  THR B N   1 
ATOM   613  C CA  . THR A 1 71  ? 10.214  1.420   -10.232 1.00 16.19 ? 77  THR B CA  1 
ATOM   614  C C   . THR A 1 71  ? 10.274  -0.040  -10.714 1.00 16.71 ? 77  THR B C   1 
ATOM   615  O O   . THR A 1 71  ? 10.638  -0.949  -9.928  1.00 15.64 ? 77  THR B O   1 
ATOM   616  C CB  . THR A 1 71  ? 11.622  1.954   -10.024 1.00 16.52 ? 77  THR B CB  1 
ATOM   617  O OG1 . THR A 1 71  ? 11.563  3.341   -9.680  1.00 19.09 ? 77  THR B OG1 1 
ATOM   618  C CG2 . THR A 1 71  ? 12.401  1.724   -11.293 1.00 17.73 ? 77  THR B CG2 1 
ATOM   619  N N   . GLN A 1 72  ? 9.940   -0.262  -11.991 0.76 18.32 ? 78  GLN B N   1 
ATOM   620  C CA  . GLN A 1 72  ? 10.064  -1.533  -12.763 0.76 19.54 ? 78  GLN B CA  1 
ATOM   621  C C   . GLN A 1 72  ? 9.192   -2.667  -12.218 0.76 20.16 ? 78  GLN B C   1 
ATOM   622  O O   . GLN A 1 72  ? 9.438   -3.845  -12.563 0.76 19.41 ? 78  GLN B O   1 
ATOM   623  C CB  . GLN A 1 72  ? 11.532  -1.926  -12.855 0.76 22.85 ? 78  GLN B CB  1 
ATOM   624  C CG  . GLN A 1 72  ? 12.219  -1.165  -13.976 0.76 23.98 ? 78  GLN B CG  1 
ATOM   625  C CD  . GLN A 1 72  ? 11.614  -1.485  -15.322 0.76 24.91 ? 78  GLN B CD  1 
ATOM   626  O OE1 . GLN A 1 72  ? 10.961  -0.653  -15.945 0.76 27.66 ? 78  GLN B OE1 1 
ATOM   627  N NE2 . GLN A 1 72  ? 11.790  -2.715  -15.761 0.76 25.28 ? 78  GLN B NE2 1 
ATOM   628  N N   . LYS A 1 73  ? 8.192   -2.357  -11.406 1.00 16.36 ? 79  LYS B N   1 
ATOM   629  C CA  . LYS A 1 73  ? 7.215   -3.387  -11.032 1.00 15.96 ? 79  LYS B CA  1 
ATOM   630  C C   . LYS A 1 73  ? 6.086   -3.456  -12.073 1.00 14.79 ? 79  LYS B C   1 
ATOM   631  O O   . LYS A 1 73  ? 5.663   -2.393  -12.665 1.00 17.13 ? 79  LYS B O   1 
ATOM   632  C CB  . LYS A 1 73  ? 6.688   -3.116  -9.629  1.00 15.80 ? 79  LYS B CB  1 
ATOM   633  C CG  . LYS A 1 73  ? 7.759   -3.240  -8.544  1.00 16.22 ? 79  LYS B CG  1 
ATOM   634  C CD  . LYS A 1 73  ? 7.207   -3.270  -7.139  1.00 16.18 ? 79  LYS B CD  1 
ATOM   635  C CE  . LYS A 1 73  ? 6.327   -4.474  -6.863  1.00 15.18 ? 79  LYS B CE  1 
ATOM   636  N NZ  . LYS A 1 73  ? 7.022   -5.769  -7.137  1.00 14.48 ? 79  LYS B NZ  1 
ATOM   637  N N   . GLU A 1 74  ? 5.616   -4.666  -12.323 1.00 13.47 ? 80  GLU B N   1 
ATOM   638  C CA  . GLU A 1 74  ? 4.475   -4.976  -13.207 1.00 14.02 ? 80  GLU B CA  1 
ATOM   639  C C   . GLU A 1 74  ? 3.154   -4.991  -12.435 1.00 13.58 ? 80  GLU B C   1 
ATOM   640  O O   . GLU A 1 74  ? 2.085   -4.950  -13.037 1.00 14.06 ? 80  GLU B O   1 
ATOM   641  C CB  . GLU A 1 74  ? 4.666   -6.356  -13.864 1.00 15.05 ? 80  GLU B CB  1 
ATOM   642  C CG  . GLU A 1 74  ? 5.848   -6.422  -14.789 1.00 17.33 ? 80  GLU B CG  1 
ATOM   643  C CD  . GLU A 1 74  ? 6.045   -7.838  -15.348 1.00 17.63 ? 80  GLU B CD  1 
ATOM   644  O OE1 . GLU A 1 74  ? 6.794   -7.939  -16.363 1.00 21.02 ? 80  GLU B OE1 1 
ATOM   645  O OE2 . GLU A 1 74  ? 5.424   -8.812  -14.786 1.00 20.18 ? 80  GLU B OE2 1 
ATOM   646  N N   . ALA A 1 75  ? 3.207   -5.198  -11.121 1.00 13.26 ? 81  ALA B N   1 
ATOM   647  C CA  . ALA A 1 75  ? 1.989   -5.396  -10.328 1.00 13.13 ? 81  ALA B CA  1 
ATOM   648  C C   . ALA A 1 75  ? 2.284   -4.996  -8.889  1.00 14.04 ? 81  ALA B C   1 
ATOM   649  O O   . ALA A 1 75  ? 3.340   -5.360  -8.350  1.00 12.91 ? 81  ALA B O   1 
ATOM   650  C CB  . ALA A 1 75  ? 1.480   -6.818  -10.404 1.00 14.03 ? 81  ALA B CB  1 
ATOM   651  N N   . TRP A 1 76  ? 1.325   -4.327  -8.268  1.00 12.66 ? 82  TRP B N   1 
ATOM   652  C CA  . TRP A 1 76  ? 1.414   -3.914  -6.832  1.00 12.60 ? 82  TRP B CA  1 
ATOM   653  C C   . TRP A 1 76  ? 0.089   -3.317  -6.420  1.00 12.17 ? 82  TRP B C   1 
ATOM   654  O O   . TRP A 1 76  ? -0.684  -2.899  -7.278  1.00 12.34 ? 82  TRP B O   1 
ATOM   655  C CB  . TRP A 1 76  ? 2.560   -2.915  -6.614  1.00 13.34 ? 82  TRP B CB  1 
ATOM   656  C CG  . TRP A 1 76  ? 2.624   -1.729  -7.542  1.00 13.20 ? 82  TRP B CG  1 
ATOM   657  C CD1 . TRP A 1 76  ? 3.432   -1.576  -8.619  1.00 14.40 ? 82  TRP B CD1 1 
ATOM   658  C CD2 . TRP A 1 76  ? 1.809   -0.530  -7.528  1.00 13.68 ? 82  TRP B CD2 1 
ATOM   659  N NE1 . TRP A 1 76  ? 3.217   -0.396  -9.262  1.00 14.45 ? 82  TRP B NE1 1 
ATOM   660  C CE2 . TRP A 1 76  ? 2.186   0.259   -8.625  1.00 14.31 ? 82  TRP B CE2 1 
ATOM   661  C CE3 . TRP A 1 76  ? 0.777   -0.056  -6.696  1.00 14.45 ? 82  TRP B CE3 1 
ATOM   662  C CZ2 . TRP A 1 76  ? 1.650   1.508   -8.903  1.00 13.35 ? 82  TRP B CZ2 1 
ATOM   663  C CZ3 . TRP A 1 76  ? 0.217   1.176   -6.974  1.00 13.71 ? 82  TRP B CZ3 1 
ATOM   664  C CH2 . TRP A 1 76  ? 0.631   1.936   -8.086  1.00 15.06 ? 82  TRP B CH2 1 
ATOM   665  N N   . ASP A 1 77  ? -0.151  -3.291  -5.102  1.00 12.18 ? 83  ASP B N   1 
ATOM   666  C CA  . ASP A 1 77  ? -1.269  -2.532  -4.477  1.00 12.29 ? 83  ASP B CA  1 
ATOM   667  C C   . ASP A 1 77  ? -0.638  -1.607  -3.426  1.00 12.12 ? 83  ASP B C   1 
ATOM   668  O O   . ASP A 1 77  ? 0.267   -2.055  -2.711  1.00 11.89 ? 83  ASP B O   1 
ATOM   669  C CB  . ASP A 1 77  ? -2.308  -3.452  -3.828  1.00 13.63 ? 83  ASP B CB  1 
ATOM   670  C CG  . ASP A 1 77  ? -2.752  -4.710  -4.564  1.00 16.61 ? 83  ASP B CG  1 
ATOM   671  O OD1 . ASP A 1 77  ? -2.858  -4.658  -5.768  1.00 20.68 ? 83  ASP B OD1 1 
ATOM   672  O OD2 . ASP A 1 77  ? -3.008  -5.726  -3.882  1.00 17.70 ? 83  ASP B OD2 1 
ATOM   673  N N   . LEU A 1 78  ? -1.147  -0.387  -3.263  1.00 11.13 ? 84  LEU B N   1 
ATOM   674  C CA  . LEU A 1 78  ? -0.701  0.558   -2.225  1.00 11.08 ? 84  LEU B CA  1 
ATOM   675  C C   . LEU A 1 78  ? -1.913  1.291   -1.653  1.00 11.43 ? 84  LEU B C   1 
ATOM   676  O O   . LEU A 1 78  ? -2.833  1.658   -2.386  1.00 11.27 ? 84  LEU B O   1 
ATOM   677  C CB  . LEU A 1 78  ? 0.267   1.587   -2.787  1.00 12.03 ? 84  LEU B CB  1 
ATOM   678  C CG  . LEU A 1 78  ? 1.639   1.081   -3.194  1.00 13.35 ? 84  LEU B CG  1 
ATOM   679  C CD1 . LEU A 1 78  ? 2.344   2.201   -3.949  1.00 14.35 ? 84  LEU B CD1 1 
ATOM   680  C CD2 . LEU A 1 78  ? 2.393   0.645   -1.970  1.00 13.93 ? 84  LEU B CD2 1 
ATOM   681  N N   . GLY A 1 79  ? -1.796  1.602   -0.378  1.00 10.49 ? 85  GLY B N   1 
ATOM   682  C CA  . GLY A 1 79  ? -2.721  2.558   0.253   1.00 11.83 ? 85  GLY B CA  1 
ATOM   683  C C   . GLY A 1 79  ? -2.691  2.442   1.764   1.00 11.06 ? 85  GLY B C   1 
ATOM   684  O O   . GLY A 1 79  ? -1.627  2.404   2.345   1.00 11.49 ? 85  GLY B O   1 
ATOM   685  N N   A VAL A 1 80  ? -3.879  2.479   2.371   0.25 10.96 ? 86  VAL B N   1 
ATOM   686  N N   B VAL A 1 80  ? -3.871  2.381   2.366   0.25 11.20 ? 86  VAL B N   1 
ATOM   687  C CA  A VAL A 1 80  ? -4.092  2.295   3.834   0.25 11.46 ? 86  VAL B CA  1 
ATOM   688  C CA  B VAL A 1 80  ? -4.029  2.316   3.839   0.25 11.83 ? 86  VAL B CA  1 
ATOM   689  C C   A VAL A 1 80  ? -5.171  1.244   4.051   0.25 11.77 ? 86  VAL B C   1 
ATOM   690  C C   B VAL A 1 80  ? -5.233  1.417   4.134   0.25 11.83 ? 86  VAL B C   1 
ATOM   691  O O   A VAL A 1 80  ? -5.973  0.954   3.138   0.25 11.97 ? 86  VAL B O   1 
ATOM   692  O O   B VAL A 1 80  ? -6.156  1.347   3.307   0.25 11.63 ? 86  VAL B O   1 
ATOM   693  C CB  A VAL A 1 80  ? -4.507  3.592   4.555   0.25 11.76 ? 86  VAL B CB  1 
ATOM   694  C CB  B VAL A 1 80  ? -4.171  3.742   4.406   0.25 12.69 ? 86  VAL B CB  1 
ATOM   695  C CG1 A VAL A 1 80  ? -3.342  4.553   4.667   0.25 11.64 ? 86  VAL B CG1 1 
ATOM   696  C CG1 B VAL A 1 80  ? -5.513  4.353   4.061   0.25 12.93 ? 86  VAL B CG1 1 
ATOM   697  C CG2 A VAL A 1 80  ? -5.702  4.253   3.896   0.25 12.10 ? 86  VAL B CG2 1 
ATOM   698  C CG2 B VAL A 1 80  ? -3.930  3.795   5.901   0.25 13.17 ? 86  VAL B CG2 1 
ATOM   699  N N   . CYS A 1 81  ? -5.215  0.714   5.263   1.00 11.25 ? 87  CYS B N   1 
ATOM   700  C CA  . CYS A 1 81  ? -6.310  -0.168  5.638   1.00 12.54 ? 87  CYS B CA  1 
ATOM   701  C C   . CYS A 1 81  ? -6.565  -0.080  7.134   1.00 12.61 ? 87  CYS B C   1 
ATOM   702  O O   . CYS A 1 81  ? -5.717  0.417   7.904   1.00 13.10 ? 87  CYS B O   1 
ATOM   703  C CB  . CYS A 1 81  ? -6.009  -1.603  5.242   1.00 13.80 ? 87  CYS B CB  1 
ATOM   704  S SG  . CYS A 1 81  ? -4.602  -2.349  6.112   1.00 14.97 ? 87  CYS B SG  1 
ATOM   705  N N   A ARG A 1 82  ? -7.730  -0.560  7.533   0.25 13.08 ? 88  ARG B N   1 
ATOM   706  N N   B ARG A 1 82  ? -7.739  -0.532  7.542   0.25 12.19 ? 88  ARG B N   1 
ATOM   707  C CA  A ARG A 1 82  ? -8.071  -0.722  8.966   0.25 14.20 ? 88  ARG B CA  1 
ATOM   708  C CA  B ARG A 1 82  ? -8.104  -0.631  8.979   0.25 12.67 ? 88  ARG B CA  1 
ATOM   709  C C   A ARG A 1 82  ? -7.069  -1.662  9.631   0.25 13.83 ? 88  ARG B C   1 
ATOM   710  C C   B ARG A 1 82  ? -7.193  -1.673  9.654   0.25 13.08 ? 88  ARG B C   1 
ATOM   711  O O   A ARG A 1 82  ? -6.617  -2.630  9.002   0.25 13.32 ? 88  ARG B O   1 
ATOM   712  O O   B ARG A 1 82  ? -6.913  -2.722  9.034   0.25 12.75 ? 88  ARG B O   1 
ATOM   713  C CB  A ARG A 1 82  ? -9.475  -1.297  9.117   0.25 15.62 ? 88  ARG B CB  1 
ATOM   714  C CB  B ARG A 1 82  ? -9.594  -0.973  9.091   0.25 12.69 ? 88  ARG B CB  1 
ATOM   715  C CG  A ARG A 1 82  ? -10.548 -0.312  8.705   0.25 16.56 ? 88  ARG B CG  1 
ATOM   716  C CG  B ARG A 1 82  ? -10.174 -0.779  10.485  0.25 12.34 ? 88  ARG B CG  1 
ATOM   717  C CD  A ARG A 1 82  ? -11.930 -0.881  8.921   0.25 18.38 ? 88  ARG B CD  1 
ATOM   718  C CD  B ARG A 1 82  ? -11.624 -1.185  10.578  0.25 12.22 ? 88  ARG B CD  1 
ATOM   719  N NE  A ARG A 1 82  ? -12.921 -0.012  8.310   0.25 17.91 ? 88  ARG B NE  1 
ATOM   720  N NE  B ARG A 1 82  ? -12.453 -0.440  9.656   0.25 12.14 ? 88  ARG B NE  1 
ATOM   721  C CZ  A ARG A 1 82  ? -14.023 -0.452  7.731   0.25 18.03 ? 88  ARG B CZ  1 
ATOM   722  C CZ  B ARG A 1 82  ? -13.208 -0.987  8.704   0.25 11.79 ? 88  ARG B CZ  1 
ATOM   723  N NH1 A ARG A 1 82  ? -14.253 -1.751  7.663   0.25 17.23 ? 88  ARG B NH1 1 
ATOM   724  N NH1 B ARG A 1 82  ? -13.282 -2.292  8.584   0.25 13.20 ? 88  ARG B NH1 1 
ATOM   725  N NH2 A ARG A 1 82  ? -14.880 0.404   7.204   0.25 19.74 ? 88  ARG B NH2 1 
ATOM   726  N NH2 B ARG A 1 82  ? -13.895 -0.216  7.881   0.25 11.67 ? 88  ARG B NH2 1 
ATOM   727  N N   . ASP A 1 83  ? -6.778  -1.422  10.902  1.00 14.52 ? 89  ASP B N   1 
ATOM   728  C CA  . ASP A 1 83  ? -5.909  -2.360  11.649  1.00 15.63 ? 89  ASP B CA  1 
ATOM   729  C C   . ASP A 1 83  ? -6.590  -3.725  11.705  1.00 17.39 ? 89  ASP B C   1 
ATOM   730  O O   . ASP A 1 83  ? -5.879  -4.731  11.783  1.00 20.23 ? 89  ASP B O   1 
ATOM   731  C CB  . ASP A 1 83  ? -5.631  -1.800  13.044  1.00 18.59 ? 89  ASP B CB  1 
ATOM   732  C CG  . ASP A 1 83  ? -6.827  -1.568  13.928  1.00 21.86 ? 89  ASP B CG  1 
ATOM   733  O OD1 . ASP A 1 83  ? -8.016  -1.645  13.463  1.00 23.64 ? 89  ASP B OD1 1 
ATOM   734  O OD2 . ASP A 1 83  ? -6.554  -1.304  15.142  1.00 25.27 ? 89  ASP B OD2 1 
ATOM   735  N N   . SER A 1 84  ? -7.918  -3.792  11.652  1.00 15.43 ? 90  SER B N   1 
ATOM   736  C CA  . SER A 1 84  ? -8.679  -5.052  11.862  1.00 17.68 ? 90  SER B CA  1 
ATOM   737  C C   . SER A 1 84  ? -9.025  -5.785  10.556  1.00 16.26 ? 90  SER B C   1 
ATOM   738  O O   . SER A 1 84  ? -9.880  -6.675  10.589  1.00 16.43 ? 90  SER B O   1 
ATOM   739  C CB  . SER A 1 84  ? -9.922  -4.766  12.685  1.00 18.69 ? 90  SER B CB  1 
ATOM   740  O OG  . SER A 1 84  ? -10.706 -3.783  12.091  1.00 20.38 ? 90  SER B OG  1 
ATOM   741  N N   . VAL A 1 85  ? -8.414  -5.447  9.410   1.00 14.93 ? 91  VAL B N   1 
ATOM   742  C CA  . VAL A 1 85  ? -8.698  -6.184  8.161   1.00 15.50 ? 91  VAL B CA  1 
ATOM   743  C C   . VAL A 1 85  ? -8.401  -7.680  8.352   1.00 14.71 ? 91  VAL B C   1 
ATOM   744  O O   . VAL A 1 85  ? -7.456  -8.039  9.072   1.00 15.11 ? 91  VAL B O   1 
ATOM   745  C CB  . VAL A 1 85  ? -7.976  -5.611  6.926   1.00 14.44 ? 91  VAL B CB  1 
ATOM   746  C CG1 . VAL A 1 85  ? -8.480  -4.223  6.589   1.00 14.81 ? 91  VAL B CG1 1 
ATOM   747  C CG2 . VAL A 1 85  ? -6.476  -5.624  7.002   1.00 14.49 ? 91  VAL B CG2 1 
ATOM   748  N N   . GLN A 1 86  ? -9.175  -8.462  7.625   1.00 17.17 ? 92  GLN B N   1 
ATOM   749  C CA  . GLN A 1 86  ? -8.996  -9.937  7.474   1.00 18.83 ? 92  GLN B CA  1 
ATOM   750  C C   . GLN A 1 86  ? -7.573  -10.205 6.963   1.00 17.40 ? 92  GLN B C   1 
ATOM   751  O O   . GLN A 1 86  ? -7.138  -9.521  6.029   1.00 17.12 ? 92  GLN B O   1 
ATOM   752  C CB  . GLN A 1 86  ? -10.101 -10.439 6.533   1.00 21.41 ? 92  GLN B CB  1 
ATOM   753  C CG  . GLN A 1 86  ? -9.960  -11.875 6.029   1.00 24.66 ? 92  GLN B CG  1 
ATOM   754  C CD  . GLN A 1 86  ? -10.972 -12.216 4.947   1.00 28.27 ? 92  GLN B CD  1 
ATOM   755  O OE1 . GLN A 1 86  ? -11.912 -11.446 4.646   1.00 29.90 ? 92  GLN B OE1 1 
ATOM   756  N NE2 . GLN A 1 86  ? -10.805 -13.388 4.324   1.00 29.99 ? 92  GLN B NE2 1 
ATOM   757  N N   . ARG A 1 87  ? -6.900  -11.199 7.535   1.00 15.94 ? 93  ARG B N   1 
ATOM   758  C CA  . ARG A 1 87  ? -5.503  -11.584 7.180   1.00 15.00 ? 93  ARG B CA  1 
ATOM   759  C C   . ARG A 1 87  ? -5.534  -12.899 6.392   1.00 16.10 ? 93  ARG B C   1 
ATOM   760  O O   . ARG A 1 87  ? -4.613  -13.076 5.589   1.00 15.54 ? 93  ARG B O   1 
ATOM   761  C CB  . ARG A 1 87  ? -4.558  -11.705 8.380   1.00 15.34 ? 93  ARG B CB  1 
ATOM   762  C CG  . ARG A 1 87  ? -4.564  -10.493 9.306   1.00 15.24 ? 93  ARG B CG  1 
ATOM   763  C CD  . ARG A 1 87  ? -4.220  -9.199  8.587   1.00 16.21 ? 93  ARG B CD  1 
ATOM   764  N NE  . ARG A 1 87  ? -4.437  -8.057  9.506   1.00 17.90 ? 93  ARG B NE  1 
ATOM   765  C CZ  . ARG A 1 87  ? -3.556  -7.607  10.389  1.00 18.16 ? 93  ARG B CZ  1 
ATOM   766  N NH1 . ARG A 1 87  ? -2.358  -8.154  10.503  1.00 19.12 ? 93  ARG B NH1 1 
ATOM   767  N NH2 . ARG A 1 87  ? -3.891  -6.607  11.182  1.00 20.01 ? 93  ARG B NH2 1 
ATOM   768  N N   . LYS A 1 88  ? -6.498  -13.793 6.649   1.00 15.78 ? 94  LYS B N   1 
ATOM   769  C CA  . LYS A 1 88  ? -6.435  -15.182 6.140   1.00 16.28 ? 94  LYS B CA  1 
ATOM   770  C C   . LYS A 1 88  ? -7.480  -15.399 5.060   1.00 18.21 ? 94  LYS B C   1 
ATOM   771  O O   . LYS A 1 88  ? -8.589  -14.843 5.193   1.00 20.25 ? 94  LYS B O   1 
ATOM   772  C CB  . LYS A 1 88  ? -6.653  -16.165 7.290   1.00 18.24 ? 94  LYS B CB  1 
ATOM   773  C CG  . LYS A 1 88  ? -5.726  -15.986 8.478   1.00 18.42 ? 94  LYS B CG  1 
ATOM   774  C CD  . LYS A 1 88  ? -4.241  -15.990 8.144   1.00 18.98 ? 94  LYS B CD  1 
ATOM   775  C CE  . LYS A 1 88  ? -3.418  -15.977 9.400   1.00 18.46 ? 94  LYS B CE  1 
ATOM   776  N NZ  . LYS A 1 88  ? -1.969  -15.987 9.132   1.00 20.95 ? 94  LYS B NZ  1 
ATOM   777  N N   . GLY A 1 89  ? -7.161  -16.188 4.043   1.00 18.05 ? 95  GLY B N   1 
ATOM   778  C CA  . GLY A 1 89  ? -8.139  -16.521 3.003   1.00 19.33 ? 95  GLY B CA  1 
ATOM   779  C C   . GLY A 1 89  ? -8.249  -15.483 1.911   1.00 19.79 ? 95  GLY B C   1 
ATOM   780  O O   . GLY A 1 89  ? -7.395  -14.538 1.872   1.00 20.34 ? 95  GLY B O   1 
ATOM   781  N N   . GLN A 1 90  ? -9.252  -15.635 1.067   1.00 19.39 ? 96  GLN B N   1 
ATOM   782  C CA  . GLN A 1 90  ? -9.443  -14.769 -0.111  1.00 21.12 ? 96  GLN B CA  1 
ATOM   783  C C   . GLN A 1 90  ? -10.326 -13.594 0.272   1.00 19.77 ? 96  GLN B C   1 
ATOM   784  O O   . GLN A 1 90  ? -11.198 -13.736 1.162   1.00 20.59 ? 96  GLN B O   1 
ATOM   785  C CB  . GLN A 1 90  ? -10.061 -15.562 -1.265  1.00 25.08 ? 96  GLN B CB  1 
ATOM   786  C CG  . GLN A 1 90  ? -9.168  -16.680 -1.759  1.00 31.13 ? 96  GLN B CG  1 
ATOM   787  C CD  . GLN A 1 90  ? -10.036 -17.679 -2.474  1.00 41.87 ? 96  GLN B CD  1 
ATOM   788  O OE1 . GLN A 1 90  ? -10.594 -17.380 -3.530  1.00 49.01 ? 96  GLN B OE1 1 
ATOM   789  N NE2 . GLN A 1 90  ? -10.201 -18.848 -1.872  1.00 43.69 ? 96  GLN B NE2 1 
ATOM   790  N N   . PHE A 1 91  ? -10.023 -12.426 -0.277  1.00 17.44 ? 97  PHE B N   1 
ATOM   791  C CA  . PHE A 1 91  ? -10.836 -11.212 -0.065  1.00 18.28 ? 97  PHE B CA  1 
ATOM   792  C C   . PHE A 1 91  ? -10.518 -10.200 -1.152  1.00 18.33 ? 97  PHE B C   1 
ATOM   793  O O   . PHE A 1 91  ? -9.456  -10.259 -1.792  1.00 19.37 ? 97  PHE B O   1 
ATOM   794  C CB  . PHE A 1 91  ? -10.563 -10.602 1.314   1.00 18.82 ? 97  PHE B CB  1 
ATOM   795  C CG  . PHE A 1 91  ? -9.121  -10.274 1.565   1.00 18.51 ? 97  PHE B CG  1 
ATOM   796  C CD1 . PHE A 1 91  ? -8.596  -9.062  1.155   1.00 19.97 ? 97  PHE B CD1 1 
ATOM   797  C CD2 . PHE A 1 91  ? -8.317  -11.134 2.294   1.00 19.15 ? 97  PHE B CD2 1 
ATOM   798  C CE1 . PHE A 1 91  ? -7.276  -8.744  1.410   1.00 18.53 ? 97  PHE B CE1 1 
ATOM   799  C CE2 . PHE A 1 91  ? -7.003  -10.798 2.580   1.00 18.44 ? 97  PHE B CE2 1 
ATOM   800  C CZ  . PHE A 1 91  ? -6.494  -9.602  2.141   1.00 18.67 ? 97  PHE B CZ  1 
ATOM   801  N N   A SER A 1 92  ? -11.446 -9.278  -1.399  0.25 19.08 ? 98  SER B N   1 
ATOM   802  N N   B SER A 1 92  ? -11.450 -9.265  -1.342  0.25 18.16 ? 98  SER B N   1 
ATOM   803  C CA  A SER A 1 92  ? -11.243 -8.164  -2.358  0.25 19.81 ? 98  SER B CA  1 
ATOM   804  C CA  B SER A 1 92  ? -11.343 -8.136  -2.296  0.25 18.33 ? 98  SER B CA  1 
ATOM   805  C C   A SER A 1 92  ? -10.787 -6.917  -1.603  0.25 18.23 ? 98  SER B C   1 
ATOM   806  C C   B SER A 1 92  ? -10.801 -6.896  -1.580  0.25 17.39 ? 98  SER B C   1 
ATOM   807  O O   A SER A 1 92  ? -11.169 -6.742  -0.421  0.25 18.35 ? 98  SER B O   1 
ATOM   808  O O   B SER A 1 92  ? -11.135 -6.701  -0.386  0.25 17.52 ? 98  SER B O   1 
ATOM   809  C CB  A SER A 1 92  ? -12.483 -7.876  -3.147  0.25 22.77 ? 98  SER B CB  1 
ATOM   810  C CB  B SER A 1 92  ? -12.680 -7.846  -2.928  0.25 19.74 ? 98  SER B CB  1 
ATOM   811  O OG  A SER A 1 92  ? -13.614 -7.913  -2.300  0.25 25.32 ? 98  SER B OG  1 
ATOM   812  O OG  B SER A 1 92  ? -13.004 -8.859  -3.876  0.25 20.64 ? 98  SER B OG  1 
ATOM   813  N N   . LEU A 1 93  ? -10.008 -6.081  -2.283  1.00 16.95 ? 99  LEU B N   1 
ATOM   814  C CA  . LEU A 1 93  ? -9.591  -4.767  -1.742  1.00 16.84 ? 99  LEU B CA  1 
ATOM   815  C C   . LEU A 1 93  ? -10.713 -3.776  -2.010  1.00 16.90 ? 99  LEU B C   1 
ATOM   816  O O   . LEU A 1 93  ? -10.910 -3.350  -3.150  1.00 18.45 ? 99  LEU B O   1 
ATOM   817  C CB  . LEU A 1 93  ? -8.286  -4.278  -2.360  1.00 16.49 ? 99  LEU B CB  1 
ATOM   818  C CG  . LEU A 1 93  ? -7.059  -5.135  -2.099  1.00 18.50 ? 99  LEU B CG  1 
ATOM   819  C CD1 . LEU A 1 93  ? -5.862  -4.582  -2.856  1.00 18.90 ? 99  LEU B CD1 1 
ATOM   820  C CD2 . LEU A 1 93  ? -6.735  -5.265  -0.624  1.00 19.52 ? 99  LEU B CD2 1 
ATOM   821  N N   . SER A 1 94  ? -11.469 -3.379  -0.990  1.00 16.20 ? 100 SER B N   1 
ATOM   822  C CA  . SER A 1 94  ? -12.600 -2.448  -1.135  1.00 15.57 ? 100 SER B CA  1 
ATOM   823  C C   . SER A 1 94  ? -12.773 -1.717  0.178   1.00 13.83 ? 100 SER B C   1 
ATOM   824  O O   . SER A 1 94  ? -12.416 -2.267  1.226   1.00 14.47 ? 100 SER B O   1 
ATOM   825  C CB  . SER A 1 94  ? -13.896 -3.144  -1.464  1.00 17.92 ? 100 SER B CB  1 
ATOM   826  O OG  . SER A 1 94  ? -14.285 -3.979  -0.389  1.00 20.85 ? 100 SER B OG  1 
ATOM   827  N N   . PRO A 1 95  ? -13.353 -0.516  0.167   1.00 14.17 ? 101 PRO B N   1 
ATOM   828  C CA  . PRO A 1 95  ? -13.672 0.170   1.416   1.00 14.98 ? 101 PRO B CA  1 
ATOM   829  C C   . PRO A 1 95  ? -14.591 -0.633  2.341   1.00 15.07 ? 101 PRO B C   1 
ATOM   830  O O   . PRO A 1 95  ? -14.379 -0.600  3.574   1.00 14.97 ? 101 PRO B O   1 
ATOM   831  C CB  . PRO A 1 95  ? -14.321 1.483   0.946   1.00 16.67 ? 101 PRO B CB  1 
ATOM   832  C CG  . PRO A 1 95  ? -13.659 1.731   -0.405  1.00 16.51 ? 101 PRO B CG  1 
ATOM   833  C CD  . PRO A 1 95  ? -13.578 0.338   -1.004  1.00 15.76 ? 101 PRO B CD  1 
ATOM   834  N N   . GLU A 1 96  ? -15.505 -1.408  1.761   1.00 16.61 ? 102 GLU B N   1 
ATOM   835  C CA  . GLU A 1 96  ? -16.411 -2.308  2.552   1.00 21.15 ? 102 GLU B CA  1 
ATOM   836  C C   . GLU A 1 96  ? -15.591 -3.298  3.380   1.00 19.44 ? 102 GLU B C   1 
ATOM   837  O O   . GLU A 1 96  ? -15.988 -3.620  4.537   1.00 20.49 ? 102 GLU B O   1 
ATOM   838  C CB  . GLU A 1 96  ? -17.413 -3.032  1.648   1.00 24.84 ? 102 GLU B CB  1 
ATOM   839  C CG  . GLU A 1 96  ? -18.187 -2.069  0.776   1.00 35.63 ? 102 GLU B CG  1 
ATOM   840  C CD  . GLU A 1 96  ? -17.673 -1.928  -0.654  1.00 41.85 ? 102 GLU B CD  1 
ATOM   841  O OE1 . GLU A 1 96  ? -16.842 -0.991  -0.932  1.00 28.43 ? 102 GLU B OE1 1 
ATOM   842  O OE2 . GLU A 1 96  ? -18.144 -2.746  -1.507  1.00 50.63 ? 102 GLU B OE2 1 
ATOM   843  N N   . ASN A 1 97  ? -14.439 -3.763  2.873   1.00 17.13 ? 103 ASN B N   1 
ATOM   844  C CA  . ASN A 1 97  ? -13.541 -4.687  3.605   1.00 16.53 ? 103 ASN B CA  1 
ATOM   845  C C   . ASN A 1 97  ? -12.444 -3.943  4.370   1.00 15.89 ? 103 ASN B C   1 
ATOM   846  O O   . ASN A 1 97  ? -11.615 -4.620  4.981   1.00 17.29 ? 103 ASN B O   1 
ATOM   847  C CB  . ASN A 1 97  ? -12.894 -5.718  2.657   1.00 17.40 ? 103 ASN B CB  1 
ATOM   848  C CG  . ASN A 1 97  ? -13.878 -6.737  2.134   1.00 21.03 ? 103 ASN B CG  1 
ATOM   849  O OD1 . ASN A 1 97  ? -14.918 -6.982  2.768   1.00 21.77 ? 103 ASN B OD1 1 
ATOM   850  N ND2 . ASN A 1 97  ? -13.589 -7.316  0.971   1.00 22.63 ? 103 ASN B ND2 1 
ATOM   851  N N   . GLY A 1 98  ? -12.459 -2.612  4.430   1.00 14.19 ? 104 GLY B N   1 
ATOM   852  C CA  . GLY A 1 98  ? -11.474 -1.858  5.213   1.00 13.54 ? 104 GLY B CA  1 
ATOM   853  C C   . GLY A 1 98  ? -10.209 -1.461  4.476   1.00 13.58 ? 104 GLY B C   1 
ATOM   854  O O   . GLY A 1 98  ? -9.241  -1.186  5.146   1.00 14.10 ? 104 GLY B O   1 
ATOM   855  N N   . PHE A 1 99  ? -10.249 -1.333  3.139   1.00 13.49 ? 105 PHE B N   1 
ATOM   856  C CA  . PHE A 1 99  ? -9.051  -0.951  2.333   1.00 12.65 ? 105 PHE B CA  1 
ATOM   857  C C   . PHE A 1 99  ? -9.335  0.268   1.450   1.00 11.97 ? 105 PHE B C   1 
ATOM   858  O O   . PHE A 1 99  ? -10.398 0.278   0.776   1.00 13.53 ? 105 PHE B O   1 
ATOM   859  C CB  . PHE A 1 99  ? -8.618  -2.090  1.395   1.00 12.91 ? 105 PHE B CB  1 
ATOM   860  C CG  . PHE A 1 99  ? -8.224  -3.369  2.099   1.00 12.15 ? 105 PHE B CG  1 
ATOM   861  C CD1 . PHE A 1 99  ? -9.177  -4.329  2.381   1.00 12.56 ? 105 PHE B CD1 1 
ATOM   862  C CD2 . PHE A 1 99  ? -6.910  -3.618  2.440   1.00 12.65 ? 105 PHE B CD2 1 
ATOM   863  C CE1 . PHE A 1 99  ? -8.843  -5.493  3.046   1.00 13.27 ? 105 PHE B CE1 1 
ATOM   864  C CE2 . PHE A 1 99  ? -6.557  -4.815  3.043   1.00 13.69 ? 105 PHE B CE2 1 
ATOM   865  C CZ  . PHE A 1 99  ? -7.522  -5.751  3.325   1.00 12.91 ? 105 PHE B CZ  1 
ATOM   866  N N   . TRP A 1 100 ? -8.376  1.193   1.384   1.00 11.55 ? 106 TRP B N   1 
ATOM   867  C CA  . TRP A 1 100 ? -8.407  2.390   0.502   1.00 11.10 ? 106 TRP B CA  1 
ATOM   868  C C   . TRP A 1 100 ? -7.108  2.376   -0.299  1.00 10.37 ? 106 TRP B C   1 
ATOM   869  O O   . TRP A 1 100 ? -6.021  2.737   0.234   1.00 11.06 ? 106 TRP B O   1 
ATOM   870  C CB  . TRP A 1 100 ? -8.617  3.668   1.331   1.00 11.64 ? 106 TRP B CB  1 
ATOM   871  C CG  . TRP A 1 100 ? -9.951  3.661   2.018   1.00 11.75 ? 106 TRP B CG  1 
ATOM   872  C CD1 . TRP A 1 100 ? -11.134 4.194   1.573   1.00 13.37 ? 106 TRP B CD1 1 
ATOM   873  C CD2 . TRP A 1 100 ? -10.239 3.077   3.313   1.00 12.88 ? 106 TRP B CD2 1 
ATOM   874  N NE1 . TRP A 1 100 ? -12.141 3.909   2.474   1.00 13.61 ? 106 TRP B NE1 1 
ATOM   875  C CE2 . TRP A 1 100 ? -11.608 3.273   3.559   1.00 13.37 ? 106 TRP B CE2 1 
ATOM   876  C CE3 . TRP A 1 100 ? -9.454  2.445   4.276   1.00 12.78 ? 106 TRP B CE3 1 
ATOM   877  C CZ2 . TRP A 1 100 ? -12.220 2.781   4.727   1.00 14.50 ? 106 TRP B CZ2 1 
ATOM   878  C CZ3 . TRP A 1 100 ? -10.052 1.980   5.423   1.00 13.98 ? 106 TRP B CZ3 1 
ATOM   879  C CH2 . TRP A 1 100 ? -11.412 2.150   5.642   1.00 13.94 ? 106 TRP B CH2 1 
ATOM   880  N N   . THR A 1 101 ? -7.201  1.814   -1.515  1.00 11.31 ? 107 THR B N   1 
ATOM   881  C CA  . THR A 1 101 ? -5.994  1.375   -2.264  1.00 11.35 ? 107 THR B CA  1 
ATOM   882  C C   . THR A 1 101 ? -6.140  1.733   -3.749  1.00 11.67 ? 107 THR B C   1 
ATOM   883  O O   . THR A 1 101 ? -7.259  1.848   -4.262  1.00 11.75 ? 107 THR B O   1 
ATOM   884  C CB  . THR A 1 101 ? -5.738  -0.129  -2.138  1.00 12.03 ? 107 THR B CB  1 
ATOM   885  O OG1 . THR A 1 101 ? -6.820  -0.856  -2.709  1.00 12.79 ? 107 THR B OG1 1 
ATOM   886  C CG2 . THR A 1 101 ? -5.518  -0.517  -0.695  1.00 12.22 ? 107 THR B CG2 1 
ATOM   887  N N   . ILE A 1 102 ? -4.985  1.778   -4.402  1.00 11.30 ? 108 ILE B N   1 
ATOM   888  C CA  . ILE A 1 102 ? -4.886  1.739   -5.884  1.00 11.57 ? 108 ILE B CA  1 
ATOM   889  C C   . ILE A 1 102 ? -3.918  0.606   -6.238  1.00 11.82 ? 108 ILE B C   1 
ATOM   890  O O   . ILE A 1 102 ? -3.166  0.136   -5.366  1.00 11.57 ? 108 ILE B O   1 
ATOM   891  C CB  . ILE A 1 102 ? -4.449  3.084   -6.502  1.00 12.77 ? 108 ILE B CB  1 
ATOM   892  C CG1 . ILE A 1 102 ? -3.009  3.467   -6.165  1.00 12.71 ? 108 ILE B CG1 1 
ATOM   893  C CG2 . ILE A 1 102 ? -5.420  4.190   -6.100  1.00 14.12 ? 108 ILE B CG2 1 
ATOM   894  C CD1 . ILE A 1 102 ? -2.448  4.632   -6.931  1.00 13.72 ? 108 ILE B CD1 1 
ATOM   895  N N   . TRP A 1 103 ? -3.932  0.251   -7.500  1.00 12.37 ? 109 TRP B N   1 
ATOM   896  C CA  . TRP A 1 103 ? -3.025  -0.813  -7.975  1.00 12.30 ? 109 TRP B CA  1 
ATOM   897  C C   . TRP A 1 103 ? -2.681  -0.683  -9.429  1.00 12.09 ? 109 TRP B C   1 
ATOM   898  O O   . TRP A 1 103 ? -3.377  -0.027  -10.196 1.00 12.51 ? 109 TRP B O   1 
ATOM   899  C CB  . TRP A 1 103 ? -3.594  -2.167  -7.684  1.00 15.70 ? 109 TRP B CB  1 
ATOM   900  C CG  . TRP A 1 103 ? -4.865  -2.522  -8.375  1.00 17.97 ? 109 TRP B CG  1 
ATOM   901  C CD1 . TRP A 1 103 ? -5.030  -2.912  -9.679  1.00 17.57 ? 109 TRP B CD1 1 
ATOM   902  C CD2 . TRP A 1 103 ? -6.117  -2.708  -7.729  1.00 18.51 ? 109 TRP B CD2 1 
ATOM   903  N NE1 . TRP A 1 103 ? -6.319  -3.295  -9.891  1.00 22.12 ? 109 TRP B NE1 1 
ATOM   904  C CE2 . TRP A 1 103 ? -6.997  -3.226  -8.707  1.00 20.28 ? 109 TRP B CE2 1 
ATOM   905  C CE3 . TRP A 1 103 ? -6.546  -2.545  -6.413  1.00 19.98 ? 109 TRP B CE3 1 
ATOM   906  C CZ2 . TRP A 1 103 ? -8.323  -3.497  -8.410  1.00 24.53 ? 109 TRP B CZ2 1 
ATOM   907  C CZ3 . TRP A 1 103 ? -7.847  -2.869  -6.122  1.00 21.16 ? 109 TRP B CZ3 1 
ATOM   908  C CH2 . TRP A 1 103 ? -8.712  -3.330  -7.101  1.00 20.80 ? 109 TRP B CH2 1 
ATOM   909  N N   . LEU A 1 104 ? -1.586  -1.401  -9.778  1.00 12.86 ? 110 LEU B N   1 
ATOM   910  C CA  . LEU A 1 104 ? -1.211  -1.682  -11.162 1.00 12.30 ? 110 LEU B CA  1 
ATOM   911  C C   . LEU A 1 104 ? -1.393  -3.184  -11.405 1.00 12.48 ? 110 LEU B C   1 
ATOM   912  O O   . LEU A 1 104 ? -0.947  -3.987  -10.594 1.00 12.88 ? 110 LEU B O   1 
ATOM   913  C CB  . LEU A 1 104 ? 0.251   -1.286  -11.373 1.00 12.44 ? 110 LEU B CB  1 
ATOM   914  C CG  . LEU A 1 104 ? 0.901   -1.692  -12.707 1.00 13.30 ? 110 LEU B CG  1 
ATOM   915  C CD1 . LEU A 1 104 ? 0.202   -1.055  -13.908 1.00 14.56 ? 110 LEU B CD1 1 
ATOM   916  C CD2 . LEU A 1 104 ? 2.383   -1.417  -12.724 1.00 14.49 ? 110 LEU B CD2 1 
ATOM   917  N N   . TRP A 1 105 ? -1.984  -3.527  -12.550 1.00 14.14 ? 111 TRP B N   1 
ATOM   918  C CA  . TRP A 1 105 ? -2.182  -4.931  -12.944 1.00 15.76 ? 111 TRP B CA  1 
ATOM   919  C C   . TRP A 1 105 ? -2.356  -4.997  -14.455 1.00 17.23 ? 111 TRP B C   1 
ATOM   920  O O   . TRP A 1 105 ? -3.206  -4.256  -14.970 1.00 16.18 ? 111 TRP B O   1 
ATOM   921  C CB  . TRP A 1 105 ? -3.420  -5.444  -12.217 1.00 20.37 ? 111 TRP B CB  1 
ATOM   922  C CG  . TRP A 1 105 ? -3.881  -6.767  -12.689 1.00 23.85 ? 111 TRP B CG  1 
ATOM   923  C CD1 . TRP A 1 105 ? -4.973  -7.080  -13.457 1.00 24.28 ? 111 TRP B CD1 1 
ATOM   924  C CD2 . TRP A 1 105 ? -3.202  -7.985  -12.413 1.00 24.33 ? 111 TRP B CD2 1 
ATOM   925  N NE1 . TRP A 1 105 ? -5.005  -8.427  -13.669 1.00 24.84 ? 111 TRP B NE1 1 
ATOM   926  C CE2 . TRP A 1 105 ? -3.953  -9.009  -13.019 1.00 22.01 ? 111 TRP B CE2 1 
ATOM   927  C CE3 . TRP A 1 105 ? -2.051  -8.297  -11.704 1.00 24.06 ? 111 TRP B CE3 1 
ATOM   928  C CZ2 . TRP A 1 105 ? -3.579  -10.335 -12.934 1.00 27.61 ? 111 TRP B CZ2 1 
ATOM   929  C CZ3 . TRP A 1 105 ? -1.664  -9.609  -11.635 1.00 28.85 ? 111 TRP B CZ3 1 
ATOM   930  C CH2 . TRP A 1 105 ? -2.417  -10.610 -12.248 1.00 28.48 ? 111 TRP B CH2 1 
ATOM   931  N N   . GLN A 1 106 ? -1.480  -5.753  -15.136 1.00 16.35 ? 112 GLN B N   1 
ATOM   932  C CA  . GLN A 1 106 ? -1.635  -5.946  -16.610 1.00 17.22 ? 112 GLN B CA  1 
ATOM   933  C C   . GLN A 1 106 ? -1.722  -4.617  -17.325 1.00 17.71 ? 112 GLN B C   1 
ATOM   934  O O   . GLN A 1 106 ? -2.633  -4.425  -18.204 1.00 19.85 ? 112 GLN B O   1 
ATOM   935  C CB  . GLN A 1 106 ? -2.823  -6.871  -16.877 1.00 19.63 ? 112 GLN B CB  1 
ATOM   936  C CG  . GLN A 1 106 ? -2.589  -8.270  -16.311 1.00 20.74 ? 112 GLN B CG  1 
ATOM   937  C CD  . GLN A 1 106 ? -3.565  -9.337  -16.746 1.00 22.73 ? 112 GLN B CD  1 
ATOM   938  O OE1 . GLN A 1 106 ? -3.376  -10.536 -16.472 1.00 25.82 ? 112 GLN B OE1 1 
ATOM   939  N NE2 . GLN A 1 106 ? -4.637  -8.924  -17.383 1.00 20.84 ? 112 GLN B NE2 1 
ATOM   940  N N   . ASP A 1 107 ? -0.767  -3.747  -17.066 1.00 18.06 ? 113 ASP B N   1 
ATOM   941  C CA  . ASP A 1 107 ? -0.608  -2.480  -17.799 1.00 24.50 ? 113 ASP B CA  1 
ATOM   942  C C   . ASP A 1 107 ? -1.783  -1.518  -17.586 1.00 23.54 ? 113 ASP B C   1 
ATOM   943  O O   . ASP A 1 107 ? -1.814  -0.509  -18.316 1.00 29.95 ? 113 ASP B O   1 
ATOM   944  C CB  . ASP A 1 107 ? -0.535  -2.784  -19.302 1.00 28.55 ? 113 ASP B CB  1 
ATOM   945  C CG  . ASP A 1 107 ? 0.430   -1.912  -20.056 1.00 39.03 ? 113 ASP B CG  1 
ATOM   946  O OD1 . ASP A 1 107 ? 1.272   -1.247  -19.398 1.00 46.82 ? 113 ASP B OD1 1 
ATOM   947  O OD2 . ASP A 1 107 ? 0.337   -1.921  -21.316 1.00 60.12 ? 113 ASP B OD2 1 
ATOM   948  N N   . SER A 1 108 ? -2.665  -1.744  -16.619 1.00 19.51 ? 114 SER B N   1 
ATOM   949  C CA  . SER A 1 108 ? -3.707  -0.742  -16.259 1.00 20.14 ? 114 SER B CA  1 
ATOM   950  C C   . SER A 1 108 ? -3.635  -0.385  -14.769 1.00 18.22 ? 114 SER B C   1 
ATOM   951  O O   . SER A 1 108 ? -3.332  -1.255  -13.911 1.00 16.85 ? 114 SER B O   1 
ATOM   952  C CB  . SER A 1 108 ? -5.054  -1.163  -16.747 1.00 26.32 ? 114 SER B CB  1 
ATOM   953  O OG  . SER A 1 108 ? -5.607  -2.162  -15.946 1.00 35.77 ? 114 SER B OG  1 
ATOM   954  N N   . TYR A 1 109 ? -3.943  0.864   -14.460 1.00 15.65 ? 115 TYR B N   1 
ATOM   955  C CA  . TYR A 1 109 ? -4.004  1.354   -13.059 1.00 14.17 ? 115 TYR B CA  1 
ATOM   956  C C   . TYR A 1 109 ? -5.467  1.482   -12.684 1.00 13.79 ? 115 TYR B C   1 
ATOM   957  O O   . TYR A 1 109 ? -6.275  1.965   -13.483 1.00 14.22 ? 115 TYR B O   1 
ATOM   958  C CB  . TYR A 1 109 ? -3.280  2.677   -12.925 1.00 14.14 ? 115 TYR B CB  1 
ATOM   959  C CG  . TYR A 1 109 ? -1.802  2.613   -13.232 1.00 14.77 ? 115 TYR B CG  1 
ATOM   960  C CD1 . TYR A 1 109 ? -1.339  2.857   -14.511 1.00 16.59 ? 115 TYR B CD1 1 
ATOM   961  C CD2 . TYR A 1 109 ? -0.866  2.404   -12.240 1.00 14.62 ? 115 TYR B CD2 1 
ATOM   962  C CE1 . TYR A 1 109 ? 0.020   2.851   -14.805 1.00 17.01 ? 115 TYR B CE1 1 
ATOM   963  C CE2 . TYR A 1 109 ? 0.497   2.396   -12.519 1.00 14.46 ? 115 TYR B CE2 1 
ATOM   964  C CZ  . TYR A 1 109 ? 0.941   2.619   -13.809 1.00 16.41 ? 115 TYR B CZ  1 
ATOM   965  O OH  . TYR A 1 109 ? 2.273   2.565   -14.144 1.00 17.11 ? 115 TYR B OH  1 
ATOM   966  N N   A GLU A 1 110 ? -5.830  1.021   -11.484 0.25 14.42 ? 116 GLU B N   1 
ATOM   967  N N   B GLU A 1 110 ? -5.821  0.984   -11.492 0.25 13.97 ? 116 GLU B N   1 
ATOM   968  C CA  A GLU A 1 110 ? -7.237  1.072   -11.015 0.25 14.95 ? 116 GLU B CA  1 
ATOM   969  C CA  B GLU A 1 110 ? -7.212  0.973   -10.972 0.25 14.19 ? 116 GLU B CA  1 
ATOM   970  C C   A GLU A 1 110 ? -7.301  1.382   -9.523  0.25 13.46 ? 116 GLU B C   1 
ATOM   971  C C   B GLU A 1 110 ? -7.227  1.511   -9.537  0.25 12.97 ? 116 GLU B C   1 
ATOM   972  O O   A GLU A 1 110 ? -6.432  0.924   -8.775  0.25 12.98 ? 116 GLU B O   1 
ATOM   973  O O   B GLU A 1 110 ? -6.207  1.407   -8.843  0.25 12.40 ? 116 GLU B O   1 
ATOM   974  C CB  A GLU A 1 110 ? -7.963  -0.237  -11.306 0.25 16.77 ? 116 GLU B CB  1 
ATOM   975  C CB  B GLU A 1 110 ? -7.808  -0.433  -11.010 0.25 15.39 ? 116 GLU B CB  1 
ATOM   976  C CG  A GLU A 1 110 ? -7.991  -0.566  -12.790 0.25 19.04 ? 116 GLU B CG  1 
ATOM   977  C CG  B GLU A 1 110 ? -7.803  -1.069  -12.396 0.25 17.43 ? 116 GLU B CG  1 
ATOM   978  C CD  A GLU A 1 110 ? -8.657  -1.891  -13.089 0.25 22.08 ? 116 GLU B CD  1 
ATOM   979  C CD  B GLU A 1 110 ? -8.927  -0.607  -13.312 0.25 18.58 ? 116 GLU B CD  1 
ATOM   980  O OE1 A GLU A 1 110 ? -8.493  -2.825  -12.266 0.25 24.74 ? 116 GLU B OE1 1 
ATOM   981  O OE1 B GLU A 1 110 ? -10.024 -0.310  -12.814 0.25 21.86 ? 116 GLU B OE1 1 
ATOM   982  O OE2 A GLU A 1 110 ? -9.357  -1.975  -14.121 0.25 23.07 ? 116 GLU B OE2 1 
ATOM   983  O OE2 B GLU A 1 110 ? -8.704  -0.573  -14.521 0.25 22.72 ? 116 GLU B OE2 1 
ATOM   984  N N   . ALA A 1 111 ? -8.356  2.090   -9.123  1.00 13.20 ? 117 ALA B N   1 
ATOM   985  C CA  . ALA A 1 111 ? -8.656  2.339   -7.703  1.00 13.18 ? 117 ALA B CA  1 
ATOM   986  C C   . ALA A 1 111 ? -9.552  1.222   -7.178  1.00 13.55 ? 117 ALA B C   1 
ATOM   987  O O   . ALA A 1 111 ? -10.506 0.727   -7.841  1.00 13.71 ? 117 ALA B O   1 
ATOM   988  C CB  . ALA A 1 111 ? -9.313  3.692   -7.495  1.00 13.81 ? 117 ALA B CB  1 
ATOM   989  N N   . GLY A 1 112 ? -9.240  0.799   -5.957  1.00 13.20 ? 118 GLY B N   1 
ATOM   990  C CA  . GLY A 1 112 ? -9.884  -0.317  -5.236  1.00 14.37 ? 118 GLY B CA  1 
ATOM   991  C C   . GLY A 1 112 ? -11.257 0.055   -4.707  1.00 15.55 ? 118 GLY B C   1 
ATOM   992  O O   . GLY A 1 112 ? -11.510 -0.105  -3.534  1.00 17.34 ? 118 GLY B O   1 
ATOM   993  N N   . THR A 1 113 ? -12.128 0.575   -5.542  1.00 16.52 ? 119 THR B N   1 
ATOM   994  C CA  . THR A 1 113 ? -13.561 0.709   -5.228  1.00 18.55 ? 119 THR B CA  1 
ATOM   995  C C   . THR A 1 113 ? -14.257 -0.610  -5.555  1.00 18.14 ? 119 THR B C   1 
ATOM   996  O O   . THR A 1 113 ? -13.616 -1.466  -6.167  1.00 20.67 ? 119 THR B O   1 
ATOM   997  C CB  . THR A 1 113 ? -14.095 1.893   -6.025  1.00 16.54 ? 119 THR B CB  1 
ATOM   998  O OG1 . THR A 1 113 ? -13.783 1.683   -7.408  1.00 16.70 ? 119 THR B OG1 1 
ATOM   999  C CG2 . THR A 1 113 ? -13.577 3.219   -5.569  1.00 18.32 ? 119 THR B CG2 1 
ATOM   1000 N N   . SER A 1 114 ? -15.549 -0.738  -5.244  1.00 21.07 ? 120 SER B N   1 
ATOM   1001 C CA  . SER A 1 114 ? -16.314 -1.951  -5.594  1.00 24.48 ? 120 SER B CA  1 
ATOM   1002 C C   . SER A 1 114 ? -17.529 -1.556  -6.430  1.00 26.58 ? 120 SER B C   1 
ATOM   1003 O O   . SER A 1 114 ? -18.443 -0.907  -5.923  1.00 28.16 ? 120 SER B O   1 
ATOM   1004 C CB  . SER A 1 114 ? -16.723 -2.715  -4.370  1.00 31.17 ? 120 SER B CB  1 
ATOM   1005 O OG  . SER A 1 114 ? -17.388 -3.903  -4.782  1.00 35.58 ? 120 SER B OG  1 
ATOM   1006 N N   . PRO A 1 115 ? -17.527 -1.789  -7.753  1.00 24.97 ? 121 PRO B N   1 
ATOM   1007 C CA  . PRO A 1 115 ? -16.422 -2.411  -8.472  1.00 24.93 ? 121 PRO B CA  1 
ATOM   1008 C C   . PRO A 1 115 ? -15.288 -1.409  -8.726  1.00 20.48 ? 121 PRO B C   1 
ATOM   1009 O O   . PRO A 1 115 ? -15.447 -0.206  -8.473  1.00 18.75 ? 121 PRO B O   1 
ATOM   1010 C CB  . PRO A 1 115 ? -17.059 -2.806  -9.801  1.00 27.96 ? 121 PRO B CB  1 
ATOM   1011 C CG  . PRO A 1 115 ? -18.083 -1.718  -10.047 1.00 27.59 ? 121 PRO B CG  1 
ATOM   1012 C CD  . PRO A 1 115 ? -18.597 -1.335  -8.667  1.00 26.55 ? 121 PRO B CD  1 
ATOM   1013 N N   . GLN A 1 116 ? -14.160 -1.890  -9.205  1.00 20.32 ? 122 GLN B N   1 
ATOM   1014 C CA  . GLN A 1 116 ? -12.939 -1.061  -9.336  1.00 19.45 ? 122 GLN B CA  1 
ATOM   1015 C C   . GLN A 1 116 ? -13.132 0.058   -10.377 1.00 17.46 ? 122 GLN B C   1 
ATOM   1016 O O   . GLN A 1 116 ? -13.931 -0.080  -11.320 1.00 18.68 ? 122 GLN B O   1 
ATOM   1017 C CB  . GLN A 1 116 ? -11.710 -1.901  -9.658  1.00 24.34 ? 122 GLN B CB  1 
ATOM   1018 C CG  . GLN A 1 116 ? -11.613 -2.335  -11.094 1.00 31.25 ? 122 GLN B CG  1 
ATOM   1019 C CD  . GLN A 1 116 ? -11.779 -3.820  -11.219 1.00 43.08 ? 122 GLN B CD  1 
ATOM   1020 O OE1 . GLN A 1 116 ? -12.657 -4.419  -10.593 1.00 53.63 ? 122 GLN B OE1 1 
ATOM   1021 N NE2 . GLN A 1 116 ? -10.967 -4.403  -12.081 1.00 51.26 ? 122 GLN B NE2 1 
ATOM   1022 N N   . THR A 1 117 ? -12.375 1.129   -10.217 1.00 15.27 ? 123 THR B N   1 
ATOM   1023 C CA  . THR A 1 117 ? -12.465 2.337   -11.070 1.00 13.63 ? 123 THR B CA  1 
ATOM   1024 C C   . THR A 1 117 ? -11.201 2.455   -11.919 1.00 13.98 ? 123 THR B C   1 
ATOM   1025 O O   . THR A 1 117 ? -10.084 2.557   -11.354 1.00 13.92 ? 123 THR B O   1 
ATOM   1026 C CB  . THR A 1 117 ? -12.708 3.574   -10.187 1.00 14.47 ? 123 THR B CB  1 
ATOM   1027 O OG1 . THR A 1 117 ? -13.915 3.353   -9.465  1.00 15.83 ? 123 THR B OG1 1 
ATOM   1028 C CG2 . THR A 1 117 ? -12.816 4.839   -10.998 1.00 15.74 ? 123 THR B CG2 1 
ATOM   1029 N N   . THR A 1 118 ? -11.353 2.633   -13.231 1.00 14.53 ? 124 THR B N   1 
ATOM   1030 C CA  . THR A 1 118 ? -10.236 2.951   -14.133 1.00 16.13 ? 124 THR B CA  1 
ATOM   1031 C C   . THR A 1 118 ? -9.553  4.272   -13.806 1.00 15.41 ? 124 THR B C   1 
ATOM   1032 O O   . THR A 1 118 ? -10.256 5.319   -13.636 1.00 18.39 ? 124 THR B O   1 
ATOM   1033 C CB  . THR A 1 118 ? -10.810 3.007   -15.556 1.00 19.32 ? 124 THR B CB  1 
ATOM   1034 O OG1 . THR A 1 118 ? -11.330 1.707   -15.848 1.00 22.20 ? 124 THR B OG1 1 
ATOM   1035 C CG2 . THR A 1 118 ? -9.788  3.478   -16.557 1.00 22.41 ? 124 THR B CG2 1 
ATOM   1036 N N   . LEU A 1 119 ? -8.228  4.287   -13.706 1.00 13.34 ? 125 LEU B N   1 
ATOM   1037 C CA  . LEU A 1 119 ? -7.431  5.514   -13.498 1.00 13.32 ? 125 LEU B CA  1 
ATOM   1038 C C   . LEU A 1 119 ? -6.889  5.964   -14.861 1.00 16.26 ? 125 LEU B C   1 
ATOM   1039 O O   . LEU A 1 119 ? -6.785  5.136   -15.787 1.00 21.09 ? 125 LEU B O   1 
ATOM   1040 C CB  . LEU A 1 119 ? -6.297  5.277   -12.485 1.00 13.95 ? 125 LEU B CB  1 
ATOM   1041 C CG  . LEU A 1 119 ? -6.780  4.842   -11.099 1.00 13.49 ? 125 LEU B CG  1 
ATOM   1042 C CD1 . LEU A 1 119 ? -5.639  4.455   -10.180 1.00 14.26 ? 125 LEU B CD1 1 
ATOM   1043 C CD2 . LEU A 1 119 ? -7.643  5.929   -10.451 1.00 14.59 ? 125 LEU B CD2 1 
ATOM   1044 N N   . HIS A 1 120 ? -6.588  7.233   -14.967 1.00 16.22 ? 126 HIS B N   1 
ATOM   1045 C CA  . HIS A 1 120 ? -6.140  7.876   -16.225 1.00 16.75 ? 126 HIS B CA  1 
ATOM   1046 C C   . HIS A 1 120 ? -4.765  8.441   -15.930 1.00 17.59 ? 126 HIS B C   1 
ATOM   1047 O O   . HIS A 1 120 ? -4.656  9.542   -15.381 1.00 23.20 ? 126 HIS B O   1 
ATOM   1048 C CB  . HIS A 1 120 ? -7.146  8.956   -16.653 1.00 18.86 ? 126 HIS B CB  1 
ATOM   1049 C CG  . HIS A 1 120 ? -8.547  8.471   -16.894 1.00 21.79 ? 126 HIS B CG  1 
ATOM   1050 N ND1 . HIS A 1 120 ? -9.571  8.602   -15.938 1.00 25.43 ? 126 HIS B ND1 1 
ATOM   1051 C CD2 . HIS A 1 120 ? -9.117  7.861   -17.958 1.00 24.64 ? 126 HIS B CD2 1 
ATOM   1052 C CE1 . HIS A 1 120 ? -10.676 8.028   -16.399 1.00 26.85 ? 126 HIS B CE1 1 
ATOM   1053 N NE2 . HIS A 1 120 ? -10.447 7.630   -17.650 1.00 22.74 ? 126 HIS B NE2 1 
ATOM   1054 N N   . ILE A 1 121 ? -3.735  7.691   -16.215 1.00 19.84 ? 127 ILE B N   1 
ATOM   1055 C CA  . ILE A 1 121 ? -2.343  8.096   -15.911 1.00 22.12 ? 127 ILE B CA  1 
ATOM   1056 C C   . ILE A 1 121 ? -1.585  8.173   -17.257 1.00 23.48 ? 127 ILE B C   1 
ATOM   1057 O O   . ILE A 1 121 ? -1.448  7.147   -17.936 1.00 30.31 ? 127 ILE B O   1 
ATOM   1058 C CB  . ILE A 1 121 ? -1.707  7.129   -14.889 1.00 25.28 ? 127 ILE B CB  1 
ATOM   1059 C CG1 . ILE A 1 121 ? -2.518  7.071   -13.584 1.00 23.64 ? 127 ILE B CG1 1 
ATOM   1060 C CG2 . ILE A 1 121 ? -0.281  7.591   -14.636 1.00 29.17 ? 127 ILE B CG2 1 
ATOM   1061 C CD1 . ILE A 1 121 ? -1.890  6.244   -12.487 1.00 25.66 ? 127 ILE B CD1 1 
ATOM   1062 N N   . GLN A 1 122 ? -1.150  9.355   -17.645 1.00 27.39 ? 128 GLN B N   1 
ATOM   1063 C CA  . GLN A 1 122 ? -0.413  9.561   -18.930 1.00 29.17 ? 128 GLN B CA  1 
ATOM   1064 C C   . GLN A 1 122 ? 1.073   9.225   -18.719 1.00 27.04 ? 128 GLN B C   1 
ATOM   1065 O O   . GLN A 1 122 ? 1.699   8.710   -19.662 1.00 27.13 ? 128 GLN B O   1 
ATOM   1066 C CB  . GLN A 1 122 ? -0.666  11.006  -19.389 1.00 35.17 ? 128 GLN B CB  1 
ATOM   1067 C CG  . GLN A 1 122 ? 0.179   11.466  -20.579 1.00 47.37 ? 128 GLN B CG  1 
ATOM   1068 C CD  . GLN A 1 122 ? -0.258  10.919  -21.923 1.00 54.85 ? 128 GLN B CD  1 
ATOM   1069 O OE1 . GLN A 1 122 ? -1.238  10.187  -22.050 1.00 60.26 ? 128 GLN B OE1 1 
ATOM   1070 N NE2 . GLN A 1 122 ? 0.493   11.265  -22.958 1.00 62.45 ? 128 GLN B NE2 1 
ATOM   1071 N N   . VAL A 1 123 ? 1.617   9.473   -17.528 1.00 22.99 ? 129 VAL B N   1 
ATOM   1072 C CA  . VAL A 1 123 ? 3.067   9.238   -17.221 1.00 21.47 ? 129 VAL B CA  1 
ATOM   1073 C C   . VAL A 1 123 ? 3.192   8.126   -16.183 1.00 23.19 ? 129 VAL B C   1 
ATOM   1074 O O   . VAL A 1 123 ? 2.816   8.366   -15.032 1.00 19.90 ? 129 VAL B O   1 
ATOM   1075 C CB  . VAL A 1 123 ? 3.723   10.525  -16.713 1.00 24.10 ? 129 VAL B CB  1 
ATOM   1076 C CG1 . VAL A 1 123 ? 5.176   10.326  -16.299 1.00 24.95 ? 129 VAL B CG1 1 
ATOM   1077 C CG2 . VAL A 1 123 ? 3.622   11.639  -17.748 1.00 26.42 ? 129 VAL B CG2 1 
ATOM   1078 N N   . PRO A 1 124 ? 3.537   6.871   -16.570 1.00 21.01 ? 130 PRO B N   1 
ATOM   1079 C CA  . PRO A 1 124 ? 3.592   5.766   -15.602 1.00 20.08 ? 130 PRO B CA  1 
ATOM   1080 C C   . PRO A 1 124 ? 4.437   6.176   -14.411 1.00 20.02 ? 130 PRO B C   1 
ATOM   1081 O O   . PRO A 1 124 ? 5.561   6.594   -14.558 1.00 18.38 ? 130 PRO B O   1 
ATOM   1082 C CB  . PRO A 1 124 ? 4.226   4.615   -16.414 1.00 24.26 ? 130 PRO B CB  1 
ATOM   1083 C CG  . PRO A 1 124 ? 3.759   4.905   -17.854 1.00 24.61 ? 130 PRO B CG  1 
ATOM   1084 C CD  . PRO A 1 124 ? 3.780   6.406   -17.955 1.00 24.48 ? 130 PRO B CD  1 
ATOM   1085 N N   . PRO A 1 125 ? 3.923   6.102   -13.163 1.00 17.52 ? 131 PRO B N   1 
ATOM   1086 C CA  . PRO A 1 125 ? 4.673   6.569   -12.005 1.00 17.01 ? 131 PRO B CA  1 
ATOM   1087 C C   . PRO A 1 125 ? 5.820   5.638   -11.587 1.00 16.16 ? 131 PRO B C   1 
ATOM   1088 O O   . PRO A 1 125 ? 5.615   4.422   -11.650 1.00 18.08 ? 131 PRO B O   1 
ATOM   1089 C CB  . PRO A 1 125 ? 3.605   6.688   -10.912 1.00 17.85 ? 131 PRO B CB  1 
ATOM   1090 C CG  . PRO A 1 125 ? 2.473   5.847   -11.356 1.00 19.03 ? 131 PRO B CG  1 
ATOM   1091 C CD  . PRO A 1 125 ? 2.526   5.771   -12.856 1.00 17.74 ? 131 PRO B CD  1 
ATOM   1092 N N   . CYS A 1 126 ? 6.962   6.204   -11.234 1.00 16.93 ? 132 CYS B N   1 
ATOM   1093 C CA  . CYS A 1 126 ? 8.064   5.475   -10.544 1.00 17.83 ? 132 CYS B CA  1 
ATOM   1094 C C   . CYS A 1 126 ? 7.942   5.679   -9.016  1.00 16.42 ? 132 CYS B C   1 
ATOM   1095 O O   . CYS A 1 126 ? 8.474   4.873   -8.252  1.00 15.38 ? 132 CYS B O   1 
ATOM   1096 C CB  . CYS A 1 126 ? 9.435   5.918   -11.010 1.00 21.04 ? 132 CYS B CB  1 
ATOM   1097 S SG  . CYS A 1 126 ? 9.661   5.494   -12.758 1.00 27.44 ? 132 CYS B SG  1 
ATOM   1098 N N   A GLN A 1 127 ? 7.287   6.752   -8.555  0.25 16.86 ? 133 GLN B N   1 
ATOM   1099 N N   B GLN A 1 127 ? 7.209   6.715   -8.604  0.25 17.51 ? 133 GLN B N   1 
ATOM   1100 C CA  A GLN A 1 127 ? 7.017   6.945   -7.101  0.25 16.89 ? 133 GLN B CA  1 
ATOM   1101 C CA  B GLN A 1 127 ? 6.985   7.026   -7.172  0.25 18.18 ? 133 GLN B CA  1 
ATOM   1102 C C   A GLN A 1 127 ? 5.613   7.530   -6.906  0.25 16.17 ? 133 GLN B C   1 
ATOM   1103 C C   B GLN A 1 127 ? 5.524   7.453   -6.987  0.25 16.93 ? 133 GLN B C   1 
ATOM   1104 O O   A GLN A 1 127 ? 5.238   8.447   -7.660  0.25 13.84 ? 133 GLN B O   1 
ATOM   1105 O O   B GLN A 1 127 ? 4.964   8.121   -7.884  0.25 14.52 ? 133 GLN B O   1 
ATOM   1106 C CB  A GLN A 1 127 ? 8.009   7.882   -6.405  0.25 18.95 ? 133 GLN B CB  1 
ATOM   1107 C CB  B GLN A 1 127 ? 7.960   8.103   -6.702  0.25 21.50 ? 133 GLN B CB  1 
ATOM   1108 C CG  A GLN A 1 127 ? 9.453   7.422   -6.436  0.25 20.58 ? 133 GLN B CG  1 
ATOM   1109 C CG  B GLN A 1 127 ? 9.374   7.595   -6.498  0.25 23.82 ? 133 GLN B CG  1 
ATOM   1110 C CD  A GLN A 1 127 ? 10.182  7.964   -7.637  0.25 21.45 ? 133 GLN B CD  1 
ATOM   1111 C CD  B GLN A 1 127 ? 10.269  8.588   -5.800  0.25 25.25 ? 133 GLN B CD  1 
ATOM   1112 O OE1 A GLN A 1 127 ? 9.900   9.064   -8.119  0.25 20.92 ? 133 GLN B OE1 1 
ATOM   1113 O OE1 B GLN A 1 127 ? 9.853   9.348   -4.916  0.25 28.35 ? 133 GLN B OE1 1 
ATOM   1114 N NE2 A GLN A 1 127 ? 11.142  7.191   -8.116  0.25 21.45 ? 133 GLN B NE2 1 
ATOM   1115 N NE2 B GLN A 1 127 ? 11.528  8.570   -6.190  0.25 26.73 ? 133 GLN B NE2 1 
ATOM   1116 N N   . ILE A 1 128 ? 4.924   7.039   -5.871  1.00 15.50 ? 134 ILE B N   1 
ATOM   1117 C CA  . ILE A 1 128 ? 3.500   7.339   -5.559  1.00 14.81 ? 134 ILE B CA  1 
ATOM   1118 C C   . ILE A 1 128 ? 3.516   8.043   -4.208  1.00 14.76 ? 134 ILE B C   1 
ATOM   1119 O O   . ILE A 1 128 ? 4.147   7.556   -3.235  1.00 14.38 ? 134 ILE B O   1 
ATOM   1120 C CB  . ILE A 1 128 ? 2.680   6.043   -5.491  1.00 15.99 ? 134 ILE B CB  1 
ATOM   1121 C CG1 . ILE A 1 128 ? 2.670   5.243   -6.799  1.00 18.82 ? 134 ILE B CG1 1 
ATOM   1122 C CG2 . ILE A 1 128 ? 1.274   6.357   -4.993  1.00 15.95 ? 134 ILE B CG2 1 
ATOM   1123 C CD1 . ILE A 1 128 ? 1.867   5.851   -7.834  1.00 18.88 ? 134 ILE B CD1 1 
ATOM   1124 N N   . GLY A 1 129 ? 2.804   9.157   -4.095  1.00 13.92 ? 135 GLY B N   1 
ATOM   1125 C CA  . GLY A 1 129 ? 2.589   9.786   -2.793  1.00 13.93 ? 135 GLY B CA  1 
ATOM   1126 C C   . GLY A 1 129 ? 1.195   9.491   -2.275  1.00 14.67 ? 135 GLY B C   1 
ATOM   1127 O O   . GLY A 1 129 ? 0.231   9.412   -3.054  1.00 13.97 ? 135 GLY B O   1 
ATOM   1128 N N   . ILE A 1 130 ? 1.112   9.131   -0.986  1.00 13.99 ? 136 ILE B N   1 
ATOM   1129 C CA  . ILE A 1 130 ? -0.165  8.792   -0.313  1.00 14.14 ? 136 ILE B CA  1 
ATOM   1130 C C   . ILE A 1 130 ? -0.417  9.803   0.799   1.00 14.78 ? 136 ILE B C   1 
ATOM   1131 O O   . ILE A 1 130 ? 0.445   10.011  1.653   1.00 15.27 ? 136 ILE B O   1 
ATOM   1132 C CB  . ILE A 1 130 ? -0.113  7.363   0.238   1.00 16.09 ? 136 ILE B CB  1 
ATOM   1133 C CG1 . ILE A 1 130 ? 0.156   6.388   -0.909  1.00 17.77 ? 136 ILE B CG1 1 
ATOM   1134 C CG2 . ILE A 1 130 ? -1.375  7.015   1.022   1.00 16.67 ? 136 ILE B CG2 1 
ATOM   1135 C CD1 . ILE A 1 130 ? 0.521   5.017   -0.498  1.00 22.59 ? 136 ILE B CD1 1 
ATOM   1136 N N   . PHE A 1 131 ? -1.578  10.413  0.752   1.00 14.26 ? 137 PHE B N   1 
ATOM   1137 C CA  . PHE A 1 131 ? -2.019  11.441  1.734   1.00 14.31 ? 137 PHE B CA  1 
ATOM   1138 C C   . PHE A 1 131 ? -3.291  10.966  2.412   1.00 12.70 ? 137 PHE B C   1 
ATOM   1139 O O   . PHE A 1 131 ? -4.256  10.557  1.747   1.00 14.19 ? 137 PHE B O   1 
ATOM   1140 C CB  . PHE A 1 131 ? -2.345  12.756  1.042   1.00 15.37 ? 137 PHE B CB  1 
ATOM   1141 C CG  . PHE A 1 131 ? -2.877  13.837  1.955   1.00 16.27 ? 137 PHE B CG  1 
ATOM   1142 C CD1 . PHE A 1 131 ? -2.078  14.364  2.957   1.00 18.98 ? 137 PHE B CD1 1 
ATOM   1143 C CD2 . PHE A 1 131 ? -4.186  14.276  1.843   1.00 19.39 ? 137 PHE B CD2 1 
ATOM   1144 C CE1 . PHE A 1 131 ? -2.563  15.370  3.791   1.00 21.73 ? 137 PHE B CE1 1 
ATOM   1145 C CE2 . PHE A 1 131 ? -4.673  15.267  2.689   1.00 21.20 ? 137 PHE B CE2 1 
ATOM   1146 C CZ  . PHE A 1 131 ? -3.862  15.809  3.655   1.00 19.06 ? 137 PHE B CZ  1 
ATOM   1147 N N   . VAL A 1 132 ? -3.287  10.963  3.744   1.00 13.31 ? 138 VAL B N   1 
ATOM   1148 C CA  . VAL A 1 132 ? -4.485  10.621  4.552   1.00 13.87 ? 138 VAL B CA  1 
ATOM   1149 C C   . VAL A 1 132 ? -4.830  11.825  5.446   1.00 13.38 ? 138 VAL B C   1 
ATOM   1150 O O   . VAL A 1 132 ? -3.994  12.320  6.193   1.00 15.64 ? 138 VAL B O   1 
ATOM   1151 C CB  . VAL A 1 132 ? -4.267  9.352   5.394   1.00 13.86 ? 138 VAL B CB  1 
ATOM   1152 C CG1 . VAL A 1 132 ? -5.521  9.019   6.216   1.00 15.45 ? 138 VAL B CG1 1 
ATOM   1153 C CG2 . VAL A 1 132 ? -3.859  8.192   4.496   1.00 15.28 ? 138 VAL B CG2 1 
ATOM   1154 N N   . ASP A 1 133 ? -6.076  12.264  5.356   1.00 14.29 ? 139 ASP B N   1 
ATOM   1155 C CA  . ASP A 1 133 ? -6.667  13.236  6.330   1.00 16.52 ? 139 ASP B CA  1 
ATOM   1156 C C   . ASP A 1 133 ? -7.740  12.484  7.117   1.00 13.81 ? 139 ASP B C   1 
ATOM   1157 O O   . ASP A 1 133 ? -8.824  12.206  6.599   1.00 14.36 ? 139 ASP B O   1 
ATOM   1158 C CB  . ASP A 1 133 ? -7.188  14.472  5.626   1.00 15.86 ? 139 ASP B CB  1 
ATOM   1159 C CG  . ASP A 1 133 ? -7.660  15.553  6.595   1.00 19.70 ? 139 ASP B CG  1 
ATOM   1160 O OD1 . ASP A 1 133 ? -8.044  15.193  7.753   1.00 19.50 ? 139 ASP B OD1 1 
ATOM   1161 O OD2 . ASP A 1 133 ? -7.757  16.699  6.110   1.00 23.23 ? 139 ASP B OD2 1 
ATOM   1162 N N   . TYR A 1 134 ? -7.388  12.081  8.346   1.00 15.12 ? 140 TYR B N   1 
ATOM   1163 C CA  . TYR A 1 134 ? -8.276  11.213  9.152   1.00 15.27 ? 140 TYR B CA  1 
ATOM   1164 C C   . TYR A 1 134 ? -9.622  11.908  9.433   1.00 17.38 ? 140 TYR B C   1 
ATOM   1165 O O   . TYR A 1 134 ? -10.686 11.368  9.153   1.00 18.75 ? 140 TYR B O   1 
ATOM   1166 C CB  . TYR A 1 134 ? -7.606  10.788  10.459  1.00 16.34 ? 140 TYR B CB  1 
ATOM   1167 C CG  . TYR A 1 134 ? -8.297  9.589   11.047  1.00 15.96 ? 140 TYR B CG  1 
ATOM   1168 C CD1 . TYR A 1 134 ? -9.530  9.699   11.663  1.00 16.11 ? 140 TYR B CD1 1 
ATOM   1169 C CD2 . TYR A 1 134 ? -7.778  8.305   10.893  1.00 15.79 ? 140 TYR B CD2 1 
ATOM   1170 C CE1 . TYR A 1 134 ? -10.224 8.600   12.129  1.00 16.68 ? 140 TYR B CE1 1 
ATOM   1171 C CE2 . TYR A 1 134 ? -8.472  7.194   11.354  1.00 14.73 ? 140 TYR B CE2 1 
ATOM   1172 C CZ  . TYR A 1 134 ? -9.683  7.334   12.016  1.00 15.79 ? 140 TYR B CZ  1 
ATOM   1173 O OH  . TYR A 1 134 ? -10.421 6.264   12.471  1.00 15.91 ? 140 TYR B OH  1 
ATOM   1174 N N   . GLU A 1 135 ? -9.562  13.154  9.883   1.00 18.74 ? 141 GLU B N   1 
ATOM   1175 C CA  . GLU A 1 135 ? -10.799 13.866  10.283  1.00 19.42 ? 141 GLU B CA  1 
ATOM   1176 C C   . GLU A 1 135 ? -11.678 14.127  9.068   1.00 18.14 ? 141 GLU B C   1 
ATOM   1177 O O   . GLU A 1 135 ? -12.899 13.929  9.182   1.00 21.80 ? 141 GLU B O   1 
ATOM   1178 C CB  . GLU A 1 135 ? -10.467 15.147  11.043  1.00 21.46 ? 141 GLU B CB  1 
ATOM   1179 C CG  . GLU A 1 135 ? -10.266 14.869  12.534  1.00 27.38 ? 141 GLU B CG  1 
ATOM   1180 C CD  . GLU A 1 135 ? -8.964  14.172  12.767  1.00 28.40 ? 141 GLU B CD  1 
ATOM   1181 O OE1 . GLU A 1 135 ? -8.877  13.433  13.721  1.00 27.58 ? 141 GLU B OE1 1 
ATOM   1182 O OE2 . GLU A 1 135 ? -8.034  14.340  11.922  1.00 33.93 ? 141 GLU B OE2 1 
ATOM   1183 N N   . ALA A 1 136 ? -11.099 14.498  7.923   1.00 17.10 ? 142 ALA B N   1 
ATOM   1184 C CA  . ALA A 1 136 ? -11.855 14.799  6.700   1.00 18.74 ? 142 ALA B CA  1 
ATOM   1185 C C   . ALA A 1 136 ? -12.391 13.533  6.037   1.00 17.66 ? 142 ALA B C   1 
ATOM   1186 O O   . ALA A 1 136 ? -13.333 13.637  5.221   1.00 20.43 ? 142 ALA B O   1 
ATOM   1187 C CB  . ALA A 1 136 ? -11.007 15.599  5.754   1.00 18.79 ? 142 ALA B CB  1 
ATOM   1188 N N   . GLY A 1 137 ? -11.852 12.355  6.347   1.00 14.71 ? 143 GLY B N   1 
ATOM   1189 C CA  . GLY A 1 137 ? -12.239 11.122  5.676   1.00 13.62 ? 143 GLY B CA  1 
ATOM   1190 C C   . GLY A 1 137 ? -11.725 11.091  4.240   1.00 13.80 ? 143 GLY B C   1 
ATOM   1191 O O   . GLY A 1 137 ? -12.544 10.763  3.331   1.00 14.60 ? 143 GLY B O   1 
ATOM   1192 N N   . VAL A 1 138 ? -10.459 11.409  4.032   1.00 13.95 ? 144 VAL B N   1 
ATOM   1193 C CA  . VAL A 1 138 ? -9.854  11.502  2.667   1.00 13.80 ? 144 VAL B CA  1 
ATOM   1194 C C   . VAL A 1 138 ? -8.607  10.617  2.576   1.00 13.42 ? 144 VAL B C   1 
ATOM   1195 O O   . VAL A 1 138 ? -7.741  10.705  3.454   1.00 14.54 ? 144 VAL B O   1 
ATOM   1196 C CB  . VAL A 1 138 ? -9.512  12.956  2.351   1.00 15.72 ? 144 VAL B CB  1 
ATOM   1197 C CG1 . VAL A 1 138 ? -8.645  13.087  1.095   1.00 16.67 ? 144 VAL B CG1 1 
ATOM   1198 C CG2 . VAL A 1 138 ? -10.786 13.765  2.252   1.00 15.88 ? 144 VAL B CG2 1 
ATOM   1199 N N   . VAL A 1 139 ? -8.490  9.894   1.471   1.00 13.07 ? 145 VAL B N   1 
ATOM   1200 C CA  . VAL A 1 139 ? -7.208  9.247   1.068   1.00 11.88 ? 145 VAL B CA  1 
ATOM   1201 C C   . VAL A 1 139 ? -6.920  9.643   -0.381  1.00 11.72 ? 145 VAL B C   1 
ATOM   1202 O O   . VAL A 1 139 ? -7.785  9.318   -1.234  1.00 13.86 ? 145 VAL B O   1 
ATOM   1203 C CB  . VAL A 1 139 ? -7.279  7.713   1.191   1.00 12.77 ? 145 VAL B CB  1 
ATOM   1204 C CG1 . VAL A 1 139 ? -5.906  7.132   0.901   1.00 12.85 ? 145 VAL B CG1 1 
ATOM   1205 C CG2 . VAL A 1 139 ? -7.785  7.313   2.571   1.00 13.06 ? 145 VAL B CG2 1 
ATOM   1206 N N   . SER A 1 140 ? -5.792  10.300  -0.612  1.00 11.90 ? 146 SER B N   1 
ATOM   1207 C CA  . SER A 1 140 ? -5.416  10.767  -1.968  1.00 12.91 ? 146 SER B CA  1 
ATOM   1208 C C   . SER A 1 140 ? -4.081  10.167  -2.402  1.00 12.63 ? 146 SER B C   1 
ATOM   1209 O O   . SER A 1 140 ? -3.177  9.972   -1.582  1.00 13.88 ? 146 SER B O   1 
ATOM   1210 C CB  . SER A 1 140 ? -5.388  12.285  -2.010  1.00 13.47 ? 146 SER B CB  1 
ATOM   1211 O OG  . SER A 1 140 ? -6.716  12.812  -1.886  1.00 13.87 ? 146 SER B OG  1 
ATOM   1212 N N   . PHE A 1 141 ? -3.945  9.988   -3.699  1.00 11.81 ? 147 PHE B N   1 
ATOM   1213 C CA  . PHE A 1 141 ? -2.754  9.387   -4.337  1.00 11.67 ? 147 PHE B CA  1 
ATOM   1214 C C   . PHE A 1 141 ? -2.233  10.354  -5.391  1.00 12.34 ? 147 PHE B C   1 
ATOM   1215 O O   . PHE A 1 141 ? -3.061  10.864  -6.208  1.00 13.55 ? 147 PHE B O   1 
ATOM   1216 C CB  . PHE A 1 141 ? -3.084  8.032   -4.990  1.00 11.91 ? 147 PHE B CB  1 
ATOM   1217 C CG  . PHE A 1 141 ? -3.557  7.003   -3.999  1.00 12.05 ? 147 PHE B CG  1 
ATOM   1218 C CD1 . PHE A 1 141 ? -4.892  6.944   -3.591  1.00 12.15 ? 147 PHE B CD1 1 
ATOM   1219 C CD2 . PHE A 1 141 ? -2.668  6.061   -3.501  1.00 12.68 ? 147 PHE B CD2 1 
ATOM   1220 C CE1 . PHE A 1 141 ? -5.285  6.031   -2.619  1.00 11.90 ? 147 PHE B CE1 1 
ATOM   1221 C CE2 . PHE A 1 141 ? -3.080  5.137   -2.543  1.00 12.52 ? 147 PHE B CE2 1 
ATOM   1222 C CZ  . PHE A 1 141 ? -4.394  5.089   -2.154  1.00 11.12 ? 147 PHE B CZ  1 
ATOM   1223 N N   . TYR A 1 142 ? -0.923  10.542  -5.390  1.00 12.69 ? 148 TYR B N   1 
ATOM   1224 C CA  . TYR A 1 142 ? -0.214  11.528  -6.257  1.00 14.12 ? 148 TYR B CA  1 
ATOM   1225 C C   . TYR A 1 142 ? 0.873   10.825  -7.072  1.00 16.16 ? 148 TYR B C   1 
ATOM   1226 O O   . TYR A 1 142 ? 1.572   9.951   -6.605  1.00 15.86 ? 148 TYR B O   1 
ATOM   1227 C CB  . TYR A 1 142 ? 0.323   12.682  -5.414  1.00 14.97 ? 148 TYR B CB  1 
ATOM   1228 C CG  . TYR A 1 142 ? -0.783  13.455  -4.736  1.00 15.77 ? 148 TYR B CG  1 
ATOM   1229 C CD1 . TYR A 1 142 ? -1.482  14.434  -5.406  1.00 16.67 ? 148 TYR B CD1 1 
ATOM   1230 C CD2 . TYR A 1 142 ? -1.191  13.135  -3.451  1.00 16.18 ? 148 TYR B CD2 1 
ATOM   1231 C CE1 . TYR A 1 142 ? -2.541  15.104  -4.803  1.00 16.04 ? 148 TYR B CE1 1 
ATOM   1232 C CE2 . TYR A 1 142 ? -2.243  13.797  -2.838  1.00 16.35 ? 148 TYR B CE2 1 
ATOM   1233 C CZ  . TYR A 1 142 ? -2.893  14.826  -3.491  1.00 17.24 ? 148 TYR B CZ  1 
ATOM   1234 O OH  . TYR A 1 142 ? -3.967  15.445  -2.872  1.00 18.95 ? 148 TYR B OH  1 
ATOM   1235 N N   . ASN A 1 143 ? 1.070   11.316  -8.297  1.00 16.03 ? 149 ASN B N   1 
ATOM   1236 C CA  . ASN A 1 143 ? 2.104   10.795  -9.239  1.00 15.17 ? 149 ASN B CA  1 
ATOM   1237 C C   . ASN A 1 143 ? 3.356   11.652  -9.069  1.00 17.27 ? 149 ASN B C   1 
ATOM   1238 O O   . ASN A 1 143 ? 3.413   12.785  -9.634  1.00 17.81 ? 149 ASN B O   1 
ATOM   1239 C CB  . ASN A 1 143 ? 1.556   10.841  -10.664 1.00 16.32 ? 149 ASN B CB  1 
ATOM   1240 C CG  . ASN A 1 143 ? 2.500   10.246  -11.698 1.00 16.43 ? 149 ASN B CG  1 
ATOM   1241 O OD1 . ASN A 1 143 ? 3.693   10.110  -11.418 1.00 18.47 ? 149 ASN B OD1 1 
ATOM   1242 N ND2 . ASN A 1 143 ? 1.974   9.893   -12.843 1.00 17.68 ? 149 ASN B ND2 1 
ATOM   1243 N N   . ILE A 1 144 ? 4.340   11.217  -8.303  1.00 17.38 ? 150 ILE B N   1 
ATOM   1244 C CA  . ILE A 1 144 ? 5.518   12.054  -7.986  1.00 17.98 ? 150 ILE B CA  1 
ATOM   1245 C C   . ILE A 1 144 ? 6.311   12.236  -9.299  1.00 20.17 ? 150 ILE B C   1 
ATOM   1246 O O   . ILE A 1 144 ? 6.915   13.333  -9.478  1.00 22.26 ? 150 ILE B O   1 
ATOM   1247 C CB  . ILE A 1 144 ? 6.354   11.427  -6.862  1.00 20.00 ? 150 ILE B CB  1 
ATOM   1248 C CG1 . ILE A 1 144 ? 5.543   11.178  -5.583  1.00 20.20 ? 150 ILE B CG1 1 
ATOM   1249 C CG2 . ILE A 1 144 ? 7.605   12.251  -6.560  1.00 20.99 ? 150 ILE B CG2 1 
ATOM   1250 C CD1 . ILE A 1 144 ? 4.659   12.320  -5.173  1.00 24.66 ? 150 ILE B CD1 1 
ATOM   1251 N N   . THR A 1 145 ? 6.321   11.245  -10.178 1.00 18.67 ? 151 THR B N   1 
ATOM   1252 C CA  . THR A 1 145 ? 7.094   11.311  -11.465 1.00 20.71 ? 151 THR B CA  1 
ATOM   1253 C C   . THR A 1 145 ? 6.540   12.441  -12.339 1.00 23.62 ? 151 THR B C   1 
ATOM   1254 O O   . THR A 1 145 ? 7.350   13.070  -13.059 1.00 27.65 ? 151 THR B O   1 
ATOM   1255 C CB  . THR A 1 145 ? 7.007   9.967   -12.203 1.00 19.74 ? 151 THR B CB  1 
ATOM   1256 O OG1 . THR A 1 145 ? 7.429   9.005   -11.241 1.00 19.53 ? 151 THR B OG1 1 
ATOM   1257 C CG2 . THR A 1 145 ? 7.877   9.930   -13.443 1.00 23.35 ? 151 THR B CG2 1 
ATOM   1258 N N   . ASP A 1 146 ? 5.238   12.708  -12.266 1.00 23.01 ? 152 ASP B N   1 
ATOM   1259 C CA  . ASP A 1 146 ? 4.534   13.754  -13.075 1.00 23.66 ? 152 ASP B CA  1 
ATOM   1260 C C   . ASP A 1 146 ? 4.229   14.987  -12.210 1.00 24.21 ? 152 ASP B C   1 
ATOM   1261 O O   . ASP A 1 146 ? 3.074   15.389  -12.169 1.00 23.46 ? 152 ASP B O   1 
ATOM   1262 C CB  . ASP A 1 146 ? 3.325   13.137  -13.749 1.00 22.53 ? 152 ASP B CB  1 
ATOM   1263 C CG  . ASP A 1 146 ? 2.579   14.090  -14.658 1.00 30.09 ? 152 ASP B CG  1 
ATOM   1264 O OD1 . ASP A 1 146 ? 3.262   14.788  -15.441 1.00 27.49 ? 152 ASP B OD1 1 
ATOM   1265 O OD2 . ASP A 1 146 ? 1.328   14.165  -14.526 1.00 26.51 ? 152 ASP B OD2 1 
ATOM   1266 N N   . HIS A 1 147 ? 5.226   15.542  -11.526 1.00 24.77 ? 153 HIS B N   1 
ATOM   1267 C CA  . HIS A 1 147 ? 5.130   16.825  -10.776 1.00 30.64 ? 153 HIS B CA  1 
ATOM   1268 C C   . HIS A 1 147 ? 4.001   16.740  -9.740  1.00 28.65 ? 153 HIS B C   1 
ATOM   1269 O O   . HIS A 1 147 ? 3.413   17.781  -9.403  1.00 28.62 ? 153 HIS B O   1 
ATOM   1270 C CB  . HIS A 1 147 ? 4.857   18.029  -11.703 1.00 36.49 ? 153 HIS B CB  1 
ATOM   1271 C CG  . HIS A 1 147 ? 5.684   18.151  -12.947 1.00 44.24 ? 153 HIS B CG  1 
ATOM   1272 N ND1 . HIS A 1 147 ? 7.041   18.438  -12.927 1.00 54.02 ? 153 HIS B ND1 1 
ATOM   1273 C CD2 . HIS A 1 147 ? 5.324   18.116  -14.252 1.00 50.92 ? 153 HIS B CD2 1 
ATOM   1274 C CE1 . HIS A 1 147 ? 7.494   18.515  -14.167 1.00 56.10 ? 153 HIS B CE1 1 
ATOM   1275 N NE2 . HIS A 1 147 ? 6.455   18.332  -15.001 1.00 54.32 ? 153 HIS B NE2 1 
ATOM   1276 N N   . GLY A 1 148 ? 3.685   15.555  -9.221  1.00 23.04 ? 154 GLY B N   1 
ATOM   1277 C CA  . GLY A 1 148 ? 2.752   15.490  -8.076  1.00 19.91 ? 154 GLY B CA  1 
ATOM   1278 C C   . GLY A 1 148 ? 1.300   15.489  -8.509  1.00 18.21 ? 154 GLY B C   1 
ATOM   1279 O O   . GLY A 1 148 ? 0.453   15.871  -7.704  1.00 18.44 ? 154 GLY B O   1 
ATOM   1280 N N   . SER A 1 149 ? 1.028   15.193  -9.768  1.00 17.95 ? 155 SER B N   1 
ATOM   1281 C CA  . SER A 1 149 ? -0.343  15.250  -10.324 1.00 16.02 ? 155 SER B CA  1 
ATOM   1282 C C   . SER A 1 149 ? -1.278  14.305  -9.557  1.00 17.33 ? 155 SER B C   1 
ATOM   1283 O O   . SER A 1 149 ? -0.847  13.189  -9.166  1.00 16.73 ? 155 SER B O   1 
ATOM   1284 C CB  . SER A 1 149 ? -0.409  14.976  -11.791 1.00 18.95 ? 155 SER B CB  1 
ATOM   1285 O OG  . SER A 1 149 ? 0.174   13.736  -12.196 1.00 19.12 ? 155 SER B OG  1 
ATOM   1286 N N   . LEU A 1 150 ? -2.529  14.683  -9.394  1.00 16.15 ? 156 LEU B N   1 
ATOM   1287 C CA  . LEU A 1 150 ? -3.482  13.796  -8.680  1.00 14.91 ? 156 LEU B CA  1 
ATOM   1288 C C   . LEU A 1 150 ? -3.787  12.559  -9.503  1.00 14.15 ? 156 LEU B C   1 
ATOM   1289 O O   . LEU A 1 150 ? -4.108  12.638  -10.722 1.00 15.36 ? 156 LEU B O   1 
ATOM   1290 C CB  . LEU A 1 150 ? -4.779  14.556  -8.395  1.00 15.16 ? 156 LEU B CB  1 
ATOM   1291 C CG  . LEU A 1 150 ? -5.885  13.803  -7.667  1.00 15.08 ? 156 LEU B CG  1 
ATOM   1292 C CD1 . LEU A 1 150 ? -5.505  13.465  -6.229  1.00 15.53 ? 156 LEU B CD1 1 
ATOM   1293 C CD2 . LEU A 1 150 ? -7.170  14.674  -7.682  1.00 16.52 ? 156 LEU B CD2 1 
ATOM   1294 N N   . ILE A 1 151 ? -3.753  11.404  -8.840  1.00 12.68 ? 157 ILE B N   1 
ATOM   1295 C CA  . ILE A 1 151 ? -4.185  10.118  -9.407  1.00 14.02 ? 157 ILE B CA  1 
ATOM   1296 C C   . ILE A 1 151 ? -5.635  9.827   -9.008  1.00 13.36 ? 157 ILE B C   1 
ATOM   1297 O O   . ILE A 1 151 ? -6.445  9.414   -9.867  1.00 12.78 ? 157 ILE B O   1 
ATOM   1298 C CB  . ILE A 1 151 ? -3.220  8.987   -9.000  1.00 13.75 ? 157 ILE B CB  1 
ATOM   1299 C CG1 . ILE A 1 151 ? -1.834  9.181   -9.581  1.00 14.41 ? 157 ILE B CG1 1 
ATOM   1300 C CG2 . ILE A 1 151 ? -3.778  7.635   -9.416  1.00 14.07 ? 157 ILE B CG2 1 
ATOM   1301 C CD1 . ILE A 1 151 ? -0.790  8.265   -8.969  1.00 15.94 ? 157 ILE B CD1 1 
ATOM   1302 N N   . TYR A 1 152 ? -5.937  9.859   -7.708  1.00 12.37 ? 158 TYR B N   1 
ATOM   1303 C CA  . TYR A 1 152 ? -7.277  9.462   -7.219  1.00 11.16 ? 158 TYR B CA  1 
ATOM   1304 C C   . TYR A 1 152 ? -7.474  9.972   -5.791  1.00 11.59 ? 158 TYR B C   1 
ATOM   1305 O O   . TYR A 1 152 ? -6.498  9.990   -5.025  1.00 12.30 ? 158 TYR B O   1 
ATOM   1306 C CB  . TYR A 1 152 ? -7.423  7.923   -7.179  1.00 12.25 ? 158 TYR B CB  1 
ATOM   1307 C CG  . TYR A 1 152 ? -8.830  7.465   -6.954  1.00 11.82 ? 158 TYR B CG  1 
ATOM   1308 C CD1 . TYR A 1 152 ? -9.744  7.405   -8.007  1.00 13.30 ? 158 TYR B CD1 1 
ATOM   1309 C CD2 . TYR A 1 152 ? -9.291  7.094   -5.693  1.00 11.80 ? 158 TYR B CD2 1 
ATOM   1310 C CE1 . TYR A 1 152 ? -11.063 7.050   -7.798  1.00 13.46 ? 158 TYR B CE1 1 
ATOM   1311 C CE2 . TYR A 1 152 ? -10.618 6.730   -5.490  1.00 13.14 ? 158 TYR B CE2 1 
ATOM   1312 C CZ  . TYR A 1 152 ? -11.510 6.729   -6.529  1.00 12.77 ? 158 TYR B CZ  1 
ATOM   1313 O OH  . TYR A 1 152 ? -12.827 6.400   -6.362  1.00 15.71 ? 158 TYR B OH  1 
ATOM   1314 N N   . THR A 1 153 ? -8.722  10.320  -5.479  1.00 12.25 ? 159 THR B N   1 
ATOM   1315 C CA  . THR A 1 153 ? -9.184  10.730  -4.129  1.00 12.50 ? 159 THR B CA  1 
ATOM   1316 C C   . THR A 1 153 ? -10.381 9.897   -3.735  1.00 13.09 ? 159 THR B C   1 
ATOM   1317 O O   . THR A 1 153 ? -11.433 9.962   -4.392  1.00 14.31 ? 159 THR B O   1 
ATOM   1318 C CB  . THR A 1 153 ? -9.509  12.235  -4.051  1.00 13.56 ? 159 THR B CB  1 
ATOM   1319 O OG1 . THR A 1 153 ? -8.290  12.962  -4.170  1.00 13.76 ? 159 THR B OG1 1 
ATOM   1320 C CG2 . THR A 1 153 ? -10.181 12.605  -2.741  1.00 15.10 ? 159 THR B CG2 1 
ATOM   1321 N N   . PHE A 1 154 ? -10.228 9.124   -2.637  1.00 13.43 ? 160 PHE B N   1 
ATOM   1322 C CA  . PHE A 1 154 ? -11.352 8.534   -1.893  1.00 12.96 ? 160 PHE B CA  1 
ATOM   1323 C C   . PHE A 1 154 ? -11.827 9.595   -0.901  1.00 13.95 ? 160 PHE B C   1 
ATOM   1324 O O   . PHE A 1 154 ? -11.039 10.059  -0.096  1.00 13.40 ? 160 PHE B O   1 
ATOM   1325 C CB  . PHE A 1 154 ? -10.932 7.325   -1.069  1.00 13.34 ? 160 PHE B CB  1 
ATOM   1326 C CG  . PHE A 1 154 ? -10.538 6.096   -1.855  1.00 11.07 ? 160 PHE B CG  1 
ATOM   1327 C CD1 . PHE A 1 154 ? -9.223  5.887   -2.267  1.00 10.68 ? 160 PHE B CD1 1 
ATOM   1328 C CD2 . PHE A 1 154 ? -11.454 5.085   -2.059  1.00 11.66 ? 160 PHE B CD2 1 
ATOM   1329 C CE1 . PHE A 1 154 ? -8.874  4.701   -2.898  1.00 12.02 ? 160 PHE B CE1 1 
ATOM   1330 C CE2 . PHE A 1 154 ? -11.103 3.911   -2.716  1.00 11.92 ? 160 PHE B CE2 1 
ATOM   1331 C CZ  . PHE A 1 154 ? -9.805  3.732   -3.126  1.00 11.55 ? 160 PHE B CZ  1 
ATOM   1332 N N   . SER A 1 155 ? -13.097 9.957   -1.013  1.00 14.67 ? 161 SER B N   1 
ATOM   1333 C CA  . SER A 1 155 ? -13.670 10.908  -0.050  1.00 17.14 ? 161 SER B CA  1 
ATOM   1334 C C   . SER A 1 155 ? -14.886 10.286  0.643   1.00 16.20 ? 161 SER B C   1 
ATOM   1335 O O   . SER A 1 155 ? -15.323 9.184   0.290   1.00 17.03 ? 161 SER B O   1 
ATOM   1336 C CB  . SER A 1 155 ? -13.971 12.192  -0.765  1.00 19.05 ? 161 SER B CB  1 
ATOM   1337 O OG  . SER A 1 155 ? -15.088 12.017  -1.597  1.00 21.35 ? 161 SER B OG  1 
ATOM   1338 N N   . GLU A 1 156 ? -15.343 10.938  1.716   1.00 18.20 ? 162 GLU B N   1 
ATOM   1339 C CA  . GLU A 1 156 ? -16.433 10.403  2.580   1.00 20.41 ? 162 GLU B CA  1 
ATOM   1340 C C   . GLU A 1 156 ? -16.022 9.022   3.129   1.00 18.70 ? 162 GLU B C   1 
ATOM   1341 O O   . GLU A 1 156 ? -16.886 8.105   3.214   1.00 20.25 ? 162 GLU B O   1 
ATOM   1342 C CB  . GLU A 1 156 ? -17.745 10.231  1.820   1.00 26.36 ? 162 GLU B CB  1 
ATOM   1343 C CG  . GLU A 1 156 ? -18.210 11.436  1.027   1.00 31.64 ? 162 GLU B CG  1 
ATOM   1344 C CD  . GLU A 1 156 ? -19.574 11.161  0.406   1.00 41.52 ? 162 GLU B CD  1 
ATOM   1345 O OE1 . GLU A 1 156 ? -19.635 10.487  -0.657  1.00 44.32 ? 162 GLU B OE1 1 
ATOM   1346 O OE2 . GLU A 1 156 ? -20.582 11.544  1.034   1.00 52.17 ? 162 GLU B OE2 1 
ATOM   1347 N N   . CYS A 1 157 ? -14.739 8.833   3.421   1.00 17.12 ? 163 CYS B N   1 
ATOM   1348 C CA  . CYS A 1 157 ? -14.245 7.508   3.870   1.00 15.34 ? 163 CYS B CA  1 
ATOM   1349 C C   . CYS A 1 157 ? -14.794 7.224   5.278   1.00 17.37 ? 163 CYS B C   1 
ATOM   1350 O O   . CYS A 1 157 ? -14.777 8.166   6.146   1.00 18.93 ? 163 CYS B O   1 
ATOM   1351 C CB  . CYS A 1 157 ? -12.729 7.421   3.951   1.00 15.03 ? 163 CYS B CB  1 
ATOM   1352 S SG  . CYS A 1 157 ? -11.919 7.573   2.331   1.00 15.86 ? 163 CYS B SG  1 
ATOM   1353 N N   . VAL A 1 158 ? -15.208 5.985   5.519   1.00 16.07 ? 164 VAL B N   1 
ATOM   1354 C CA  . VAL A 1 158 ? -15.652 5.578   6.878   1.00 18.04 ? 164 VAL B CA  1 
ATOM   1355 C C   . VAL A 1 158 ? -14.576 4.634   7.424   1.00 15.86 ? 164 VAL B C   1 
ATOM   1356 O O   . VAL A 1 158 ? -14.641 3.408   7.273   1.00 17.50 ? 164 VAL B O   1 
ATOM   1357 C CB  . VAL A 1 158 ? -17.091 5.029   6.827   1.00 20.22 ? 164 VAL B CB  1 
ATOM   1358 C CG1 . VAL A 1 158 ? -17.519 4.600   8.230   1.00 21.38 ? 164 VAL B CG1 1 
ATOM   1359 C CG2 . VAL A 1 158 ? -18.056 6.063   6.261   1.00 22.37 ? 164 VAL B CG2 1 
ATOM   1360 N N   . PHE A 1 159 ? -13.526 5.190   8.014   1.00 14.98 ? 165 PHE B N   1 
ATOM   1361 C CA  . PHE A 1 159 ? -12.335 4.420   8.443   1.00 14.74 ? 165 PHE B CA  1 
ATOM   1362 C C   . PHE A 1 159 ? -12.721 3.406   9.520   1.00 17.61 ? 165 PHE B C   1 
ATOM   1363 O O   . PHE A 1 159 ? -12.311 2.232   9.439   1.00 16.67 ? 165 PHE B O   1 
ATOM   1364 C CB  . PHE A 1 159 ? -11.207 5.333   8.874   1.00 14.96 ? 165 PHE B CB  1 
ATOM   1365 C CG  . PHE A 1 159 ? -10.675 6.238   7.790   1.00 14.05 ? 165 PHE B CG  1 
ATOM   1366 C CD1 . PHE A 1 159 ? -10.308 5.729   6.552   1.00 14.12 ? 165 PHE B CD1 1 
ATOM   1367 C CD2 . PHE A 1 159 ? -10.515 7.590   8.011   1.00 15.80 ? 165 PHE B CD2 1 
ATOM   1368 C CE1 . PHE A 1 159 ? -9.827  6.571   5.553   1.00 14.03 ? 165 PHE B CE1 1 
ATOM   1369 C CE2 . PHE A 1 159 ? -10.017 8.421   7.020   1.00 16.10 ? 165 PHE B CE2 1 
ATOM   1370 C CZ  . PHE A 1 159 ? -9.673  7.908   5.803   1.00 14.65 ? 165 PHE B CZ  1 
ATOM   1371 N N   . ALA A 1 160 ? -13.536 3.830   10.477  1.00 16.05 ? 166 ALA B N   1 
ATOM   1372 C CA  . ALA A 1 160 ? -14.119 2.941   11.510  1.00 16.19 ? 166 ALA B CA  1 
ATOM   1373 C C   . ALA A 1 160 ? -13.057 2.247   12.366  1.00 16.09 ? 166 ALA B C   1 
ATOM   1374 O O   . ALA A 1 160 ? -13.366 1.144   12.923  1.00 17.59 ? 166 ALA B O   1 
ATOM   1375 C CB  . ALA A 1 160 ? -15.061 1.962   10.904  1.00 16.07 ? 166 ALA B CB  1 
ATOM   1376 N N   . GLY A 1 161 ? -11.891 2.843   12.537  1.00 17.04 ? 167 GLY B N   1 
ATOM   1377 C CA  . GLY A 1 161 ? -10.806 2.331   13.394  1.00 17.76 ? 167 GLY B CA  1 
ATOM   1378 C C   . GLY A 1 161 ? -9.466  2.921   13.041  1.00 16.40 ? 167 GLY B C   1 
ATOM   1379 O O   . GLY A 1 161 ? -9.383  3.778   12.134  1.00 15.81 ? 167 GLY B O   1 
ATOM   1380 N N   . PRO A 1 162 ? -8.410  2.510   13.746  1.00 15.09 ? 168 PRO B N   1 
ATOM   1381 C CA  . PRO A 1 162 ? -7.052  2.938   13.436  1.00 14.76 ? 168 PRO B CA  1 
ATOM   1382 C C   . PRO A 1 162 ? -6.672  2.454   12.029  1.00 15.55 ? 168 PRO B C   1 
ATOM   1383 O O   . PRO A 1 162 ? -7.139  1.395   11.610  1.00 14.14 ? 168 PRO B O   1 
ATOM   1384 C CB  . PRO A 1 162 ? -6.151  2.315   14.499  1.00 16.03 ? 168 PRO B CB  1 
ATOM   1385 C CG  . PRO A 1 162 ? -7.123  1.837   15.572  1.00 15.72 ? 168 PRO B CG  1 
ATOM   1386 C CD  . PRO A 1 162 ? -8.448  1.598   14.904  1.00 15.27 ? 168 PRO B CD  1 
ATOM   1387 N N   . LEU A 1 163 ? -5.870  3.267   11.350  1.00 14.64 ? 169 LEU B N   1 
ATOM   1388 C CA  . LEU A 1 163 ? -5.395  2.963   9.972   1.00 14.32 ? 169 LEU B CA  1 
ATOM   1389 C C   . LEU A 1 163 ? -3.930  2.564   10.010  1.00 14.25 ? 169 LEU B C   1 
ATOM   1390 O O   . LEU A 1 163 ? -3.129  3.107   10.812  1.00 15.41 ? 169 LEU B O   1 
ATOM   1391 C CB  . LEU A 1 163 ? -5.556  4.171   9.050   1.00 14.46 ? 169 LEU B CB  1 
ATOM   1392 C CG  . LEU A 1 163 ? -6.985  4.578   8.699   1.00 14.42 ? 169 LEU B CG  1 
ATOM   1393 C CD1 . LEU A 1 163 ? -6.932  5.837   7.886   1.00 15.35 ? 169 LEU B CD1 1 
ATOM   1394 C CD2 . LEU A 1 163 ? -7.705  3.454   7.953   1.00 15.07 ? 169 LEU B CD2 1 
ATOM   1395 N N   . ARG A 1 164 ? -3.557  1.637   9.117   1.00 13.34 ? 170 ARG B N   1 
ATOM   1396 C CA  . ARG A 1 164 ? -2.150  1.260   8.919   1.00 13.34 ? 170 ARG B CA  1 
ATOM   1397 C C   . ARG A 1 164 ? -1.780  1.421   7.442   1.00 11.87 ? 170 ARG B C   1 
ATOM   1398 O O   . ARG A 1 164 ? -2.603  1.095   6.572   1.00 13.06 ? 170 ARG B O   1 
ATOM   1399 C CB  . ARG A 1 164 ? -1.919  -0.178  9.389   1.00 13.97 ? 170 ARG B CB  1 
ATOM   1400 C CG  . ARG A 1 164 ? -2.148  -0.260  10.901  1.00 16.23 ? 170 ARG B CG  1 
ATOM   1401 C CD  . ARG A 1 164 ? -1.935  -1.617  11.498  1.00 19.04 ? 170 ARG B CD  1 
ATOM   1402 N NE  . ARG A 1 164 ? -0.532  -1.921  11.440  1.00 17.75 ? 170 ARG B NE  1 
ATOM   1403 C CZ  . ARG A 1 164 ? 0.001   -3.046  11.891  1.00 19.10 ? 170 ARG B CZ  1 
ATOM   1404 N NH1 . ARG A 1 164 ? -0.760  -3.897  12.542  1.00 19.63 ? 170 ARG B NH1 1 
ATOM   1405 N NH2 . ARG A 1 164 ? 1.300   -3.248  11.778  1.00 17.52 ? 170 ARG B NH2 1 
ATOM   1406 N N   . PRO A 1 165 ? -0.529  1.828   7.146   1.00 12.73 ? 171 PRO B N   1 
ATOM   1407 C CA  . PRO A 1 165 ? -0.052  1.799   5.748   1.00 12.70 ? 171 PRO B CA  1 
ATOM   1408 C C   . PRO A 1 165 ? -0.139  0.353   5.233   1.00 12.27 ? 171 PRO B C   1 
ATOM   1409 O O   . PRO A 1 165 ? 0.123   -0.586  5.974   1.00 12.29 ? 171 PRO B O   1 
ATOM   1410 C CB  . PRO A 1 165 ? 1.393   2.270   5.810   1.00 12.83 ? 171 PRO B CB  1 
ATOM   1411 C CG  . PRO A 1 165 ? 1.445   3.099   7.106   1.00 14.42 ? 171 PRO B CG  1 
ATOM   1412 C CD  . PRO A 1 165 ? 0.513   2.363   8.048   1.00 13.94 ? 171 PRO B CD  1 
ATOM   1413 N N   . PHE A 1 166 ? -0.553  0.180   3.982   1.00 11.42 ? 172 PHE B N   1 
ATOM   1414 C CA  . PHE A 1 166 ? -0.813  -1.135  3.357   1.00 12.05 ? 172 PHE B CA  1 
ATOM   1415 C C   . PHE A 1 166 ? 0.030   -1.259  2.077   1.00 11.00 ? 172 PHE B C   1 
ATOM   1416 O O   . PHE A 1 166 ? 0.093   -0.309  1.248   1.00 11.51 ? 172 PHE B O   1 
ATOM   1417 C CB  . PHE A 1 166 ? -2.291  -1.262  3.024   1.00 12.27 ? 172 PHE B CB  1 
ATOM   1418 C CG  . PHE A 1 166 ? -2.618  -2.504  2.229   1.00 12.66 ? 172 PHE B CG  1 
ATOM   1419 C CD1 . PHE A 1 166 ? -2.696  -3.729  2.878   1.00 13.44 ? 172 PHE B CD1 1 
ATOM   1420 C CD2 . PHE A 1 166 ? -2.748  -2.478  0.840   1.00 12.70 ? 172 PHE B CD2 1 
ATOM   1421 C CE1 . PHE A 1 166 ? -2.964  -4.893  2.154   1.00 14.06 ? 172 PHE B CE1 1 
ATOM   1422 C CE2 . PHE A 1 166 ? -3.012  -3.647  0.135   1.00 12.38 ? 172 PHE B CE2 1 
ATOM   1423 C CZ  . PHE A 1 166 ? -3.113  -4.834  0.798   1.00 13.57 ? 172 PHE B CZ  1 
ATOM   1424 N N   . PHE A 1 167 ? 0.606   -2.442  1.846   1.00 11.19 ? 173 PHE B N   1 
ATOM   1425 C CA  . PHE A 1 167 ? 1.504   -2.730  0.708   1.00 11.70 ? 173 PHE B CA  1 
ATOM   1426 C C   . PHE A 1 167 ? 1.209   -4.133  0.178   1.00 12.06 ? 173 PHE B C   1 
ATOM   1427 O O   . PHE A 1 167 ? 1.070   -5.080  0.987   1.00 12.49 ? 173 PHE B O   1 
ATOM   1428 C CB  . PHE A 1 167 ? 2.980   -2.666  1.129   1.00 11.92 ? 173 PHE B CB  1 
ATOM   1429 C CG  . PHE A 1 167 ? 3.366   -1.395  1.851   1.00 11.79 ? 173 PHE B CG  1 
ATOM   1430 C CD1 . PHE A 1 167 ? 3.183   -1.270  3.221   1.00 11.51 ? 173 PHE B CD1 1 
ATOM   1431 C CD2 . PHE A 1 167 ? 3.908   -0.329  1.145   1.00 12.84 ? 173 PHE B CD2 1 
ATOM   1432 C CE1 . PHE A 1 167 ? 3.461   -0.067  3.887   1.00 11.80 ? 173 PHE B CE1 1 
ATOM   1433 C CE2 . PHE A 1 167 ? 4.240   0.832   1.824   1.00 13.47 ? 173 PHE B CE2 1 
ATOM   1434 C CZ  . PHE A 1 167 ? 4.038   0.947   3.185   1.00 12.55 ? 173 PHE B CZ  1 
ATOM   1435 N N   . ASN A 1 168 ? 1.294   -4.295  -1.128  1.00 11.68 ? 174 ASN B N   1 
ATOM   1436 C CA  . ASN A 1 168 ? 1.315   -5.613  -1.791  1.00 11.19 ? 174 ASN B CA  1 
ATOM   1437 C C   . ASN A 1 168 ? 2.384   -5.537  -2.872  1.00 11.87 ? 174 ASN B C   1 
ATOM   1438 O O   . ASN A 1 168 ? 2.216   -4.736  -3.810  1.00 12.50 ? 174 ASN B O   1 
ATOM   1439 C CB  . ASN A 1 168 ? -0.049  -5.977  -2.393  1.00 11.46 ? 174 ASN B CB  1 
ATOM   1440 C CG  . ASN A 1 168 ? -0.118  -7.380  -2.950  1.00 13.61 ? 174 ASN B CG  1 
ATOM   1441 O OD1 . ASN A 1 168 ? 0.870   -8.075  -2.993  1.00 14.40 ? 174 ASN B OD1 1 
ATOM   1442 N ND2 . ASN A 1 168 ? -1.309  -7.794  -3.332  1.00 14.80 ? 174 ASN B ND2 1 
ATOM   1443 N N   . VAL A 1 169 ? 3.428   -6.373  -2.769  1.00 11.35 ? 175 VAL B N   1 
ATOM   1444 C CA  . VAL A 1 169 ? 4.513   -6.377  -3.783  1.00 11.94 ? 175 VAL B CA  1 
ATOM   1445 C C   . VAL A 1 169 ? 4.069   -7.102  -5.061  1.00 13.27 ? 175 VAL B C   1 
ATOM   1446 O O   . VAL A 1 169 ? 4.799   -7.026  -6.058  1.00 13.36 ? 175 VAL B O   1 
ATOM   1447 C CB  . VAL A 1 169 ? 5.851   -6.932  -3.259  1.00 13.56 ? 175 VAL B CB  1 
ATOM   1448 C CG1 . VAL A 1 169 ? 6.365   -6.095  -2.115  1.00 14.05 ? 175 VAL B CG1 1 
ATOM   1449 C CG2 . VAL A 1 169 ? 5.713   -8.395  -2.855  1.00 13.77 ? 175 VAL B CG2 1 
ATOM   1450 N N   . GLY A 1 170 ? 2.965   -7.844  -4.989  1.00 13.66 ? 176 GLY B N   1 
ATOM   1451 C CA  . GLY A 1 170 ? 2.482   -8.673  -6.106  1.00 14.32 ? 176 GLY B CA  1 
ATOM   1452 C C   . GLY A 1 170 ? 3.258   -9.958  -6.278  1.00 13.38 ? 176 GLY B C   1 
ATOM   1453 O O   . GLY A 1 170 ? 4.359   -10.138 -5.725  1.00 13.31 ? 176 GLY B O   1 
ATOM   1454 N N   . PHE A 1 171 ? 2.659   -10.890 -7.022  1.00 14.32 ? 177 PHE B N   1 
ATOM   1455 C CA  . PHE A 1 171 ? 3.309   -12.176 -7.367  1.00 14.69 ? 177 PHE B CA  1 
ATOM   1456 C C   . PHE A 1 171 ? 4.366   -11.912 -8.425  1.00 13.84 ? 177 PHE B C   1 
ATOM   1457 O O   . PHE A 1 171 ? 4.405   -10.833 -9.034  1.00 13.68 ? 177 PHE B O   1 
ATOM   1458 C CB  . PHE A 1 171 ? 2.298   -13.222 -7.823  1.00 15.51 ? 177 PHE B CB  1 
ATOM   1459 C CG  . PHE A 1 171 ? 1.408   -13.720 -6.710  1.00 16.51 ? 177 PHE B CG  1 
ATOM   1460 C CD1 . PHE A 1 171 ? 1.885   -14.627 -5.789  1.00 18.68 ? 177 PHE B CD1 1 
ATOM   1461 C CD2 . PHE A 1 171 ? 0.108   -13.273 -6.582  1.00 17.44 ? 177 PHE B CD2 1 
ATOM   1462 C CE1 . PHE A 1 171 ? 1.069   -15.088 -4.754  1.00 19.64 ? 177 PHE B CE1 1 
ATOM   1463 C CE2 . PHE A 1 171 ? -0.696  -13.743 -5.555  1.00 18.53 ? 177 PHE B CE2 1 
ATOM   1464 C CZ  . PHE A 1 171 ? -0.225  -14.662 -4.670  1.00 18.74 ? 177 PHE B CZ  1 
ATOM   1465 N N   . ASN A 1 172 ? 5.191   -12.911 -8.678  1.00 13.63 ? 178 ASN B N   1 
ATOM   1466 C CA  . ASN A 1 172 ? 6.240   -12.784 -9.718  1.00 12.43 ? 178 ASN B CA  1 
ATOM   1467 C C   . ASN A 1 172 ? 6.186   -14.060 -10.569 1.00 13.12 ? 178 ASN B C   1 
ATOM   1468 O O   . ASN A 1 172 ? 7.245   -14.712 -10.766 1.00 15.45 ? 178 ASN B O   1 
ATOM   1469 C CB  . ASN A 1 172 ? 7.605   -12.529 -9.094  1.00 13.67 ? 178 ASN B CB  1 
ATOM   1470 C CG  . ASN A 1 172 ? 8.679   -12.292 -10.125 1.00 13.57 ? 178 ASN B CG  1 
ATOM   1471 O OD1 . ASN A 1 172 ? 8.415   -11.779 -11.203 1.00 14.13 ? 178 ASN B OD1 1 
ATOM   1472 N ND2 . ASN A 1 172 ? 9.923   -12.640 -9.787  1.00 15.85 ? 178 ASN B ND2 1 
ATOM   1473 N N   . TYR A 1 173 ? 5.035   -14.391 -11.102 1.00 13.77 ? 179 TYR B N   1 
ATOM   1474 C CA  . TYR A 1 173 ? 4.914   -15.552 -12.029 1.00 13.67 ? 179 TYR B CA  1 
ATOM   1475 C C   . TYR A 1 173 ? 5.719   -15.274 -13.312 1.00 14.89 ? 179 TYR B C   1 
ATOM   1476 O O   . TYR A 1 173 ? 6.169   -16.246 -13.993 1.00 16.17 ? 179 TYR B O   1 
ATOM   1477 C CB  . TYR A 1 173 ? 3.440   -15.795 -12.373 1.00 13.98 ? 179 TYR B CB  1 
ATOM   1478 C CG  . TYR A 1 173 ? 2.591   -16.239 -11.211 1.00 16.75 ? 179 TYR B CG  1 
ATOM   1479 C CD1 . TYR A 1 173 ? 2.730   -17.516 -10.704 1.00 22.17 ? 179 TYR B CD1 1 
ATOM   1480 C CD2 . TYR A 1 173 ? 1.625   -15.399 -10.682 1.00 19.40 ? 179 TYR B CD2 1 
ATOM   1481 C CE1 . TYR A 1 173 ? 1.994   -17.947 -9.609  1.00 22.25 ? 179 TYR B CE1 1 
ATOM   1482 C CE2 . TYR A 1 173 ? 0.861   -15.821 -9.597  1.00 21.67 ? 179 TYR B CE2 1 
ATOM   1483 C CZ  . TYR A 1 173 ? 1.038   -17.092 -9.084  1.00 22.56 ? 179 TYR B CZ  1 
ATOM   1484 O OH  . TYR A 1 173 ? 0.269   -17.517 -8.035  1.00 29.24 ? 179 TYR B OH  1 
ATOM   1485 N N   . SER A 1 174 ? 5.796   -14.020 -13.756 1.00 14.41 ? 180 SER B N   1 
ATOM   1486 C CA  . SER A 1 174 ? 6.335   -13.619 -15.086 1.00 15.25 ? 180 SER B CA  1 
ATOM   1487 C C   . SER A 1 174 ? 7.868   -13.556 -15.032 1.00 15.86 ? 180 SER B C   1 
ATOM   1488 O O   . SER A 1 174 ? 8.490   -13.454 -16.103 1.00 16.92 ? 180 SER B O   1 
ATOM   1489 C CB  . SER A 1 174 ? 5.840   -12.269 -15.508 1.00 15.71 ? 180 SER B CB  1 
ATOM   1490 O OG  . SER A 1 174 ? 6.289   -11.267 -14.583 1.00 16.75 ? 180 SER B OG  1 
ATOM   1491 N N   . GLY A 1 175 ? 8.457   -13.421 -13.851 1.00 14.85 ? 181 GLY B N   1 
ATOM   1492 C CA  . GLY A 1 175 ? 9.888   -13.107 -13.747 1.00 14.40 ? 181 GLY B CA  1 
ATOM   1493 C C   . GLY A 1 175 ? 10.184  -11.639 -14.011 1.00 15.73 ? 181 GLY B C   1 
ATOM   1494 O O   . GLY A 1 175 ? 11.367  -11.259 -13.966 1.00 18.83 ? 181 GLY B O   1 
ATOM   1495 N N   . GLY A 1 176 ? 9.160   -10.809 -14.240 1.00 14.97 ? 182 GLY B N   1 
ATOM   1496 C CA  . GLY A 1 176 ? 9.356   -9.376  -14.466 1.00 14.99 ? 182 GLY B CA  1 
ATOM   1497 C C   . GLY A 1 176 ? 8.909   -8.509  -13.283 1.00 15.20 ? 182 GLY B C   1 
ATOM   1498 O O   . GLY A 1 176 ? 8.916   -7.268  -13.460 1.00 15.99 ? 182 GLY B O   1 
ATOM   1499 N N   . ASN A 1 177 ? 8.524   -9.104  -12.144 1.00 12.34 ? 183 ASN B N   1 
ATOM   1500 C CA  . ASN A 1 177 ? 8.000   -8.320  -11.005 1.00 13.28 ? 183 ASN B CA  1 
ATOM   1501 C C   . ASN A 1 177 ? 8.797   -8.551  -9.709  1.00 13.37 ? 183 ASN B C   1 
ATOM   1502 O O   . ASN A 1 177 ? 8.227   -8.399  -8.621  1.00 14.70 ? 183 ASN B O   1 
ATOM   1503 C CB  . ASN A 1 177 ? 6.516   -8.593  -10.794 1.00 12.56 ? 183 ASN B CB  1 
ATOM   1504 C CG  . ASN A 1 177 ? 5.871   -7.544  -9.910  1.00 13.80 ? 183 ASN B CG  1 
ATOM   1505 O OD1 . ASN A 1 177 ? 6.174   -6.370  -10.055 1.00 13.11 ? 183 ASN B OD1 1 
ATOM   1506 N ND2 . ASN A 1 177 ? 4.952   -7.990  -9.067  1.00 13.22 ? 183 ASN B ND2 1 
ATOM   1507 N N   . ALA A 1 178 ? 10.096  -8.832  -9.806  1.00 13.66 ? 184 ALA B N   1 
ATOM   1508 C CA  . ALA A 1 178 ? 10.908  -9.088  -8.596  1.00 14.41 ? 184 ALA B CA  1 
ATOM   1509 C C   . ALA A 1 178 ? 11.249  -7.800  -7.844  1.00 14.59 ? 184 ALA B C   1 
ATOM   1510 O O   . ALA A 1 178 ? 11.636  -7.900  -6.678  1.00 15.08 ? 184 ALA B O   1 
ATOM   1511 C CB  . ALA A 1 178 ? 12.198  -9.807  -8.979  1.00 14.49 ? 184 ALA B CB  1 
ATOM   1512 N N   . ALA A 1 179 ? 11.155  -6.635  -8.487  1.00 14.49 ? 185 ALA B N   1 
ATOM   1513 C CA  . ALA A 1 179 ? 11.659  -5.389  -7.867  1.00 14.08 ? 185 ALA B CA  1 
ATOM   1514 C C   . ALA A 1 179 ? 10.907  -5.081  -6.574  1.00 14.50 ? 185 ALA B C   1 
ATOM   1515 O O   . ALA A 1 179 ? 9.731   -5.431  -6.420  1.00 13.70 ? 185 ALA B O   1 
ATOM   1516 C CB  . ALA A 1 179 ? 11.544  -4.242  -8.821  1.00 14.45 ? 185 ALA B CB  1 
ATOM   1517 N N   . PRO A 1 180 ? 11.589  -4.442  -5.601  1.00 14.31 ? 186 PRO B N   1 
ATOM   1518 C CA  . PRO A 1 180 ? 10.983  -4.120  -4.306  1.00 13.36 ? 186 PRO B CA  1 
ATOM   1519 C C   . PRO A 1 180 ? 10.029  -2.910  -4.359  1.00 13.36 ? 186 PRO B C   1 
ATOM   1520 O O   . PRO A 1 180 ? 10.088  -2.122  -5.303  1.00 14.29 ? 186 PRO B O   1 
ATOM   1521 C CB  . PRO A 1 180 ? 12.203  -3.756  -3.453  1.00 14.94 ? 186 PRO B CB  1 
ATOM   1522 C CG  . PRO A 1 180 ? 13.172  -3.148  -4.423  1.00 16.77 ? 186 PRO B CG  1 
ATOM   1523 C CD  . PRO A 1 180 ? 12.992  -3.998  -5.668  1.00 16.24 ? 186 PRO B CD  1 
ATOM   1524 N N   . LEU A 1 181 ? 9.173   -2.813  -3.343  1.00 13.00 ? 187 LEU B N   1 
ATOM   1525 C CA  . LEU A 1 181 ? 8.578   -1.542  -2.905  1.00 12.95 ? 187 LEU B CA  1 
ATOM   1526 C C   . LEU A 1 181 ? 9.577   -0.895  -1.945  1.00 13.90 ? 187 LEU B C   1 
ATOM   1527 O O   . LEU A 1 181 ? 10.075  -1.606  -1.020  1.00 14.68 ? 187 LEU B O   1 
ATOM   1528 C CB  . LEU A 1 181 ? 7.218   -1.796  -2.272  1.00 14.09 ? 187 LEU B CB  1 
ATOM   1529 C CG  . LEU A 1 181 ? 6.107   -2.304  -3.196  1.00 14.07 ? 187 LEU B CG  1 
ATOM   1530 C CD1 . LEU A 1 181 ? 4.842   -2.616  -2.399  1.00 15.01 ? 187 LEU B CD1 1 
ATOM   1531 C CD2 . LEU A 1 181 ? 5.797   -1.294  -4.300  1.00 15.62 ? 187 LEU B CD2 1 
ATOM   1532 N N   . LYS A 1 182 ? 9.810   0.405   -2.071  1.00 13.99 ? 188 LYS B N   1 
ATOM   1533 C CA  . LYS A 1 182 ? 10.730  1.107   -1.145  1.00 14.21 ? 188 LYS B CA  1 
ATOM   1534 C C   . LYS A 1 182 ? 10.055  2.345   -0.602  1.00 14.91 ? 188 LYS B C   1 
ATOM   1535 O O   . LYS A 1 182 ? 9.584   3.151   -1.423  1.00 15.51 ? 188 LYS B O   1 
ATOM   1536 C CB  . LYS A 1 182 ? 12.026  1.504   -1.842  1.00 17.22 ? 188 LYS B CB  1 
ATOM   1537 C CG  . LYS A 1 182 ? 12.745  0.428   -2.607  1.00 19.65 ? 188 LYS B CG  1 
ATOM   1538 C CD  . LYS A 1 182 ? 14.079  0.956   -3.150  1.00 23.49 ? 188 LYS B CD  1 
ATOM   1539 C CE  . LYS A 1 182 ? 14.857  -0.060  -3.951  1.00 29.98 ? 188 LYS B CE  1 
ATOM   1540 N NZ  . LYS A 1 182 ? 16.011  0.569   -4.648  1.00 35.60 ? 188 LYS B NZ  1 
ATOM   1541 N N   . LEU A 1 183 ? 10.136  2.549   0.692   1.00 15.51 ? 189 LEU B N   1 
ATOM   1542 C CA  . LEU A 1 183 ? 9.706   3.845   1.299   1.00 15.82 ? 189 LEU B CA  1 
ATOM   1543 C C   . LEU A 1 183 ? 10.789  4.886   1.016   1.00 17.43 ? 189 LEU B C   1 
ATOM   1544 O O   . LEU A 1 183 ? 11.942  4.677   1.431   1.00 21.07 ? 189 LEU B O   1 
ATOM   1545 C CB  . LEU A 1 183 ? 9.417   3.608   2.777   1.00 16.88 ? 189 LEU B CB  1 
ATOM   1546 C CG  . LEU A 1 183 ? 8.080   2.887   2.965   1.00 17.12 ? 189 LEU B CG  1 
ATOM   1547 C CD1 . LEU A 1 183 ? 8.007   2.025   4.213   1.00 22.17 ? 189 LEU B CD1 1 
ATOM   1548 C CD2 . LEU A 1 183 ? 6.915   3.883   2.854   1.00 15.09 ? 189 LEU B CD2 1 
ATOM   1549 N N   . CYS A 1 184 ? 10.427  5.948   0.309   1.00 18.31 ? 190 CYS B N   1 
ATOM   1550 C CA  . CYS A 1 184 ? 11.377  7.025   -0.106  1.00 20.79 ? 190 CYS B CA  1 
ATOM   1551 C C   . CYS A 1 184 ? 11.693  7.960   1.040   1.00 23.95 ? 190 CYS B C   1 
ATOM   1552 O O   . CYS A 1 184 ? 10.856  8.287   1.868   1.00 22.15 ? 190 CYS B O   1 
ATOM   1553 C CB  . CYS A 1 184 ? 10.790  7.926   -1.172  1.00 22.87 ? 190 CYS B CB  1 
ATOM   1554 S SG  . CYS A 1 184 ? 9.998   7.066   -2.537  1.00 24.56 ? 190 CYS B SG  1 
ATOM   1555 N N   . PRO A 1 185 ? 12.946  8.448   1.101   1.00 28.00 ? 191 PRO B N   1 
ATOM   1556 C CA  . PRO A 1 185 ? 13.349  9.358   2.155   1.00 31.95 ? 191 PRO B CA  1 
ATOM   1557 C C   . PRO A 1 185 ? 12.565  10.667  2.016   1.00 30.13 ? 191 PRO B C   1 
ATOM   1558 O O   . PRO A 1 185 ? 12.202  11.030  0.908   1.00 31.74 ? 191 PRO B O   1 
ATOM   1559 C CB  . PRO A 1 185 ? 14.866  9.503   1.929   1.00 32.69 ? 191 PRO B CB  1 
ATOM   1560 C CG  . PRO A 1 185 ? 15.099  9.120   0.488   1.00 33.76 ? 191 PRO B CG  1 
ATOM   1561 C CD  . PRO A 1 185 ? 14.041  8.086   0.187   1.00 31.98 ? 191 PRO B CD  1 
ATOM   1562 N N   . LEU A 1 186 ? 12.281  11.265  3.167   1.00 34.59 ? 192 LEU B N   1 
ATOM   1563 C CA  . LEU A 1 186 ? 11.726  12.627  3.380   1.00 39.49 ? 192 LEU B CA  1 
ATOM   1564 C C   . LEU A 1 186 ? 12.738  13.669  2.895   1.00 43.71 ? 192 LEU B C   1 
ATOM   1565 O O   . LEU A 1 186 ? 12.301  14.783  2.596   1.00 52.50 ? 192 LEU B O   1 
ATOM   1566 C CB  . LEU A 1 186 ? 11.458  12.796  4.882   1.00 41.68 ? 192 LEU B CB  1 
HETATM 1567 C C1  . EDO B 2 .   ? 5.107   -16.392 -7.902  1.00 32.87 ? 201 EDO B C1  1 
HETATM 1568 O O1  . EDO B 2 .   ? 5.493   -15.281 -7.123  1.00 23.34 ? 201 EDO B O1  1 
HETATM 1569 C C2  . EDO B 2 .   ? 4.376   -17.486 -7.202  1.00 38.77 ? 201 EDO B C2  1 
HETATM 1570 O O2  . EDO B 2 .   ? 5.036   -17.969 -6.038  1.00 47.05 ? 201 EDO B O2  1 
HETATM 1571 N N1  . Q4L C 3 .   ? 15.730  -5.940  -7.925  0.76 35.62 ? 202 Q4L B N1  1 
HETATM 1572 C C4  . Q4L C 3 .   ? 15.310  -7.303  -8.291  0.76 38.94 ? 202 Q4L B C4  1 
HETATM 1573 C C5  . Q4L C 3 .   ? 15.201  -8.242  -7.109  0.76 40.65 ? 202 Q4L B C5  1 
HETATM 1574 C C6  . Q4L C 3 .   ? 15.299  -4.834  -8.645  0.76 35.85 ? 202 Q4L B C6  1 
HETATM 1575 C C7  . Q4L C 3 .   ? 15.399  -3.530  -8.137  0.76 34.69 ? 202 Q4L B C7  1 
HETATM 1576 C C8  . Q4L C 3 .   ? 14.974  -2.440  -8.879  0.76 36.30 ? 202 Q4L B C8  1 
HETATM 1577 C C10 . Q4L C 3 .   ? 14.367  -3.901  -10.686 0.76 37.49 ? 202 Q4L B C10 1 
HETATM 1578 N N   . Q4L C 3 .   ? 16.412  -8.212  -6.309  0.76 41.05 ? 202 Q4L B N   1 
HETATM 1579 C C   . Q4L C 3 .   ? 18.709  -10.290 -4.583  0.76 44.19 ? 202 Q4L B C   1 
HETATM 1580 O O   . Q4L C 3 .   ? 18.138  -9.103  -5.173  0.76 44.02 ? 202 Q4L B O   1 
HETATM 1581 C C1  . Q4L C 3 .   ? 17.175  -9.315  -6.080  0.76 43.58 ? 202 Q4L B C1  1 
HETATM 1582 C C11 . Q4L C 3 .   ? 14.783  -4.993  -9.942  0.76 38.28 ? 202 Q4L B C11 1 
HETATM 1583 C C2  . Q4L C 3 .   ? 16.619  -6.875  -5.771  0.76 39.20 ? 202 Q4L B C2  1 
HETATM 1584 C C3  . Q4L C 3 .   ? 16.765  -5.851  -6.879  0.76 38.05 ? 202 Q4L B C3  1 
HETATM 1585 C C9  . Q4L C 3 .   ? 14.467  -2.656  -10.131 0.76 37.11 ? 202 Q4L B C9  1 
HETATM 1586 F F   . Q4L C 3 .   ? 14.036  -1.590  -10.858 0.76 42.86 ? 202 Q4L B F   1 
HETATM 1587 O O1  . Q4L C 3 .   ? 16.999  -10.387 -6.618  0.76 43.50 ? 202 Q4L B O1  1 
HETATM 1588 C C1  . EDO D 2 .   ? -8.595  -23.453 0.337   1.00 37.99 ? 203 EDO B C1  1 
HETATM 1589 O O1  . EDO D 2 .   ? -8.009  -22.276 0.863   1.00 29.78 ? 203 EDO B O1  1 
HETATM 1590 C C2  . EDO D 2 .   ? -9.007  -23.275 -1.066  1.00 38.74 ? 203 EDO B C2  1 
HETATM 1591 O O2  . EDO D 2 .   ? -7.921  -23.463 -1.938  1.00 47.31 ? 203 EDO B O2  1 
HETATM 1592 S S   . SO4 E 4 .   ? -15.044 -10.310 -0.935  1.00 45.29 ? 204 SO4 B S   1 
HETATM 1593 O O1  . SO4 E 4 .   ? -13.971 -10.101 0.004   1.00 27.14 ? 204 SO4 B O1  1 
HETATM 1594 O O2  . SO4 E 4 .   ? -15.820 -11.442 -0.528  1.00 48.39 ? 204 SO4 B O2  1 
HETATM 1595 O O3  . SO4 E 4 .   ? -15.877 -9.128  -0.981  1.00 47.96 ? 204 SO4 B O3  1 
HETATM 1596 O O4  . SO4 E 4 .   ? -14.511 -10.570 -2.257  1.00 47.51 ? 204 SO4 B O4  1 
HETATM 1597 O O   . HOH F 5 .   ? 7.772   -6.037  -17.621 1.00 32.98 ? 301 HOH B O   1 
HETATM 1598 O O   . HOH F 5 .   ? 11.660  -10.026 6.564   1.00 21.94 ? 302 HOH B O   1 
HETATM 1599 O O   . HOH F 5 .   ? 10.474  -13.642 -7.149  1.00 35.21 ? 303 HOH B O   1 
HETATM 1600 O O   . HOH F 5 .   ? 9.689   -19.388 -6.467  1.00 37.40 ? 304 HOH B O   1 
HETATM 1601 O O   . HOH F 5 .   ? 12.344  -10.200 -5.484  1.00 20.33 ? 305 HOH B O   1 
HETATM 1602 O O   . HOH F 5 .   ? 9.879   -5.592  -15.214 1.00 37.72 ? 306 HOH B O   1 
HETATM 1603 O O   . HOH F 5 .   ? 6.339   -18.683 -12.961 1.00 31.59 ? 307 HOH B O   1 
HETATM 1604 O O   . HOH F 5 .   ? 6.980   -9.562  -6.577  1.00 17.06 ? 308 HOH B O   1 
HETATM 1605 O O   . HOH F 5 .   ? 3.869   2.289   -12.002 1.00 16.85 ? 309 HOH B O   1 
HETATM 1606 O O   . HOH F 5 .   ? 12.659  7.726   -10.271 1.00 33.64 ? 310 HOH B O   1 
HETATM 1607 O O   . HOH F 5 .   ? 13.110  5.076   -11.051 1.00 27.27 ? 311 HOH B O   1 
HETATM 1608 O O   . HOH F 5 .   ? 1.714   -4.226  -15.640 1.00 17.94 ? 312 HOH B O   1 
HETATM 1609 O O   . HOH F 5 .   ? 1.125   -22.086 7.209   1.00 18.90 ? 313 HOH B O   1 
HETATM 1610 O O   . HOH F 5 .   ? 5.464   -20.346 8.444   1.00 24.68 ? 314 HOH B O   1 
HETATM 1611 O O   . HOH F 5 .   ? 10.622  -6.058  -11.453 1.00 18.23 ? 315 HOH B O   1 
HETATM 1612 O O   . HOH F 5 .   ? 8.284   -12.724 5.730   1.00 21.17 ? 316 HOH B O   1 
HETATM 1613 O O   . HOH F 5 .   ? 11.728  -1.002  -7.356  1.00 23.48 ? 317 HOH B O   1 
HETATM 1614 O O   . HOH F 5 .   ? 8.848   -8.082  -5.072  1.00 14.79 ? 318 HOH B O   1 
HETATM 1615 O O   . HOH F 5 .   ? 5.970   -2.057  -15.439 1.00 47.84 ? 319 HOH B O   1 
HETATM 1616 O O   . HOH F 5 .   ? 5.284   0.052   -11.303 1.00 14.47 ? 320 HOH B O   1 
HETATM 1617 O O   . HOH F 5 .   ? 8.189   -15.764 -6.140  1.00 34.10 ? 321 HOH B O   1 
HETATM 1618 O O   . HOH F 5 .   ? 14.067  -6.161  0.904   1.00 24.64 ? 322 HOH B O   1 
HETATM 1619 O O   . HOH F 5 .   ? 8.796   -12.207 10.909  1.00 27.59 ? 323 HOH B O   1 
HETATM 1620 O O   . HOH F 5 .   ? 18.466  -1.948  5.273   1.00 31.07 ? 324 HOH B O   1 
HETATM 1621 O O   . HOH F 5 .   ? 2.048   -15.999 4.986   1.00 23.97 ? 325 HOH B O   1 
HETATM 1622 O O   . HOH F 5 .   ? 12.439  -13.300 -11.250 1.00 23.09 ? 326 HOH B O   1 
HETATM 1623 O O   . HOH F 5 .   ? 14.646  -4.825  -1.158  1.00 26.99 ? 327 HOH B O   1 
HETATM 1624 O O   . HOH F 5 .   ? 14.613  -15.844 -1.821  1.00 33.76 ? 328 HOH B O   1 
HETATM 1625 O O   . HOH F 5 .   ? 0.315   -10.028 -8.820  1.00 15.81 ? 329 HOH B O   1 
HETATM 1626 O O   . HOH F 5 .   ? 18.943  -5.821  4.625   1.00 34.42 ? 330 HOH B O   1 
HETATM 1627 O O   . HOH F 5 .   ? 7.801   -3.084  13.641  1.00 37.58 ? 331 HOH B O   1 
HETATM 1628 O O   . HOH F 5 .   ? 15.826  -17.708 2.427   1.00 33.52 ? 332 HOH B O   1 
# 
